data_1FWQ
# 
_entry.id   1FWQ 
# 
_audit_conform.dict_name       mmcif_pdbx.dic 
_audit_conform.dict_version    5.392 
_audit_conform.dict_location   http://mmcif.pdb.org/dictionaries/ascii/mmcif_pdbx.dic 
# 
loop_
_database_2.database_id 
_database_2.database_code 
_database_2.pdbx_database_accession 
_database_2.pdbx_DOI 
PDB   1FWQ         pdb_00001fwq 10.2210/pdb1fwq/pdb 
RCSB  RCSB011963   ?            ?                   
WWPDB D_1000011963 ?            ?                   
# 
loop_
_pdbx_audit_revision_history.ordinal 
_pdbx_audit_revision_history.data_content_type 
_pdbx_audit_revision_history.major_revision 
_pdbx_audit_revision_history.minor_revision 
_pdbx_audit_revision_history.revision_date 
1 'Structure model' 1 0 2000-10-04 
2 'Structure model' 1 1 2007-10-16 
3 'Structure model' 1 2 2011-07-13 
4 'Structure model' 1 3 2022-02-23 
5 'Structure model' 1 4 2024-05-22 
# 
_pdbx_audit_revision_details.ordinal             1 
_pdbx_audit_revision_details.revision_ordinal    1 
_pdbx_audit_revision_details.data_content_type   'Structure model' 
_pdbx_audit_revision_details.provider            repository 
_pdbx_audit_revision_details.type                'Initial release' 
_pdbx_audit_revision_details.description         ? 
_pdbx_audit_revision_details.details             ? 
# 
loop_
_pdbx_audit_revision_group.ordinal 
_pdbx_audit_revision_group.revision_ordinal 
_pdbx_audit_revision_group.data_content_type 
_pdbx_audit_revision_group.group 
1 2 'Structure model' 'Version format compliance' 
2 3 'Structure model' 'Version format compliance' 
3 4 'Structure model' 'Data collection'           
4 4 'Structure model' 'Database references'       
5 4 'Structure model' 'Derived calculations'      
6 5 'Structure model' 'Data collection'           
# 
loop_
_pdbx_audit_revision_category.ordinal 
_pdbx_audit_revision_category.revision_ordinal 
_pdbx_audit_revision_category.data_content_type 
_pdbx_audit_revision_category.category 
1 4 'Structure model' database_2            
2 4 'Structure model' pdbx_nmr_spectrometer 
3 4 'Structure model' pdbx_struct_assembly  
4 4 'Structure model' pdbx_struct_oper_list 
5 4 'Structure model' struct_site           
6 5 'Structure model' chem_comp_atom        
7 5 'Structure model' chem_comp_bond        
# 
loop_
_pdbx_audit_revision_item.ordinal 
_pdbx_audit_revision_item.revision_ordinal 
_pdbx_audit_revision_item.data_content_type 
_pdbx_audit_revision_item.item 
1 4 'Structure model' '_database_2.pdbx_DOI'                
2 4 'Structure model' '_database_2.pdbx_database_accession' 
3 4 'Structure model' '_pdbx_nmr_spectrometer.model'        
4 4 'Structure model' '_struct_site.pdbx_auth_asym_id'      
5 4 'Structure model' '_struct_site.pdbx_auth_comp_id'      
6 4 'Structure model' '_struct_site.pdbx_auth_seq_id'       
# 
_pdbx_database_status.status_code                     REL 
_pdbx_database_status.entry_id                        1FWQ 
_pdbx_database_status.recvd_initial_deposition_date   2000-09-24 
_pdbx_database_status.deposit_site                    RCSB 
_pdbx_database_status.process_site                    RCSB 
_pdbx_database_status.SG_entry                        . 
_pdbx_database_status.pdb_format_compatible           Y 
_pdbx_database_status.status_code_mr                  ? 
_pdbx_database_status.status_code_sf                  ? 
_pdbx_database_status.status_code_cs                  ? 
_pdbx_database_status.status_code_nmr_data            ? 
_pdbx_database_status.methods_development_category    ? 
# 
loop_
_audit_author.name 
_audit_author.pdbx_ordinal 
'Yu, H.'          1 
'Schreiber, S.L.' 2 
# 
_citation.id                        primary 
_citation.title                     
'Structure of guanine-nucleotide-exchange factor human Mss4 and identification of its Rab-interacting surface.' 
_citation.journal_abbrev            Nature 
_citation.journal_volume            376 
_citation.page_first                788 
_citation.page_last                 791 
_citation.year                      1995 
_citation.journal_id_ASTM           NATUAS 
_citation.country                   UK 
_citation.journal_id_ISSN           0028-0836 
_citation.journal_id_CSD            0006 
_citation.book_publisher            ? 
_citation.pdbx_database_id_PubMed   7651540 
_citation.pdbx_database_id_DOI      10.1038/376788a0 
# 
loop_
_citation_author.citation_id 
_citation_author.name 
_citation_author.ordinal 
_citation_author.identifier_ORCID 
primary 'Yu, H.'          1 ? 
primary 'Schreiber, S.L.' 2 ? 
# 
loop_
_entity.id 
_entity.type 
_entity.src_method 
_entity.pdbx_description 
_entity.formula_weight 
_entity.pdbx_number_of_molecules 
_entity.pdbx_ec 
_entity.pdbx_mutation 
_entity.pdbx_fragment 
_entity.details 
1 polymer     man 'GUANINE NUCLEOTIDE EXCHANGE FACTOR' 13842.736 1 ? ? ? ? 
2 non-polymer syn 'ZINC ION'                           65.409    1 ? ? ? ? 
# 
_entity_poly.entity_id                      1 
_entity_poly.type                           'polypeptide(L)' 
_entity_poly.nstd_linkage                   no 
_entity_poly.nstd_monomer                   no 
_entity_poly.pdbx_seq_one_letter_code       
;MEPADEPSELVSAEGRNRKAVLCQRCGSRVLQPGTALFSRRQLFLPSMRKKPALSDGSNPDGDLLQEHWLVEDMFIFENV
GFTKDVGNIKFLVCADCEIGPIGWHCLDDKNSFYVALERVSHE
;
_entity_poly.pdbx_seq_one_letter_code_can   
;MEPADEPSELVSAEGRNRKAVLCQRCGSRVLQPGTALFSRRQLFLPSMRKKPALSDGSNPDGDLLQEHWLVEDMFIFENV
GFTKDVGNIKFLVCADCEIGPIGWHCLDDKNSFYVALERVSHE
;
_entity_poly.pdbx_strand_id                 A 
_entity_poly.pdbx_target_identifier         ? 
# 
_pdbx_entity_nonpoly.entity_id   2 
_pdbx_entity_nonpoly.name        'ZINC ION' 
_pdbx_entity_nonpoly.comp_id     ZN 
# 
loop_
_entity_poly_seq.entity_id 
_entity_poly_seq.num 
_entity_poly_seq.mon_id 
_entity_poly_seq.hetero 
1 1   MET n 
1 2   GLU n 
1 3   PRO n 
1 4   ALA n 
1 5   ASP n 
1 6   GLU n 
1 7   PRO n 
1 8   SER n 
1 9   GLU n 
1 10  LEU n 
1 11  VAL n 
1 12  SER n 
1 13  ALA n 
1 14  GLU n 
1 15  GLY n 
1 16  ARG n 
1 17  ASN n 
1 18  ARG n 
1 19  LYS n 
1 20  ALA n 
1 21  VAL n 
1 22  LEU n 
1 23  CYS n 
1 24  GLN n 
1 25  ARG n 
1 26  CYS n 
1 27  GLY n 
1 28  SER n 
1 29  ARG n 
1 30  VAL n 
1 31  LEU n 
1 32  GLN n 
1 33  PRO n 
1 34  GLY n 
1 35  THR n 
1 36  ALA n 
1 37  LEU n 
1 38  PHE n 
1 39  SER n 
1 40  ARG n 
1 41  ARG n 
1 42  GLN n 
1 43  LEU n 
1 44  PHE n 
1 45  LEU n 
1 46  PRO n 
1 47  SER n 
1 48  MET n 
1 49  ARG n 
1 50  LYS n 
1 51  LYS n 
1 52  PRO n 
1 53  ALA n 
1 54  LEU n 
1 55  SER n 
1 56  ASP n 
1 57  GLY n 
1 58  SER n 
1 59  ASN n 
1 60  PRO n 
1 61  ASP n 
1 62  GLY n 
1 63  ASP n 
1 64  LEU n 
1 65  LEU n 
1 66  GLN n 
1 67  GLU n 
1 68  HIS n 
1 69  TRP n 
1 70  LEU n 
1 71  VAL n 
1 72  GLU n 
1 73  ASP n 
1 74  MET n 
1 75  PHE n 
1 76  ILE n 
1 77  PHE n 
1 78  GLU n 
1 79  ASN n 
1 80  VAL n 
1 81  GLY n 
1 82  PHE n 
1 83  THR n 
1 84  LYS n 
1 85  ASP n 
1 86  VAL n 
1 87  GLY n 
1 88  ASN n 
1 89  ILE n 
1 90  LYS n 
1 91  PHE n 
1 92  LEU n 
1 93  VAL n 
1 94  CYS n 
1 95  ALA n 
1 96  ASP n 
1 97  CYS n 
1 98  GLU n 
1 99  ILE n 
1 100 GLY n 
1 101 PRO n 
1 102 ILE n 
1 103 GLY n 
1 104 TRP n 
1 105 HIS n 
1 106 CYS n 
1 107 LEU n 
1 108 ASP n 
1 109 ASP n 
1 110 LYS n 
1 111 ASN n 
1 112 SER n 
1 113 PHE n 
1 114 TYR n 
1 115 VAL n 
1 116 ALA n 
1 117 LEU n 
1 118 GLU n 
1 119 ARG n 
1 120 VAL n 
1 121 SER n 
1 122 HIS n 
1 123 GLU n 
# 
_entity_src_gen.entity_id                          1 
_entity_src_gen.pdbx_src_id                        1 
_entity_src_gen.pdbx_alt_source_flag               sample 
_entity_src_gen.pdbx_seq_type                      ? 
_entity_src_gen.pdbx_beg_seq_num                   ? 
_entity_src_gen.pdbx_end_seq_num                   ? 
_entity_src_gen.gene_src_common_name               human 
_entity_src_gen.gene_src_genus                     Homo 
_entity_src_gen.pdbx_gene_src_gene                 ? 
_entity_src_gen.gene_src_species                   ? 
_entity_src_gen.gene_src_strain                    ? 
_entity_src_gen.gene_src_tissue                    ? 
_entity_src_gen.gene_src_tissue_fraction           ? 
_entity_src_gen.gene_src_details                   ? 
_entity_src_gen.pdbx_gene_src_fragment             ? 
_entity_src_gen.pdbx_gene_src_scientific_name      'Homo sapiens' 
_entity_src_gen.pdbx_gene_src_ncbi_taxonomy_id     9606 
_entity_src_gen.pdbx_gene_src_variant              ? 
_entity_src_gen.pdbx_gene_src_cell_line            ? 
_entity_src_gen.pdbx_gene_src_atcc                 ? 
_entity_src_gen.pdbx_gene_src_organ                BRAIN 
_entity_src_gen.pdbx_gene_src_organelle            ? 
_entity_src_gen.pdbx_gene_src_cell                 ? 
_entity_src_gen.pdbx_gene_src_cellular_location    ? 
_entity_src_gen.host_org_common_name               ? 
_entity_src_gen.pdbx_host_org_scientific_name      'Escherichia coli' 
_entity_src_gen.pdbx_host_org_ncbi_taxonomy_id     562 
_entity_src_gen.host_org_genus                     Escherichia 
_entity_src_gen.pdbx_host_org_gene                 ? 
_entity_src_gen.pdbx_host_org_organ                ? 
_entity_src_gen.host_org_species                   ? 
_entity_src_gen.pdbx_host_org_tissue               ? 
_entity_src_gen.pdbx_host_org_tissue_fraction      ? 
_entity_src_gen.pdbx_host_org_strain               ? 
_entity_src_gen.pdbx_host_org_variant              ? 
_entity_src_gen.pdbx_host_org_cell_line            ? 
_entity_src_gen.pdbx_host_org_atcc                 ? 
_entity_src_gen.pdbx_host_org_culture_collection   ? 
_entity_src_gen.pdbx_host_org_cell                 ? 
_entity_src_gen.pdbx_host_org_organelle            ? 
_entity_src_gen.pdbx_host_org_cellular_location    ? 
_entity_src_gen.pdbx_host_org_vector_type          ? 
_entity_src_gen.pdbx_host_org_vector               ? 
_entity_src_gen.host_org_details                   ? 
_entity_src_gen.expression_system_id               ? 
_entity_src_gen.plasmid_name                       PGEX-2T 
_entity_src_gen.plasmid_details                    ? 
_entity_src_gen.pdbx_description                   ? 
# 
loop_
_chem_comp.id 
_chem_comp.type 
_chem_comp.mon_nstd_flag 
_chem_comp.name 
_chem_comp.pdbx_synonyms 
_chem_comp.formula 
_chem_comp.formula_weight 
ALA 'L-peptide linking' y ALANINE         ? 'C3 H7 N O2'     89.093  
ARG 'L-peptide linking' y ARGININE        ? 'C6 H15 N4 O2 1' 175.209 
ASN 'L-peptide linking' y ASPARAGINE      ? 'C4 H8 N2 O3'    132.118 
ASP 'L-peptide linking' y 'ASPARTIC ACID' ? 'C4 H7 N O4'     133.103 
CYS 'L-peptide linking' y CYSTEINE        ? 'C3 H7 N O2 S'   121.158 
GLN 'L-peptide linking' y GLUTAMINE       ? 'C5 H10 N2 O3'   146.144 
GLU 'L-peptide linking' y 'GLUTAMIC ACID' ? 'C5 H9 N O4'     147.129 
GLY 'peptide linking'   y GLYCINE         ? 'C2 H5 N O2'     75.067  
HIS 'L-peptide linking' y HISTIDINE       ? 'C6 H10 N3 O2 1' 156.162 
ILE 'L-peptide linking' y ISOLEUCINE      ? 'C6 H13 N O2'    131.173 
LEU 'L-peptide linking' y LEUCINE         ? 'C6 H13 N O2'    131.173 
LYS 'L-peptide linking' y LYSINE          ? 'C6 H15 N2 O2 1' 147.195 
MET 'L-peptide linking' y METHIONINE      ? 'C5 H11 N O2 S'  149.211 
PHE 'L-peptide linking' y PHENYLALANINE   ? 'C9 H11 N O2'    165.189 
PRO 'L-peptide linking' y PROLINE         ? 'C5 H9 N O2'     115.130 
SER 'L-peptide linking' y SERINE          ? 'C3 H7 N O3'     105.093 
THR 'L-peptide linking' y THREONINE       ? 'C4 H9 N O3'     119.119 
TRP 'L-peptide linking' y TRYPTOPHAN      ? 'C11 H12 N2 O2'  204.225 
TYR 'L-peptide linking' y TYROSINE        ? 'C9 H11 N O3'    181.189 
VAL 'L-peptide linking' y VALINE          ? 'C5 H11 N O2'    117.146 
ZN  non-polymer         . 'ZINC ION'      ? 'Zn 2'           65.409  
# 
loop_
_pdbx_poly_seq_scheme.asym_id 
_pdbx_poly_seq_scheme.entity_id 
_pdbx_poly_seq_scheme.seq_id 
_pdbx_poly_seq_scheme.mon_id 
_pdbx_poly_seq_scheme.ndb_seq_num 
_pdbx_poly_seq_scheme.pdb_seq_num 
_pdbx_poly_seq_scheme.auth_seq_num 
_pdbx_poly_seq_scheme.pdb_mon_id 
_pdbx_poly_seq_scheme.auth_mon_id 
_pdbx_poly_seq_scheme.pdb_strand_id 
_pdbx_poly_seq_scheme.pdb_ins_code 
_pdbx_poly_seq_scheme.hetero 
A 1 1   MET 1   1   ?   ?   ?   A . n 
A 1 2   GLU 2   2   ?   ?   ?   A . n 
A 1 3   PRO 3   3   ?   ?   ?   A . n 
A 1 4   ALA 4   4   ?   ?   ?   A . n 
A 1 5   ASP 5   5   ?   ?   ?   A . n 
A 1 6   GLU 6   6   ?   ?   ?   A . n 
A 1 7   PRO 7   7   ?   ?   ?   A . n 
A 1 8   SER 8   8   ?   ?   ?   A . n 
A 1 9   GLU 9   9   9   GLU GLU A . n 
A 1 10  LEU 10  10  10  LEU LEU A . n 
A 1 11  VAL 11  11  11  VAL VAL A . n 
A 1 12  SER 12  12  12  SER SER A . n 
A 1 13  ALA 13  13  13  ALA ALA A . n 
A 1 14  GLU 14  14  14  GLU GLU A . n 
A 1 15  GLY 15  15  15  GLY GLY A . n 
A 1 16  ARG 16  16  16  ARG ARG A . n 
A 1 17  ASN 17  17  17  ASN ASN A . n 
A 1 18  ARG 18  18  18  ARG ARG A . n 
A 1 19  LYS 19  19  19  LYS LYS A . n 
A 1 20  ALA 20  20  20  ALA ALA A . n 
A 1 21  VAL 21  21  21  VAL VAL A . n 
A 1 22  LEU 22  22  22  LEU LEU A . n 
A 1 23  CYS 23  23  23  CYS CYS A . n 
A 1 24  GLN 24  24  24  GLN GLN A . n 
A 1 25  ARG 25  25  25  ARG ARG A . n 
A 1 26  CYS 26  26  26  CYS CYS A . n 
A 1 27  GLY 27  27  27  GLY GLY A . n 
A 1 28  SER 28  28  28  SER SER A . n 
A 1 29  ARG 29  29  29  ARG ARG A . n 
A 1 30  VAL 30  30  30  VAL VAL A . n 
A 1 31  LEU 31  31  31  LEU LEU A . n 
A 1 32  GLN 32  32  32  GLN GLN A . n 
A 1 33  PRO 33  33  33  PRO PRO A . n 
A 1 34  GLY 34  34  34  GLY GLY A . n 
A 1 35  THR 35  35  35  THR THR A . n 
A 1 36  ALA 36  36  36  ALA ALA A . n 
A 1 37  LEU 37  37  37  LEU LEU A . n 
A 1 38  PHE 38  38  38  PHE PHE A . n 
A 1 39  SER 39  39  39  SER SER A . n 
A 1 40  ARG 40  40  40  ARG ARG A . n 
A 1 41  ARG 41  41  41  ARG ARG A . n 
A 1 42  GLN 42  42  42  GLN GLN A . n 
A 1 43  LEU 43  43  43  LEU LEU A . n 
A 1 44  PHE 44  44  44  PHE PHE A . n 
A 1 45  LEU 45  45  45  LEU LEU A . n 
A 1 46  PRO 46  46  46  PRO PRO A . n 
A 1 47  SER 47  47  47  SER SER A . n 
A 1 48  MET 48  48  48  MET MET A . n 
A 1 49  ARG 49  49  49  ARG ARG A . n 
A 1 50  LYS 50  50  50  LYS LYS A . n 
A 1 51  LYS 51  51  51  LYS LYS A . n 
A 1 52  PRO 52  52  52  PRO PRO A . n 
A 1 53  ALA 53  53  53  ALA ALA A . n 
A 1 54  LEU 54  54  54  LEU LEU A . n 
A 1 55  SER 55  55  55  SER SER A . n 
A 1 56  ASP 56  56  56  ASP ASP A . n 
A 1 57  GLY 57  57  57  GLY GLY A . n 
A 1 58  SER 58  58  58  SER SER A . n 
A 1 59  ASN 59  59  59  ASN ASN A . n 
A 1 60  PRO 60  60  60  PRO PRO A . n 
A 1 61  ASP 61  61  61  ASP ASP A . n 
A 1 62  GLY 62  62  62  GLY GLY A . n 
A 1 63  ASP 63  63  63  ASP ASP A . n 
A 1 64  LEU 64  64  64  LEU LEU A . n 
A 1 65  LEU 65  65  65  LEU LEU A . n 
A 1 66  GLN 66  66  66  GLN GLN A . n 
A 1 67  GLU 67  67  67  GLU GLU A . n 
A 1 68  HIS 68  68  68  HIS HIS A . n 
A 1 69  TRP 69  69  69  TRP TRP A . n 
A 1 70  LEU 70  70  70  LEU LEU A . n 
A 1 71  VAL 71  71  71  VAL VAL A . n 
A 1 72  GLU 72  72  72  GLU GLU A . n 
A 1 73  ASP 73  73  73  ASP ASP A . n 
A 1 74  MET 74  74  74  MET MET A . n 
A 1 75  PHE 75  75  75  PHE PHE A . n 
A 1 76  ILE 76  76  76  ILE ILE A . n 
A 1 77  PHE 77  77  77  PHE PHE A . n 
A 1 78  GLU 78  78  78  GLU GLU A . n 
A 1 79  ASN 79  79  79  ASN ASN A . n 
A 1 80  VAL 80  80  80  VAL VAL A . n 
A 1 81  GLY 81  81  81  GLY GLY A . n 
A 1 82  PHE 82  82  82  PHE PHE A . n 
A 1 83  THR 83  83  83  THR THR A . n 
A 1 84  LYS 84  84  84  LYS LYS A . n 
A 1 85  ASP 85  85  85  ASP ASP A . n 
A 1 86  VAL 86  86  86  VAL VAL A . n 
A 1 87  GLY 87  87  87  GLY GLY A . n 
A 1 88  ASN 88  88  88  ASN ASN A . n 
A 1 89  ILE 89  89  89  ILE ILE A . n 
A 1 90  LYS 90  90  90  LYS LYS A . n 
A 1 91  PHE 91  91  91  PHE PHE A . n 
A 1 92  LEU 92  92  92  LEU LEU A . n 
A 1 93  VAL 93  93  93  VAL VAL A . n 
A 1 94  CYS 94  94  94  CYS CYS A . n 
A 1 95  ALA 95  95  95  ALA ALA A . n 
A 1 96  ASP 96  96  96  ASP ASP A . n 
A 1 97  CYS 97  97  97  CYS CYS A . n 
A 1 98  GLU 98  98  98  GLU GLU A . n 
A 1 99  ILE 99  99  99  ILE ILE A . n 
A 1 100 GLY 100 100 100 GLY GLY A . n 
A 1 101 PRO 101 101 101 PRO PRO A . n 
A 1 102 ILE 102 102 102 ILE ILE A . n 
A 1 103 GLY 103 103 103 GLY GLY A . n 
A 1 104 TRP 104 104 104 TRP TRP A . n 
A 1 105 HIS 105 105 105 HIS HIS A . n 
A 1 106 CYS 106 106 106 CYS CYS A . n 
A 1 107 LEU 107 107 107 LEU LEU A . n 
A 1 108 ASP 108 108 108 ASP ASP A . n 
A 1 109 ASP 109 109 109 ASP ASP A . n 
A 1 110 LYS 110 110 110 LYS LYS A . n 
A 1 111 ASN 111 111 111 ASN ASN A . n 
A 1 112 SER 112 112 112 SER SER A . n 
A 1 113 PHE 113 113 113 PHE PHE A . n 
A 1 114 TYR 114 114 114 TYR TYR A . n 
A 1 115 VAL 115 115 115 VAL VAL A . n 
A 1 116 ALA 116 116 116 ALA ALA A . n 
A 1 117 LEU 117 117 117 LEU LEU A . n 
A 1 118 GLU 118 118 118 GLU GLU A . n 
A 1 119 ARG 119 119 119 ARG ARG A . n 
A 1 120 VAL 120 120 120 VAL VAL A . n 
A 1 121 SER 121 121 121 SER SER A . n 
A 1 122 HIS 122 122 122 HIS HIS A . n 
A 1 123 GLU 123 123 123 GLU GLU A . n 
# 
_pdbx_nonpoly_scheme.asym_id         B 
_pdbx_nonpoly_scheme.entity_id       2 
_pdbx_nonpoly_scheme.mon_id          ZN 
_pdbx_nonpoly_scheme.ndb_seq_num     1 
_pdbx_nonpoly_scheme.pdb_seq_num     124 
_pdbx_nonpoly_scheme.auth_seq_num    1 
_pdbx_nonpoly_scheme.pdb_mon_id      ZN 
_pdbx_nonpoly_scheme.auth_mon_id     ZN 
_pdbx_nonpoly_scheme.pdb_strand_id   A 
_pdbx_nonpoly_scheme.pdb_ins_code    . 
# 
_cell.entry_id           1FWQ 
_cell.length_a           1.000 
_cell.length_b           1.000 
_cell.length_c           1.000 
_cell.angle_alpha        90.00 
_cell.angle_beta         90.00 
_cell.angle_gamma        90.00 
_cell.Z_PDB              1 
_cell.pdbx_unique_axis   ? 
# 
_symmetry.entry_id                         1FWQ 
_symmetry.space_group_name_H-M             'P 1' 
_symmetry.pdbx_full_space_group_name_H-M   ? 
_symmetry.cell_setting                     ? 
_symmetry.Int_Tables_number                1 
# 
_exptl.entry_id          1FWQ 
_exptl.method            'SOLUTION NMR' 
_exptl.crystals_number   ? 
# 
_struct.entry_id                  1FWQ 
_struct.title                     'SOLUTION STRUCTURE OF HUMAN MSS4, A GUANINE NUCLEOTIDE EXCHANGE FACTOR FOR RAB PROTEINS' 
_struct.pdbx_model_details        ? 
_struct.pdbx_CASP_flag            ? 
_struct.pdbx_model_type_details   ? 
# 
_struct_keywords.entry_id        1FWQ 
_struct_keywords.pdbx_keywords   'METAL BINDING PROTEIN' 
_struct_keywords.text            'Zinc-binding, beta structure, METAL BINDING PROTEIN' 
# 
loop_
_struct_asym.id 
_struct_asym.pdbx_blank_PDB_chainid_flag 
_struct_asym.pdbx_modified 
_struct_asym.entity_id 
_struct_asym.details 
A N N 1 ? 
B N N 2 ? 
# 
_struct_ref.id                         1 
_struct_ref.db_code                    MSS4_HUMAN 
_struct_ref.db_name                    UNP 
_struct_ref.entity_id                  1 
_struct_ref.pdbx_db_accession          P47224 
_struct_ref.pdbx_align_begin           1 
_struct_ref.pdbx_seq_one_letter_code   
;MEPADEPSELVSAEGRNRKAVLCQRCGSRVLQPGTALFSRRQLFLPSMRKKPALSDGSNPDGDLLQEHWLVEDMFIFENV
GFTKDVGNIKFLVCADCEIGPIGWHCLDDKNSFYVALERVSHE
;
_struct_ref.pdbx_db_isoform            ? 
# 
_struct_ref_seq.align_id                      1 
_struct_ref_seq.ref_id                        1 
_struct_ref_seq.pdbx_PDB_id_code              1FWQ 
_struct_ref_seq.pdbx_strand_id                A 
_struct_ref_seq.seq_align_beg                 1 
_struct_ref_seq.pdbx_seq_align_beg_ins_code   ? 
_struct_ref_seq.seq_align_end                 123 
_struct_ref_seq.pdbx_seq_align_end_ins_code   ? 
_struct_ref_seq.pdbx_db_accession             P47224 
_struct_ref_seq.db_align_beg                  1 
_struct_ref_seq.pdbx_db_align_beg_ins_code    ? 
_struct_ref_seq.db_align_end                  123 
_struct_ref_seq.pdbx_db_align_end_ins_code    ? 
_struct_ref_seq.pdbx_auth_seq_align_beg       1 
_struct_ref_seq.pdbx_auth_seq_align_end       123 
# 
_pdbx_struct_assembly.id                   1 
_pdbx_struct_assembly.details              author_defined_assembly 
_pdbx_struct_assembly.method_details       ? 
_pdbx_struct_assembly.oligomeric_details   monomeric 
_pdbx_struct_assembly.oligomeric_count     1 
# 
_pdbx_struct_assembly_gen.assembly_id       1 
_pdbx_struct_assembly_gen.oper_expression   1 
_pdbx_struct_assembly_gen.asym_id_list      A,B 
# 
_pdbx_struct_oper_list.id                   1 
_pdbx_struct_oper_list.type                 'identity operation' 
_pdbx_struct_oper_list.name                 1_555 
_pdbx_struct_oper_list.symmetry_operation   x,y,z 
_pdbx_struct_oper_list.matrix[1][1]         1.0000000000 
_pdbx_struct_oper_list.matrix[1][2]         0.0000000000 
_pdbx_struct_oper_list.matrix[1][3]         0.0000000000 
_pdbx_struct_oper_list.vector[1]            0.0000000000 
_pdbx_struct_oper_list.matrix[2][1]         0.0000000000 
_pdbx_struct_oper_list.matrix[2][2]         1.0000000000 
_pdbx_struct_oper_list.matrix[2][3]         0.0000000000 
_pdbx_struct_oper_list.vector[2]            0.0000000000 
_pdbx_struct_oper_list.matrix[3][1]         0.0000000000 
_pdbx_struct_oper_list.matrix[3][2]         0.0000000000 
_pdbx_struct_oper_list.matrix[3][3]         1.0000000000 
_pdbx_struct_oper_list.vector[3]            0.0000000000 
# 
_struct_biol.id   1 
# 
_struct_conf.conf_type_id            HELX_P 
_struct_conf.id                      HELX_P1 
_struct_conf.pdbx_PDB_helix_id       1 
_struct_conf.beg_label_comp_id       ASP 
_struct_conf.beg_label_asym_id       A 
_struct_conf.beg_label_seq_id        73 
_struct_conf.pdbx_beg_PDB_ins_code   ? 
_struct_conf.end_label_comp_id       PHE 
_struct_conf.end_label_asym_id       A 
_struct_conf.end_label_seq_id        77 
_struct_conf.pdbx_end_PDB_ins_code   ? 
_struct_conf.beg_auth_comp_id        ASP 
_struct_conf.beg_auth_asym_id        A 
_struct_conf.beg_auth_seq_id         73 
_struct_conf.end_auth_comp_id        PHE 
_struct_conf.end_auth_asym_id        A 
_struct_conf.end_auth_seq_id         77 
_struct_conf.pdbx_PDB_helix_class    5 
_struct_conf.details                 ? 
_struct_conf.pdbx_PDB_helix_length   5 
# 
_struct_conf_type.id          HELX_P 
_struct_conf_type.criteria    ? 
_struct_conf_type.reference   ? 
# 
loop_
_struct_conn.id 
_struct_conn.conn_type_id 
_struct_conn.pdbx_leaving_atom_flag 
_struct_conn.pdbx_PDB_id 
_struct_conn.ptnr1_label_asym_id 
_struct_conn.ptnr1_label_comp_id 
_struct_conn.ptnr1_label_seq_id 
_struct_conn.ptnr1_label_atom_id 
_struct_conn.pdbx_ptnr1_label_alt_id 
_struct_conn.pdbx_ptnr1_PDB_ins_code 
_struct_conn.pdbx_ptnr1_standard_comp_id 
_struct_conn.ptnr1_symmetry 
_struct_conn.ptnr2_label_asym_id 
_struct_conn.ptnr2_label_comp_id 
_struct_conn.ptnr2_label_seq_id 
_struct_conn.ptnr2_label_atom_id 
_struct_conn.pdbx_ptnr2_label_alt_id 
_struct_conn.pdbx_ptnr2_PDB_ins_code 
_struct_conn.ptnr1_auth_asym_id 
_struct_conn.ptnr1_auth_comp_id 
_struct_conn.ptnr1_auth_seq_id 
_struct_conn.ptnr2_auth_asym_id 
_struct_conn.ptnr2_auth_comp_id 
_struct_conn.ptnr2_auth_seq_id 
_struct_conn.ptnr2_symmetry 
_struct_conn.pdbx_ptnr3_label_atom_id 
_struct_conn.pdbx_ptnr3_label_seq_id 
_struct_conn.pdbx_ptnr3_label_comp_id 
_struct_conn.pdbx_ptnr3_label_asym_id 
_struct_conn.pdbx_ptnr3_label_alt_id 
_struct_conn.pdbx_ptnr3_PDB_ins_code 
_struct_conn.details 
_struct_conn.pdbx_dist_value 
_struct_conn.pdbx_value_order 
_struct_conn.pdbx_role 
metalc1 metalc ? ? A CYS 23 SG ? ? ? 1_555 B ZN . ZN ? ? A CYS 23 A ZN 124 1_555 ? ? ? ? ? ? ? 2.298 ? ? 
metalc2 metalc ? ? A CYS 26 SG ? ? ? 1_555 B ZN . ZN ? ? A CYS 26 A ZN 124 1_555 ? ? ? ? ? ? ? 2.300 ? ? 
metalc3 metalc ? ? A CYS 94 SG ? ? ? 1_555 B ZN . ZN ? ? A CYS 94 A ZN 124 1_555 ? ? ? ? ? ? ? 2.302 ? ? 
metalc4 metalc ? ? A CYS 97 SG ? ? ? 1_555 B ZN . ZN ? ? A CYS 97 A ZN 124 1_555 ? ? ? ? ? ? ? 2.301 ? ? 
# 
_struct_conn_type.id          metalc 
_struct_conn_type.criteria    ? 
_struct_conn_type.reference   ? 
# 
loop_
_pdbx_struct_conn_angle.id 
_pdbx_struct_conn_angle.ptnr1_label_atom_id 
_pdbx_struct_conn_angle.ptnr1_label_alt_id 
_pdbx_struct_conn_angle.ptnr1_label_asym_id 
_pdbx_struct_conn_angle.ptnr1_label_comp_id 
_pdbx_struct_conn_angle.ptnr1_label_seq_id 
_pdbx_struct_conn_angle.ptnr1_auth_atom_id 
_pdbx_struct_conn_angle.ptnr1_auth_asym_id 
_pdbx_struct_conn_angle.ptnr1_auth_comp_id 
_pdbx_struct_conn_angle.ptnr1_auth_seq_id 
_pdbx_struct_conn_angle.ptnr1_PDB_ins_code 
_pdbx_struct_conn_angle.ptnr1_symmetry 
_pdbx_struct_conn_angle.ptnr2_label_atom_id 
_pdbx_struct_conn_angle.ptnr2_label_alt_id 
_pdbx_struct_conn_angle.ptnr2_label_asym_id 
_pdbx_struct_conn_angle.ptnr2_label_comp_id 
_pdbx_struct_conn_angle.ptnr2_label_seq_id 
_pdbx_struct_conn_angle.ptnr2_auth_atom_id 
_pdbx_struct_conn_angle.ptnr2_auth_asym_id 
_pdbx_struct_conn_angle.ptnr2_auth_comp_id 
_pdbx_struct_conn_angle.ptnr2_auth_seq_id 
_pdbx_struct_conn_angle.ptnr2_PDB_ins_code 
_pdbx_struct_conn_angle.ptnr2_symmetry 
_pdbx_struct_conn_angle.ptnr3_label_atom_id 
_pdbx_struct_conn_angle.ptnr3_label_alt_id 
_pdbx_struct_conn_angle.ptnr3_label_asym_id 
_pdbx_struct_conn_angle.ptnr3_label_comp_id 
_pdbx_struct_conn_angle.ptnr3_label_seq_id 
_pdbx_struct_conn_angle.ptnr3_auth_atom_id 
_pdbx_struct_conn_angle.ptnr3_auth_asym_id 
_pdbx_struct_conn_angle.ptnr3_auth_comp_id 
_pdbx_struct_conn_angle.ptnr3_auth_seq_id 
_pdbx_struct_conn_angle.ptnr3_PDB_ins_code 
_pdbx_struct_conn_angle.ptnr3_symmetry 
_pdbx_struct_conn_angle.value 
_pdbx_struct_conn_angle.value_esd 
1 SG ? A CYS 23 ? A CYS 23 ? 1_555 ZN ? B ZN . ? A ZN 124 ? 1_555 SG ? A CYS 26 ? A CYS 26 ? 1_555 109.4 ? 
2 SG ? A CYS 23 ? A CYS 23 ? 1_555 ZN ? B ZN . ? A ZN 124 ? 1_555 SG ? A CYS 94 ? A CYS 94 ? 1_555 109.2 ? 
3 SG ? A CYS 26 ? A CYS 26 ? 1_555 ZN ? B ZN . ? A ZN 124 ? 1_555 SG ? A CYS 94 ? A CYS 94 ? 1_555 109.7 ? 
4 SG ? A CYS 23 ? A CYS 23 ? 1_555 ZN ? B ZN . ? A ZN 124 ? 1_555 SG ? A CYS 97 ? A CYS 97 ? 1_555 109.6 ? 
5 SG ? A CYS 26 ? A CYS 26 ? 1_555 ZN ? B ZN . ? A ZN 124 ? 1_555 SG ? A CYS 97 ? A CYS 97 ? 1_555 109.3 ? 
6 SG ? A CYS 94 ? A CYS 94 ? 1_555 ZN ? B ZN . ? A ZN 124 ? 1_555 SG ? A CYS 97 ? A CYS 97 ? 1_555 109.6 ? 
# 
_struct_mon_prot_cis.pdbx_id                1 
_struct_mon_prot_cis.label_comp_id          GLY 
_struct_mon_prot_cis.label_seq_id           100 
_struct_mon_prot_cis.label_asym_id          A 
_struct_mon_prot_cis.label_alt_id           . 
_struct_mon_prot_cis.pdbx_PDB_ins_code      ? 
_struct_mon_prot_cis.auth_comp_id           GLY 
_struct_mon_prot_cis.auth_seq_id            100 
_struct_mon_prot_cis.auth_asym_id           A 
_struct_mon_prot_cis.pdbx_label_comp_id_2   PRO 
_struct_mon_prot_cis.pdbx_label_seq_id_2    101 
_struct_mon_prot_cis.pdbx_label_asym_id_2   A 
_struct_mon_prot_cis.pdbx_PDB_ins_code_2    ? 
_struct_mon_prot_cis.pdbx_auth_comp_id_2    PRO 
_struct_mon_prot_cis.pdbx_auth_seq_id_2     101 
_struct_mon_prot_cis.pdbx_auth_asym_id_2    A 
_struct_mon_prot_cis.pdbx_PDB_model_num     1 
_struct_mon_prot_cis.pdbx_omega_angle       0.53 
# 
loop_
_struct_sheet.id 
_struct_sheet.type 
_struct_sheet.number_strands 
_struct_sheet.details 
A ? 3 ? 
B ? 2 ? 
C ? 2 ? 
D ? 3 ? 
# 
loop_
_struct_sheet_order.sheet_id 
_struct_sheet_order.range_id_1 
_struct_sheet_order.range_id_2 
_struct_sheet_order.offset 
_struct_sheet_order.sense 
A 1 2 ? anti-parallel 
A 2 3 ? anti-parallel 
B 1 2 ? anti-parallel 
C 1 2 ? anti-parallel 
D 1 2 ? anti-parallel 
D 2 3 ? anti-parallel 
# 
loop_
_struct_sheet_range.sheet_id 
_struct_sheet_range.id 
_struct_sheet_range.beg_label_comp_id 
_struct_sheet_range.beg_label_asym_id 
_struct_sheet_range.beg_label_seq_id 
_struct_sheet_range.pdbx_beg_PDB_ins_code 
_struct_sheet_range.end_label_comp_id 
_struct_sheet_range.end_label_asym_id 
_struct_sheet_range.end_label_seq_id 
_struct_sheet_range.pdbx_end_PDB_ins_code 
_struct_sheet_range.beg_auth_comp_id 
_struct_sheet_range.beg_auth_asym_id 
_struct_sheet_range.beg_auth_seq_id 
_struct_sheet_range.end_auth_comp_id 
_struct_sheet_range.end_auth_asym_id 
_struct_sheet_range.end_auth_seq_id 
A 1 SER A 28  ? LEU A 31  ? SER A 28  LEU A 31  
A 2 ALA A 20  ? CYS A 23  ? ALA A 20  CYS A 23  
A 3 SER A 121 ? GLU A 123 ? SER A 121 GLU A 123 
B 1 LEU A 37  ? PHE A 38  ? LEU A 37  PHE A 38  
B 2 TRP A 69  ? LEU A 70  ? TRP A 69  LEU A 70  
C 1 LEU A 43  ? LEU A 45  ? LEU A 43  LEU A 45  
C 2 ASP A 63  ? LEU A 65  ? ASP A 63  LEU A 65  
D 1 ILE A 89  ? LEU A 92  ? ILE A 89  LEU A 92  
D 2 GLY A 103 ? CYS A 106 ? GLY A 103 CYS A 106 
D 3 TYR A 114 ? VAL A 115 ? TYR A 114 VAL A 115 
# 
loop_
_pdbx_struct_sheet_hbond.sheet_id 
_pdbx_struct_sheet_hbond.range_id_1 
_pdbx_struct_sheet_hbond.range_id_2 
_pdbx_struct_sheet_hbond.range_1_label_atom_id 
_pdbx_struct_sheet_hbond.range_1_label_comp_id 
_pdbx_struct_sheet_hbond.range_1_label_asym_id 
_pdbx_struct_sheet_hbond.range_1_label_seq_id 
_pdbx_struct_sheet_hbond.range_1_PDB_ins_code 
_pdbx_struct_sheet_hbond.range_1_auth_atom_id 
_pdbx_struct_sheet_hbond.range_1_auth_comp_id 
_pdbx_struct_sheet_hbond.range_1_auth_asym_id 
_pdbx_struct_sheet_hbond.range_1_auth_seq_id 
_pdbx_struct_sheet_hbond.range_2_label_atom_id 
_pdbx_struct_sheet_hbond.range_2_label_comp_id 
_pdbx_struct_sheet_hbond.range_2_label_asym_id 
_pdbx_struct_sheet_hbond.range_2_label_seq_id 
_pdbx_struct_sheet_hbond.range_2_PDB_ins_code 
_pdbx_struct_sheet_hbond.range_2_auth_atom_id 
_pdbx_struct_sheet_hbond.range_2_auth_comp_id 
_pdbx_struct_sheet_hbond.range_2_auth_asym_id 
_pdbx_struct_sheet_hbond.range_2_auth_seq_id 
A 1 2 N VAL A 30  ? N VAL A 30  O VAL A 21  ? O VAL A 21  
A 2 3 O LEU A 22  ? O LEU A 22  N SER A 121 ? N SER A 121 
B 1 2 N LEU A 37  ? N LEU A 37  O LEU A 70  ? O LEU A 70  
C 1 2 N LEU A 45  ? N LEU A 45  O ASP A 63  ? O ASP A 63  
D 1 2 N LEU A 92  ? N LEU A 92  O GLY A 103 ? O GLY A 103 
D 2 3 N TRP A 104 ? N TRP A 104 O TYR A 114 ? O TYR A 114 
# 
_struct_site.id                   AC1 
_struct_site.pdbx_evidence_code   Software 
_struct_site.pdbx_auth_asym_id    A 
_struct_site.pdbx_auth_comp_id    ZN 
_struct_site.pdbx_auth_seq_id     124 
_struct_site.pdbx_auth_ins_code   ? 
_struct_site.pdbx_num_residues    4 
_struct_site.details              'BINDING SITE FOR RESIDUE ZN A 124' 
# 
loop_
_struct_site_gen.id 
_struct_site_gen.site_id 
_struct_site_gen.pdbx_num_res 
_struct_site_gen.label_comp_id 
_struct_site_gen.label_asym_id 
_struct_site_gen.label_seq_id 
_struct_site_gen.pdbx_auth_ins_code 
_struct_site_gen.auth_comp_id 
_struct_site_gen.auth_asym_id 
_struct_site_gen.auth_seq_id 
_struct_site_gen.label_atom_id 
_struct_site_gen.label_alt_id 
_struct_site_gen.symmetry 
_struct_site_gen.details 
1 AC1 4 CYS A 23 ? CYS A 23 . ? 1_555 ? 
2 AC1 4 CYS A 26 ? CYS A 26 . ? 1_555 ? 
3 AC1 4 CYS A 94 ? CYS A 94 . ? 1_555 ? 
4 AC1 4 CYS A 97 ? CYS A 97 . ? 1_555 ? 
# 
loop_
_pdbx_validate_torsion.id 
_pdbx_validate_torsion.PDB_model_num 
_pdbx_validate_torsion.auth_comp_id 
_pdbx_validate_torsion.auth_asym_id 
_pdbx_validate_torsion.auth_seq_id 
_pdbx_validate_torsion.PDB_ins_code 
_pdbx_validate_torsion.label_alt_id 
_pdbx_validate_torsion.phi 
_pdbx_validate_torsion.psi 
1  1 SER A 12  ? ? -58.80  -170.13 
2  1 CYS A 23  ? ? -48.91  95.40   
3  1 VAL A 30  ? ? -71.44  -76.40  
4  1 ARG A 40  ? ? -85.83  47.62   
5  1 GLN A 42  ? ? -61.92  98.72   
6  1 LYS A 50  ? ? 41.75   -95.03  
7  1 LYS A 51  ? ? 51.74   177.24  
8  1 PRO A 52  ? ? -77.45  -81.03  
9  1 ALA A 53  ? ? 81.93   -38.92  
10 1 LEU A 54  ? ? 67.47   110.99  
11 1 SER A 55  ? ? 83.60   -43.50  
12 1 ASP A 56  ? ? 68.46   -168.16 
13 1 ASN A 59  ? ? -164.64 64.05   
14 1 GLN A 66  ? ? -147.92 -36.92  
15 1 ASP A 73  ? ? -160.49 115.00  
16 1 PHE A 77  ? ? -53.64  -167.28 
17 1 GLU A 78  ? ? -132.98 -93.38  
18 1 ASN A 79  ? ? -91.17  44.69   
19 1 LYS A 84  ? ? -41.21  162.99  
20 1 VAL A 86  ? ? -89.00  49.21   
21 1 ASN A 88  ? ? -155.26 15.46   
22 1 CYS A 97  ? ? -153.84 57.35   
23 1 GLU A 98  ? ? -37.24  97.83   
24 1 ILE A 99  ? ? -150.22 -69.10  
25 1 ALA A 116 ? ? -33.49  112.60  
26 1 LEU A 117 ? ? -51.53  -74.66  
# 
loop_
_pdbx_validate_planes.id 
_pdbx_validate_planes.PDB_model_num 
_pdbx_validate_planes.auth_comp_id 
_pdbx_validate_planes.auth_asym_id 
_pdbx_validate_planes.auth_seq_id 
_pdbx_validate_planes.PDB_ins_code 
_pdbx_validate_planes.label_alt_id 
_pdbx_validate_planes.rmsd 
_pdbx_validate_planes.type 
1 1 ARG A 16  ? ? 0.271 'SIDE CHAIN' 
2 1 ARG A 18  ? ? 0.138 'SIDE CHAIN' 
3 1 ARG A 25  ? ? 0.213 'SIDE CHAIN' 
4 1 ARG A 40  ? ? 0.309 'SIDE CHAIN' 
5 1 ARG A 41  ? ? 0.284 'SIDE CHAIN' 
6 1 ARG A 49  ? ? 0.310 'SIDE CHAIN' 
7 1 ARG A 119 ? ? 0.274 'SIDE CHAIN' 
# 
_pdbx_nmr_ensemble.entry_id                             1FWQ 
_pdbx_nmr_ensemble.conformers_calculated_total_number   ? 
_pdbx_nmr_ensemble.conformers_submitted_total_number    1 
_pdbx_nmr_ensemble.conformer_selection_criteria         ? 
# 
loop_
_pdbx_nmr_sample_details.solution_id 
_pdbx_nmr_sample_details.contents 
_pdbx_nmr_sample_details.solvent_system 
1 '3mM Mss4, U-15N; 40mM Tris (pH 6.5), 100mM KCl, 2mM DTT'     '90% H2O/10% D2O' 
2 '3mM Mss4, U-15N,13C; 40mM Tris (pH 6.5), 100mM KCl, 2mM DTT' '90% H2O/10% D2O' 
3 '3mM Mss4, U-15N,13C; 40mM Tris (pH 6.5), 100mM KCl, 2mM DTT' '100% D2O'        
# 
_pdbx_nmr_exptl_sample_conditions.conditions_id       1 
_pdbx_nmr_exptl_sample_conditions.temperature         303 
_pdbx_nmr_exptl_sample_conditions.pressure            1 
_pdbx_nmr_exptl_sample_conditions.pH                  6.5 
_pdbx_nmr_exptl_sample_conditions.ionic_strength      100mM 
_pdbx_nmr_exptl_sample_conditions.pressure_units      atm 
_pdbx_nmr_exptl_sample_conditions.temperature_units   K 
# 
loop_
_pdbx_nmr_exptl.experiment_id 
_pdbx_nmr_exptl.solution_id 
_pdbx_nmr_exptl.conditions_id 
_pdbx_nmr_exptl.type 
1 1 1 3D_15N-separated_TOCSY 
2 2 1 'HNCA, HNCOCA, HNCO'   
3 3 1 HCCH-TOCSY             
# 
_pdbx_nmr_refine.entry_id           1FWQ 
_pdbx_nmr_refine.method             'simulated annealing' 
_pdbx_nmr_refine.details            
'the structures are based on a total of 1,289 NOE-derived distance constraints and 117 dihedral angle restraints.' 
_pdbx_nmr_refine.software_ordinal   1 
# 
loop_
_pdbx_nmr_software.name 
_pdbx_nmr_software.version 
_pdbx_nmr_software.classification 
_pdbx_nmr_software.authors 
_pdbx_nmr_software.ordinal 
X-PLOR 3.1 'structure solution' Brunger 1 
X-PLOR 3.1 refinement           Brunger 2 
# 
loop_
_pdbx_unobs_or_zero_occ_residues.id 
_pdbx_unobs_or_zero_occ_residues.PDB_model_num 
_pdbx_unobs_or_zero_occ_residues.polymer_flag 
_pdbx_unobs_or_zero_occ_residues.occupancy_flag 
_pdbx_unobs_or_zero_occ_residues.auth_asym_id 
_pdbx_unobs_or_zero_occ_residues.auth_comp_id 
_pdbx_unobs_or_zero_occ_residues.auth_seq_id 
_pdbx_unobs_or_zero_occ_residues.PDB_ins_code 
_pdbx_unobs_or_zero_occ_residues.label_asym_id 
_pdbx_unobs_or_zero_occ_residues.label_comp_id 
_pdbx_unobs_or_zero_occ_residues.label_seq_id 
1 1 Y 1 A MET 1 ? A MET 1 
2 1 Y 1 A GLU 2 ? A GLU 2 
3 1 Y 1 A PRO 3 ? A PRO 3 
4 1 Y 1 A ALA 4 ? A ALA 4 
5 1 Y 1 A ASP 5 ? A ASP 5 
6 1 Y 1 A GLU 6 ? A GLU 6 
7 1 Y 1 A PRO 7 ? A PRO 7 
8 1 Y 1 A SER 8 ? A SER 8 
# 
loop_
_chem_comp_atom.comp_id 
_chem_comp_atom.atom_id 
_chem_comp_atom.type_symbol 
_chem_comp_atom.pdbx_aromatic_flag 
_chem_comp_atom.pdbx_stereo_config 
_chem_comp_atom.pdbx_ordinal 
ALA N    N  N N 1   
ALA CA   C  N S 2   
ALA C    C  N N 3   
ALA O    O  N N 4   
ALA CB   C  N N 5   
ALA OXT  O  N N 6   
ALA H    H  N N 7   
ALA H2   H  N N 8   
ALA HA   H  N N 9   
ALA HB1  H  N N 10  
ALA HB2  H  N N 11  
ALA HB3  H  N N 12  
ALA HXT  H  N N 13  
ARG N    N  N N 14  
ARG CA   C  N S 15  
ARG C    C  N N 16  
ARG O    O  N N 17  
ARG CB   C  N N 18  
ARG CG   C  N N 19  
ARG CD   C  N N 20  
ARG NE   N  N N 21  
ARG CZ   C  N N 22  
ARG NH1  N  N N 23  
ARG NH2  N  N N 24  
ARG OXT  O  N N 25  
ARG H    H  N N 26  
ARG H2   H  N N 27  
ARG HA   H  N N 28  
ARG HB2  H  N N 29  
ARG HB3  H  N N 30  
ARG HG2  H  N N 31  
ARG HG3  H  N N 32  
ARG HD2  H  N N 33  
ARG HD3  H  N N 34  
ARG HE   H  N N 35  
ARG HH11 H  N N 36  
ARG HH12 H  N N 37  
ARG HH21 H  N N 38  
ARG HH22 H  N N 39  
ARG HXT  H  N N 40  
ASN N    N  N N 41  
ASN CA   C  N S 42  
ASN C    C  N N 43  
ASN O    O  N N 44  
ASN CB   C  N N 45  
ASN CG   C  N N 46  
ASN OD1  O  N N 47  
ASN ND2  N  N N 48  
ASN OXT  O  N N 49  
ASN H    H  N N 50  
ASN H2   H  N N 51  
ASN HA   H  N N 52  
ASN HB2  H  N N 53  
ASN HB3  H  N N 54  
ASN HD21 H  N N 55  
ASN HD22 H  N N 56  
ASN HXT  H  N N 57  
ASP N    N  N N 58  
ASP CA   C  N S 59  
ASP C    C  N N 60  
ASP O    O  N N 61  
ASP CB   C  N N 62  
ASP CG   C  N N 63  
ASP OD1  O  N N 64  
ASP OD2  O  N N 65  
ASP OXT  O  N N 66  
ASP H    H  N N 67  
ASP H2   H  N N 68  
ASP HA   H  N N 69  
ASP HB2  H  N N 70  
ASP HB3  H  N N 71  
ASP HD2  H  N N 72  
ASP HXT  H  N N 73  
CYS N    N  N N 74  
CYS CA   C  N R 75  
CYS C    C  N N 76  
CYS O    O  N N 77  
CYS CB   C  N N 78  
CYS SG   S  N N 79  
CYS OXT  O  N N 80  
CYS H    H  N N 81  
CYS H2   H  N N 82  
CYS HA   H  N N 83  
CYS HB2  H  N N 84  
CYS HB3  H  N N 85  
CYS HG   H  N N 86  
CYS HXT  H  N N 87  
GLN N    N  N N 88  
GLN CA   C  N S 89  
GLN C    C  N N 90  
GLN O    O  N N 91  
GLN CB   C  N N 92  
GLN CG   C  N N 93  
GLN CD   C  N N 94  
GLN OE1  O  N N 95  
GLN NE2  N  N N 96  
GLN OXT  O  N N 97  
GLN H    H  N N 98  
GLN H2   H  N N 99  
GLN HA   H  N N 100 
GLN HB2  H  N N 101 
GLN HB3  H  N N 102 
GLN HG2  H  N N 103 
GLN HG3  H  N N 104 
GLN HE21 H  N N 105 
GLN HE22 H  N N 106 
GLN HXT  H  N N 107 
GLU N    N  N N 108 
GLU CA   C  N S 109 
GLU C    C  N N 110 
GLU O    O  N N 111 
GLU CB   C  N N 112 
GLU CG   C  N N 113 
GLU CD   C  N N 114 
GLU OE1  O  N N 115 
GLU OE2  O  N N 116 
GLU OXT  O  N N 117 
GLU H    H  N N 118 
GLU H2   H  N N 119 
GLU HA   H  N N 120 
GLU HB2  H  N N 121 
GLU HB3  H  N N 122 
GLU HG2  H  N N 123 
GLU HG3  H  N N 124 
GLU HE2  H  N N 125 
GLU HXT  H  N N 126 
GLY N    N  N N 127 
GLY CA   C  N N 128 
GLY C    C  N N 129 
GLY O    O  N N 130 
GLY OXT  O  N N 131 
GLY H    H  N N 132 
GLY H2   H  N N 133 
GLY HA2  H  N N 134 
GLY HA3  H  N N 135 
GLY HXT  H  N N 136 
HIS N    N  N N 137 
HIS CA   C  N S 138 
HIS C    C  N N 139 
HIS O    O  N N 140 
HIS CB   C  N N 141 
HIS CG   C  Y N 142 
HIS ND1  N  Y N 143 
HIS CD2  C  Y N 144 
HIS CE1  C  Y N 145 
HIS NE2  N  Y N 146 
HIS OXT  O  N N 147 
HIS H    H  N N 148 
HIS H2   H  N N 149 
HIS HA   H  N N 150 
HIS HB2  H  N N 151 
HIS HB3  H  N N 152 
HIS HD1  H  N N 153 
HIS HD2  H  N N 154 
HIS HE1  H  N N 155 
HIS HE2  H  N N 156 
HIS HXT  H  N N 157 
ILE N    N  N N 158 
ILE CA   C  N S 159 
ILE C    C  N N 160 
ILE O    O  N N 161 
ILE CB   C  N S 162 
ILE CG1  C  N N 163 
ILE CG2  C  N N 164 
ILE CD1  C  N N 165 
ILE OXT  O  N N 166 
ILE H    H  N N 167 
ILE H2   H  N N 168 
ILE HA   H  N N 169 
ILE HB   H  N N 170 
ILE HG12 H  N N 171 
ILE HG13 H  N N 172 
ILE HG21 H  N N 173 
ILE HG22 H  N N 174 
ILE HG23 H  N N 175 
ILE HD11 H  N N 176 
ILE HD12 H  N N 177 
ILE HD13 H  N N 178 
ILE HXT  H  N N 179 
LEU N    N  N N 180 
LEU CA   C  N S 181 
LEU C    C  N N 182 
LEU O    O  N N 183 
LEU CB   C  N N 184 
LEU CG   C  N N 185 
LEU CD1  C  N N 186 
LEU CD2  C  N N 187 
LEU OXT  O  N N 188 
LEU H    H  N N 189 
LEU H2   H  N N 190 
LEU HA   H  N N 191 
LEU HB2  H  N N 192 
LEU HB3  H  N N 193 
LEU HG   H  N N 194 
LEU HD11 H  N N 195 
LEU HD12 H  N N 196 
LEU HD13 H  N N 197 
LEU HD21 H  N N 198 
LEU HD22 H  N N 199 
LEU HD23 H  N N 200 
LEU HXT  H  N N 201 
LYS N    N  N N 202 
LYS CA   C  N S 203 
LYS C    C  N N 204 
LYS O    O  N N 205 
LYS CB   C  N N 206 
LYS CG   C  N N 207 
LYS CD   C  N N 208 
LYS CE   C  N N 209 
LYS NZ   N  N N 210 
LYS OXT  O  N N 211 
LYS H    H  N N 212 
LYS H2   H  N N 213 
LYS HA   H  N N 214 
LYS HB2  H  N N 215 
LYS HB3  H  N N 216 
LYS HG2  H  N N 217 
LYS HG3  H  N N 218 
LYS HD2  H  N N 219 
LYS HD3  H  N N 220 
LYS HE2  H  N N 221 
LYS HE3  H  N N 222 
LYS HZ1  H  N N 223 
LYS HZ2  H  N N 224 
LYS HZ3  H  N N 225 
LYS HXT  H  N N 226 
MET N    N  N N 227 
MET CA   C  N S 228 
MET C    C  N N 229 
MET O    O  N N 230 
MET CB   C  N N 231 
MET CG   C  N N 232 
MET SD   S  N N 233 
MET CE   C  N N 234 
MET OXT  O  N N 235 
MET H    H  N N 236 
MET H2   H  N N 237 
MET HA   H  N N 238 
MET HB2  H  N N 239 
MET HB3  H  N N 240 
MET HG2  H  N N 241 
MET HG3  H  N N 242 
MET HE1  H  N N 243 
MET HE2  H  N N 244 
MET HE3  H  N N 245 
MET HXT  H  N N 246 
PHE N    N  N N 247 
PHE CA   C  N S 248 
PHE C    C  N N 249 
PHE O    O  N N 250 
PHE CB   C  N N 251 
PHE CG   C  Y N 252 
PHE CD1  C  Y N 253 
PHE CD2  C  Y N 254 
PHE CE1  C  Y N 255 
PHE CE2  C  Y N 256 
PHE CZ   C  Y N 257 
PHE OXT  O  N N 258 
PHE H    H  N N 259 
PHE H2   H  N N 260 
PHE HA   H  N N 261 
PHE HB2  H  N N 262 
PHE HB3  H  N N 263 
PHE HD1  H  N N 264 
PHE HD2  H  N N 265 
PHE HE1  H  N N 266 
PHE HE2  H  N N 267 
PHE HZ   H  N N 268 
PHE HXT  H  N N 269 
PRO N    N  N N 270 
PRO CA   C  N S 271 
PRO C    C  N N 272 
PRO O    O  N N 273 
PRO CB   C  N N 274 
PRO CG   C  N N 275 
PRO CD   C  N N 276 
PRO OXT  O  N N 277 
PRO H    H  N N 278 
PRO HA   H  N N 279 
PRO HB2  H  N N 280 
PRO HB3  H  N N 281 
PRO HG2  H  N N 282 
PRO HG3  H  N N 283 
PRO HD2  H  N N 284 
PRO HD3  H  N N 285 
PRO HXT  H  N N 286 
SER N    N  N N 287 
SER CA   C  N S 288 
SER C    C  N N 289 
SER O    O  N N 290 
SER CB   C  N N 291 
SER OG   O  N N 292 
SER OXT  O  N N 293 
SER H    H  N N 294 
SER H2   H  N N 295 
SER HA   H  N N 296 
SER HB2  H  N N 297 
SER HB3  H  N N 298 
SER HG   H  N N 299 
SER HXT  H  N N 300 
THR N    N  N N 301 
THR CA   C  N S 302 
THR C    C  N N 303 
THR O    O  N N 304 
THR CB   C  N R 305 
THR OG1  O  N N 306 
THR CG2  C  N N 307 
THR OXT  O  N N 308 
THR H    H  N N 309 
THR H2   H  N N 310 
THR HA   H  N N 311 
THR HB   H  N N 312 
THR HG1  H  N N 313 
THR HG21 H  N N 314 
THR HG22 H  N N 315 
THR HG23 H  N N 316 
THR HXT  H  N N 317 
TRP N    N  N N 318 
TRP CA   C  N S 319 
TRP C    C  N N 320 
TRP O    O  N N 321 
TRP CB   C  N N 322 
TRP CG   C  Y N 323 
TRP CD1  C  Y N 324 
TRP CD2  C  Y N 325 
TRP NE1  N  Y N 326 
TRP CE2  C  Y N 327 
TRP CE3  C  Y N 328 
TRP CZ2  C  Y N 329 
TRP CZ3  C  Y N 330 
TRP CH2  C  Y N 331 
TRP OXT  O  N N 332 
TRP H    H  N N 333 
TRP H2   H  N N 334 
TRP HA   H  N N 335 
TRP HB2  H  N N 336 
TRP HB3  H  N N 337 
TRP HD1  H  N N 338 
TRP HE1  H  N N 339 
TRP HE3  H  N N 340 
TRP HZ2  H  N N 341 
TRP HZ3  H  N N 342 
TRP HH2  H  N N 343 
TRP HXT  H  N N 344 
TYR N    N  N N 345 
TYR CA   C  N S 346 
TYR C    C  N N 347 
TYR O    O  N N 348 
TYR CB   C  N N 349 
TYR CG   C  Y N 350 
TYR CD1  C  Y N 351 
TYR CD2  C  Y N 352 
TYR CE1  C  Y N 353 
TYR CE2  C  Y N 354 
TYR CZ   C  Y N 355 
TYR OH   O  N N 356 
TYR OXT  O  N N 357 
TYR H    H  N N 358 
TYR H2   H  N N 359 
TYR HA   H  N N 360 
TYR HB2  H  N N 361 
TYR HB3  H  N N 362 
TYR HD1  H  N N 363 
TYR HD2  H  N N 364 
TYR HE1  H  N N 365 
TYR HE2  H  N N 366 
TYR HH   H  N N 367 
TYR HXT  H  N N 368 
VAL N    N  N N 369 
VAL CA   C  N S 370 
VAL C    C  N N 371 
VAL O    O  N N 372 
VAL CB   C  N N 373 
VAL CG1  C  N N 374 
VAL CG2  C  N N 375 
VAL OXT  O  N N 376 
VAL H    H  N N 377 
VAL H2   H  N N 378 
VAL HA   H  N N 379 
VAL HB   H  N N 380 
VAL HG11 H  N N 381 
VAL HG12 H  N N 382 
VAL HG13 H  N N 383 
VAL HG21 H  N N 384 
VAL HG22 H  N N 385 
VAL HG23 H  N N 386 
VAL HXT  H  N N 387 
ZN  ZN   ZN N N 388 
# 
loop_
_chem_comp_bond.comp_id 
_chem_comp_bond.atom_id_1 
_chem_comp_bond.atom_id_2 
_chem_comp_bond.value_order 
_chem_comp_bond.pdbx_aromatic_flag 
_chem_comp_bond.pdbx_stereo_config 
_chem_comp_bond.pdbx_ordinal 
ALA N   CA   sing N N 1   
ALA N   H    sing N N 2   
ALA N   H2   sing N N 3   
ALA CA  C    sing N N 4   
ALA CA  CB   sing N N 5   
ALA CA  HA   sing N N 6   
ALA C   O    doub N N 7   
ALA C   OXT  sing N N 8   
ALA CB  HB1  sing N N 9   
ALA CB  HB2  sing N N 10  
ALA CB  HB3  sing N N 11  
ALA OXT HXT  sing N N 12  
ARG N   CA   sing N N 13  
ARG N   H    sing N N 14  
ARG N   H2   sing N N 15  
ARG CA  C    sing N N 16  
ARG CA  CB   sing N N 17  
ARG CA  HA   sing N N 18  
ARG C   O    doub N N 19  
ARG C   OXT  sing N N 20  
ARG CB  CG   sing N N 21  
ARG CB  HB2  sing N N 22  
ARG CB  HB3  sing N N 23  
ARG CG  CD   sing N N 24  
ARG CG  HG2  sing N N 25  
ARG CG  HG3  sing N N 26  
ARG CD  NE   sing N N 27  
ARG CD  HD2  sing N N 28  
ARG CD  HD3  sing N N 29  
ARG NE  CZ   sing N N 30  
ARG NE  HE   sing N N 31  
ARG CZ  NH1  sing N N 32  
ARG CZ  NH2  doub N N 33  
ARG NH1 HH11 sing N N 34  
ARG NH1 HH12 sing N N 35  
ARG NH2 HH21 sing N N 36  
ARG NH2 HH22 sing N N 37  
ARG OXT HXT  sing N N 38  
ASN N   CA   sing N N 39  
ASN N   H    sing N N 40  
ASN N   H2   sing N N 41  
ASN CA  C    sing N N 42  
ASN CA  CB   sing N N 43  
ASN CA  HA   sing N N 44  
ASN C   O    doub N N 45  
ASN C   OXT  sing N N 46  
ASN CB  CG   sing N N 47  
ASN CB  HB2  sing N N 48  
ASN CB  HB3  sing N N 49  
ASN CG  OD1  doub N N 50  
ASN CG  ND2  sing N N 51  
ASN ND2 HD21 sing N N 52  
ASN ND2 HD22 sing N N 53  
ASN OXT HXT  sing N N 54  
ASP N   CA   sing N N 55  
ASP N   H    sing N N 56  
ASP N   H2   sing N N 57  
ASP CA  C    sing N N 58  
ASP CA  CB   sing N N 59  
ASP CA  HA   sing N N 60  
ASP C   O    doub N N 61  
ASP C   OXT  sing N N 62  
ASP CB  CG   sing N N 63  
ASP CB  HB2  sing N N 64  
ASP CB  HB3  sing N N 65  
ASP CG  OD1  doub N N 66  
ASP CG  OD2  sing N N 67  
ASP OD2 HD2  sing N N 68  
ASP OXT HXT  sing N N 69  
CYS N   CA   sing N N 70  
CYS N   H    sing N N 71  
CYS N   H2   sing N N 72  
CYS CA  C    sing N N 73  
CYS CA  CB   sing N N 74  
CYS CA  HA   sing N N 75  
CYS C   O    doub N N 76  
CYS C   OXT  sing N N 77  
CYS CB  SG   sing N N 78  
CYS CB  HB2  sing N N 79  
CYS CB  HB3  sing N N 80  
CYS SG  HG   sing N N 81  
CYS OXT HXT  sing N N 82  
GLN N   CA   sing N N 83  
GLN N   H    sing N N 84  
GLN N   H2   sing N N 85  
GLN CA  C    sing N N 86  
GLN CA  CB   sing N N 87  
GLN CA  HA   sing N N 88  
GLN C   O    doub N N 89  
GLN C   OXT  sing N N 90  
GLN CB  CG   sing N N 91  
GLN CB  HB2  sing N N 92  
GLN CB  HB3  sing N N 93  
GLN CG  CD   sing N N 94  
GLN CG  HG2  sing N N 95  
GLN CG  HG3  sing N N 96  
GLN CD  OE1  doub N N 97  
GLN CD  NE2  sing N N 98  
GLN NE2 HE21 sing N N 99  
GLN NE2 HE22 sing N N 100 
GLN OXT HXT  sing N N 101 
GLU N   CA   sing N N 102 
GLU N   H    sing N N 103 
GLU N   H2   sing N N 104 
GLU CA  C    sing N N 105 
GLU CA  CB   sing N N 106 
GLU CA  HA   sing N N 107 
GLU C   O    doub N N 108 
GLU C   OXT  sing N N 109 
GLU CB  CG   sing N N 110 
GLU CB  HB2  sing N N 111 
GLU CB  HB3  sing N N 112 
GLU CG  CD   sing N N 113 
GLU CG  HG2  sing N N 114 
GLU CG  HG3  sing N N 115 
GLU CD  OE1  doub N N 116 
GLU CD  OE2  sing N N 117 
GLU OE2 HE2  sing N N 118 
GLU OXT HXT  sing N N 119 
GLY N   CA   sing N N 120 
GLY N   H    sing N N 121 
GLY N   H2   sing N N 122 
GLY CA  C    sing N N 123 
GLY CA  HA2  sing N N 124 
GLY CA  HA3  sing N N 125 
GLY C   O    doub N N 126 
GLY C   OXT  sing N N 127 
GLY OXT HXT  sing N N 128 
HIS N   CA   sing N N 129 
HIS N   H    sing N N 130 
HIS N   H2   sing N N 131 
HIS CA  C    sing N N 132 
HIS CA  CB   sing N N 133 
HIS CA  HA   sing N N 134 
HIS C   O    doub N N 135 
HIS C   OXT  sing N N 136 
HIS CB  CG   sing N N 137 
HIS CB  HB2  sing N N 138 
HIS CB  HB3  sing N N 139 
HIS CG  ND1  sing Y N 140 
HIS CG  CD2  doub Y N 141 
HIS ND1 CE1  doub Y N 142 
HIS ND1 HD1  sing N N 143 
HIS CD2 NE2  sing Y N 144 
HIS CD2 HD2  sing N N 145 
HIS CE1 NE2  sing Y N 146 
HIS CE1 HE1  sing N N 147 
HIS NE2 HE2  sing N N 148 
HIS OXT HXT  sing N N 149 
ILE N   CA   sing N N 150 
ILE N   H    sing N N 151 
ILE N   H2   sing N N 152 
ILE CA  C    sing N N 153 
ILE CA  CB   sing N N 154 
ILE CA  HA   sing N N 155 
ILE C   O    doub N N 156 
ILE C   OXT  sing N N 157 
ILE CB  CG1  sing N N 158 
ILE CB  CG2  sing N N 159 
ILE CB  HB   sing N N 160 
ILE CG1 CD1  sing N N 161 
ILE CG1 HG12 sing N N 162 
ILE CG1 HG13 sing N N 163 
ILE CG2 HG21 sing N N 164 
ILE CG2 HG22 sing N N 165 
ILE CG2 HG23 sing N N 166 
ILE CD1 HD11 sing N N 167 
ILE CD1 HD12 sing N N 168 
ILE CD1 HD13 sing N N 169 
ILE OXT HXT  sing N N 170 
LEU N   CA   sing N N 171 
LEU N   H    sing N N 172 
LEU N   H2   sing N N 173 
LEU CA  C    sing N N 174 
LEU CA  CB   sing N N 175 
LEU CA  HA   sing N N 176 
LEU C   O    doub N N 177 
LEU C   OXT  sing N N 178 
LEU CB  CG   sing N N 179 
LEU CB  HB2  sing N N 180 
LEU CB  HB3  sing N N 181 
LEU CG  CD1  sing N N 182 
LEU CG  CD2  sing N N 183 
LEU CG  HG   sing N N 184 
LEU CD1 HD11 sing N N 185 
LEU CD1 HD12 sing N N 186 
LEU CD1 HD13 sing N N 187 
LEU CD2 HD21 sing N N 188 
LEU CD2 HD22 sing N N 189 
LEU CD2 HD23 sing N N 190 
LEU OXT HXT  sing N N 191 
LYS N   CA   sing N N 192 
LYS N   H    sing N N 193 
LYS N   H2   sing N N 194 
LYS CA  C    sing N N 195 
LYS CA  CB   sing N N 196 
LYS CA  HA   sing N N 197 
LYS C   O    doub N N 198 
LYS C   OXT  sing N N 199 
LYS CB  CG   sing N N 200 
LYS CB  HB2  sing N N 201 
LYS CB  HB3  sing N N 202 
LYS CG  CD   sing N N 203 
LYS CG  HG2  sing N N 204 
LYS CG  HG3  sing N N 205 
LYS CD  CE   sing N N 206 
LYS CD  HD2  sing N N 207 
LYS CD  HD3  sing N N 208 
LYS CE  NZ   sing N N 209 
LYS CE  HE2  sing N N 210 
LYS CE  HE3  sing N N 211 
LYS NZ  HZ1  sing N N 212 
LYS NZ  HZ2  sing N N 213 
LYS NZ  HZ3  sing N N 214 
LYS OXT HXT  sing N N 215 
MET N   CA   sing N N 216 
MET N   H    sing N N 217 
MET N   H2   sing N N 218 
MET CA  C    sing N N 219 
MET CA  CB   sing N N 220 
MET CA  HA   sing N N 221 
MET C   O    doub N N 222 
MET C   OXT  sing N N 223 
MET CB  CG   sing N N 224 
MET CB  HB2  sing N N 225 
MET CB  HB3  sing N N 226 
MET CG  SD   sing N N 227 
MET CG  HG2  sing N N 228 
MET CG  HG3  sing N N 229 
MET SD  CE   sing N N 230 
MET CE  HE1  sing N N 231 
MET CE  HE2  sing N N 232 
MET CE  HE3  sing N N 233 
MET OXT HXT  sing N N 234 
PHE N   CA   sing N N 235 
PHE N   H    sing N N 236 
PHE N   H2   sing N N 237 
PHE CA  C    sing N N 238 
PHE CA  CB   sing N N 239 
PHE CA  HA   sing N N 240 
PHE C   O    doub N N 241 
PHE C   OXT  sing N N 242 
PHE CB  CG   sing N N 243 
PHE CB  HB2  sing N N 244 
PHE CB  HB3  sing N N 245 
PHE CG  CD1  doub Y N 246 
PHE CG  CD2  sing Y N 247 
PHE CD1 CE1  sing Y N 248 
PHE CD1 HD1  sing N N 249 
PHE CD2 CE2  doub Y N 250 
PHE CD2 HD2  sing N N 251 
PHE CE1 CZ   doub Y N 252 
PHE CE1 HE1  sing N N 253 
PHE CE2 CZ   sing Y N 254 
PHE CE2 HE2  sing N N 255 
PHE CZ  HZ   sing N N 256 
PHE OXT HXT  sing N N 257 
PRO N   CA   sing N N 258 
PRO N   CD   sing N N 259 
PRO N   H    sing N N 260 
PRO CA  C    sing N N 261 
PRO CA  CB   sing N N 262 
PRO CA  HA   sing N N 263 
PRO C   O    doub N N 264 
PRO C   OXT  sing N N 265 
PRO CB  CG   sing N N 266 
PRO CB  HB2  sing N N 267 
PRO CB  HB3  sing N N 268 
PRO CG  CD   sing N N 269 
PRO CG  HG2  sing N N 270 
PRO CG  HG3  sing N N 271 
PRO CD  HD2  sing N N 272 
PRO CD  HD3  sing N N 273 
PRO OXT HXT  sing N N 274 
SER N   CA   sing N N 275 
SER N   H    sing N N 276 
SER N   H2   sing N N 277 
SER CA  C    sing N N 278 
SER CA  CB   sing N N 279 
SER CA  HA   sing N N 280 
SER C   O    doub N N 281 
SER C   OXT  sing N N 282 
SER CB  OG   sing N N 283 
SER CB  HB2  sing N N 284 
SER CB  HB3  sing N N 285 
SER OG  HG   sing N N 286 
SER OXT HXT  sing N N 287 
THR N   CA   sing N N 288 
THR N   H    sing N N 289 
THR N   H2   sing N N 290 
THR CA  C    sing N N 291 
THR CA  CB   sing N N 292 
THR CA  HA   sing N N 293 
THR C   O    doub N N 294 
THR C   OXT  sing N N 295 
THR CB  OG1  sing N N 296 
THR CB  CG2  sing N N 297 
THR CB  HB   sing N N 298 
THR OG1 HG1  sing N N 299 
THR CG2 HG21 sing N N 300 
THR CG2 HG22 sing N N 301 
THR CG2 HG23 sing N N 302 
THR OXT HXT  sing N N 303 
TRP N   CA   sing N N 304 
TRP N   H    sing N N 305 
TRP N   H2   sing N N 306 
TRP CA  C    sing N N 307 
TRP CA  CB   sing N N 308 
TRP CA  HA   sing N N 309 
TRP C   O    doub N N 310 
TRP C   OXT  sing N N 311 
TRP CB  CG   sing N N 312 
TRP CB  HB2  sing N N 313 
TRP CB  HB3  sing N N 314 
TRP CG  CD1  doub Y N 315 
TRP CG  CD2  sing Y N 316 
TRP CD1 NE1  sing Y N 317 
TRP CD1 HD1  sing N N 318 
TRP CD2 CE2  doub Y N 319 
TRP CD2 CE3  sing Y N 320 
TRP NE1 CE2  sing Y N 321 
TRP NE1 HE1  sing N N 322 
TRP CE2 CZ2  sing Y N 323 
TRP CE3 CZ3  doub Y N 324 
TRP CE3 HE3  sing N N 325 
TRP CZ2 CH2  doub Y N 326 
TRP CZ2 HZ2  sing N N 327 
TRP CZ3 CH2  sing Y N 328 
TRP CZ3 HZ3  sing N N 329 
TRP CH2 HH2  sing N N 330 
TRP OXT HXT  sing N N 331 
TYR N   CA   sing N N 332 
TYR N   H    sing N N 333 
TYR N   H2   sing N N 334 
TYR CA  C    sing N N 335 
TYR CA  CB   sing N N 336 
TYR CA  HA   sing N N 337 
TYR C   O    doub N N 338 
TYR C   OXT  sing N N 339 
TYR CB  CG   sing N N 340 
TYR CB  HB2  sing N N 341 
TYR CB  HB3  sing N N 342 
TYR CG  CD1  doub Y N 343 
TYR CG  CD2  sing Y N 344 
TYR CD1 CE1  sing Y N 345 
TYR CD1 HD1  sing N N 346 
TYR CD2 CE2  doub Y N 347 
TYR CD2 HD2  sing N N 348 
TYR CE1 CZ   doub Y N 349 
TYR CE1 HE1  sing N N 350 
TYR CE2 CZ   sing Y N 351 
TYR CE2 HE2  sing N N 352 
TYR CZ  OH   sing N N 353 
TYR OH  HH   sing N N 354 
TYR OXT HXT  sing N N 355 
VAL N   CA   sing N N 356 
VAL N   H    sing N N 357 
VAL N   H2   sing N N 358 
VAL CA  C    sing N N 359 
VAL CA  CB   sing N N 360 
VAL CA  HA   sing N N 361 
VAL C   O    doub N N 362 
VAL C   OXT  sing N N 363 
VAL CB  CG1  sing N N 364 
VAL CB  CG2  sing N N 365 
VAL CB  HB   sing N N 366 
VAL CG1 HG11 sing N N 367 
VAL CG1 HG12 sing N N 368 
VAL CG1 HG13 sing N N 369 
VAL CG2 HG21 sing N N 370 
VAL CG2 HG22 sing N N 371 
VAL CG2 HG23 sing N N 372 
VAL OXT HXT  sing N N 373 
# 
_pdbx_nmr_spectrometer.spectrometer_id   1 
_pdbx_nmr_spectrometer.type              ? 
_pdbx_nmr_spectrometer.manufacturer      Bruker 
_pdbx_nmr_spectrometer.model             AVANCE 
_pdbx_nmr_spectrometer.field_strength    500 
# 
_atom_sites.entry_id                    1FWQ 
_atom_sites.fract_transf_matrix[1][1]   1.000000 
_atom_sites.fract_transf_matrix[1][2]   0.000000 
_atom_sites.fract_transf_matrix[1][3]   0.000000 
_atom_sites.fract_transf_matrix[2][1]   0.000000 
_atom_sites.fract_transf_matrix[2][2]   1.000000 
_atom_sites.fract_transf_matrix[2][3]   0.000000 
_atom_sites.fract_transf_matrix[3][1]   0.000000 
_atom_sites.fract_transf_matrix[3][2]   0.000000 
_atom_sites.fract_transf_matrix[3][3]   1.000000 
_atom_sites.fract_transf_vector[1]      0.00000 
_atom_sites.fract_transf_vector[2]      0.00000 
_atom_sites.fract_transf_vector[3]      0.00000 
# 
loop_
_atom_type.symbol 
C  
H  
N  
O  
S  
ZN 
# 
loop_
_atom_site.group_PDB 
_atom_site.id 
_atom_site.type_symbol 
_atom_site.label_atom_id 
_atom_site.label_alt_id 
_atom_site.label_comp_id 
_atom_site.label_asym_id 
_atom_site.label_entity_id 
_atom_site.label_seq_id 
_atom_site.pdbx_PDB_ins_code 
_atom_site.Cartn_x 
_atom_site.Cartn_y 
_atom_site.Cartn_z 
_atom_site.occupancy 
_atom_site.B_iso_or_equiv 
_atom_site.pdbx_formal_charge 
_atom_site.auth_seq_id 
_atom_site.auth_comp_id 
_atom_site.auth_asym_id 
_atom_site.auth_atom_id 
_atom_site.pdbx_PDB_model_num 
ATOM   1    N  N    . GLU A 1 9   ? -9.692  5.588   -13.582 1.00 2.22  ? 9   GLU A N    1 
ATOM   2    C  CA   . GLU A 1 9   ? -8.933  5.724   -14.856 1.00 1.50  ? 9   GLU A CA   1 
ATOM   3    C  C    . GLU A 1 9   ? -7.486  6.113   -14.548 1.00 1.28  ? 9   GLU A C    1 
ATOM   4    O  O    . GLU A 1 9   ? -6.943  7.034   -15.127 1.00 1.98  ? 9   GLU A O    1 
ATOM   5    C  CB   . GLU A 1 9   ? -9.578  6.807   -15.723 1.00 2.26  ? 9   GLU A CB   1 
ATOM   6    C  CG   . GLU A 1 9   ? -11.097 6.765   -15.545 1.00 2.77  ? 9   GLU A CG   1 
ATOM   7    C  CD   . GLU A 1 9   ? -11.770 7.457   -16.732 1.00 3.61  ? 9   GLU A CD   1 
ATOM   8    O  OE1  . GLU A 1 9   ? -11.055 7.921   -17.604 1.00 4.12  ? 9   GLU A OE1  1 
ATOM   9    O  OE2  . GLU A 1 9   ? -12.989 7.512   -16.747 1.00 4.17  ? 9   GLU A OE2  1 
ATOM   10   H  H    . GLU A 1 9   ? -10.585 5.088   -13.761 1.00 2.70  ? 9   GLU A H    1 
ATOM   11   H  HA   . GLU A 1 9   ? -8.947  4.782   -15.386 1.00 1.56  ? 9   GLU A HA   1 
ATOM   12   H  HB2  . GLU A 1 9   ? -9.207  7.776   -15.423 1.00 2.82  ? 9   GLU A HB2  1 
ATOM   13   H  HB3  . GLU A 1 9   ? -9.334  6.632   -16.760 1.00 2.74  ? 9   GLU A HB3  1 
ATOM   14   H  HG2  . GLU A 1 9   ? -11.425 5.737   -15.494 1.00 3.07  ? 9   GLU A HG2  1 
ATOM   15   H  HG3  . GLU A 1 9   ? -11.368 7.275   -14.633 1.00 3.01  ? 9   GLU A HG3  1 
ATOM   16   N  N    . LEU A 1 10  ? -6.855  5.418   -13.640 1.00 0.88  ? 10  LEU A N    1 
ATOM   17   C  CA   . LEU A 1 10  ? -5.444  5.749   -13.295 1.00 0.67  ? 10  LEU A CA   1 
ATOM   18   C  C    . LEU A 1 10  ? -4.501  4.844   -14.086 1.00 0.68  ? 10  LEU A C    1 
ATOM   19   O  O    . LEU A 1 10  ? -3.371  5.197   -14.360 1.00 0.93  ? 10  LEU A O    1 
ATOM   20   C  CB   . LEU A 1 10  ? -5.217  5.526   -11.799 1.00 0.66  ? 10  LEU A CB   1 
ATOM   21   C  CG   . LEU A 1 10  ? -3.814  6.002   -11.420 1.00 0.98  ? 10  LEU A CG   1 
ATOM   22   C  CD1  . LEU A 1 10  ? -3.659  7.479   -11.787 1.00 1.56  ? 10  LEU A CD1  1 
ATOM   23   C  CD2  . LEU A 1 10  ? -3.606  5.827   -9.915  1.00 1.29  ? 10  LEU A CD2  1 
ATOM   24   H  H    . LEU A 1 10  ? -7.310  4.679   -13.186 1.00 1.34  ? 10  LEU A H    1 
ATOM   25   H  HA   . LEU A 1 10  ? -5.244  6.782   -13.541 1.00 0.72  ? 10  LEU A HA   1 
ATOM   26   H  HB2  . LEU A 1 10  ? -5.951  6.082   -11.237 1.00 0.80  ? 10  LEU A HB2  1 
ATOM   27   H  HB3  . LEU A 1 10  ? -5.311  4.475   -11.574 1.00 0.74  ? 10  LEU A HB3  1 
ATOM   28   H  HG   . LEU A 1 10  ? -3.080  5.420   -11.959 1.00 1.76  ? 10  LEU A HG   1 
ATOM   29   H  HD11 . LEU A 1 10  ? -3.058  7.567   -12.679 1.00 2.15  ? 10  LEU A HD11 1 
ATOM   30   H  HD12 . LEU A 1 10  ? -3.176  8.002   -10.974 1.00 2.00  ? 10  LEU A HD12 1 
ATOM   31   H  HD13 . LEU A 1 10  ? -4.633  7.910   -11.965 1.00 2.01  ? 10  LEU A HD13 1 
ATOM   32   H  HD21 . LEU A 1 10  ? -3.834  6.753   -9.409  1.00 1.70  ? 10  LEU A HD21 1 
ATOM   33   H  HD22 . LEU A 1 10  ? -2.579  5.555   -9.722  1.00 1.79  ? 10  LEU A HD22 1 
ATOM   34   H  HD23 . LEU A 1 10  ? -4.260  5.048   -9.550  1.00 1.93  ? 10  LEU A HD23 1 
ATOM   35   N  N    . VAL A 1 11  ? -4.950  3.674   -14.447 1.00 0.67  ? 11  VAL A N    1 
ATOM   36   C  CA   . VAL A 1 11  ? -4.077  2.746   -15.208 1.00 0.72  ? 11  VAL A CA   1 
ATOM   37   C  C    . VAL A 1 11  ? -4.325  2.926   -16.708 1.00 1.14  ? 11  VAL A C    1 
ATOM   38   O  O    . VAL A 1 11  ? -5.394  2.636   -17.209 1.00 1.45  ? 11  VAL A O    1 
ATOM   39   C  CB   . VAL A 1 11  ? -4.403  1.308   -14.805 1.00 0.74  ? 11  VAL A CB   1 
ATOM   40   C  CG1  . VAL A 1 11  ? -3.192  0.416   -15.075 1.00 0.93  ? 11  VAL A CG1  1 
ATOM   41   C  CG2  . VAL A 1 11  ? -4.748  1.253   -13.313 1.00 1.17  ? 11  VAL A CG2  1 
ATOM   42   H  H    . VAL A 1 11  ? -5.861  3.403   -14.212 1.00 0.81  ? 11  VAL A H    1 
ATOM   43   H  HA   . VAL A 1 11  ? -3.042  2.957   -14.985 1.00 0.81  ? 11  VAL A HA   1 
ATOM   44   H  HB   . VAL A 1 11  ? -5.247  0.961   -15.382 1.00 1.31  ? 11  VAL A HB   1 
ATOM   45   H  HG11 . VAL A 1 11  ? -2.858  0.561   -16.093 1.00 1.49  ? 11  VAL A HG11 1 
ATOM   46   H  HG12 . VAL A 1 11  ? -3.467  -0.618  -14.929 1.00 1.47  ? 11  VAL A HG12 1 
ATOM   47   H  HG13 . VAL A 1 11  ? -2.395  0.677   -14.394 1.00 1.39  ? 11  VAL A HG13 1 
ATOM   48   H  HG21 . VAL A 1 11  ? -4.099  0.543   -12.822 1.00 1.75  ? 11  VAL A HG21 1 
ATOM   49   H  HG22 . VAL A 1 11  ? -5.776  0.944   -13.192 1.00 1.68  ? 11  VAL A HG22 1 
ATOM   50   H  HG23 . VAL A 1 11  ? -4.612  2.228   -12.871 1.00 1.71  ? 11  VAL A HG23 1 
ATOM   51   N  N    . SER A 1 12  ? -3.346  3.402   -17.428 1.00 1.40  ? 12  SER A N    1 
ATOM   52   C  CA   . SER A 1 12  ? -3.528  3.600   -18.894 1.00 1.91  ? 12  SER A CA   1 
ATOM   53   C  C    . SER A 1 12  ? -3.884  2.265   -19.551 1.00 1.77  ? 12  SER A C    1 
ATOM   54   O  O    . SER A 1 12  ? -4.154  1.287   -18.882 1.00 1.79  ? 12  SER A O    1 
ATOM   55   C  CB   . SER A 1 12  ? -2.231  4.136   -19.501 1.00 2.36  ? 12  SER A CB   1 
ATOM   56   O  OG   . SER A 1 12  ? -2.525  5.262   -20.318 1.00 2.85  ? 12  SER A OG   1 
ATOM   57   H  H    . SER A 1 12  ? -2.493  3.629   -17.005 1.00 1.38  ? 12  SER A H    1 
ATOM   58   H  HA   . SER A 1 12  ? -4.325  4.309   -19.066 1.00 2.21  ? 12  SER A HA   1 
ATOM   59   H  HB2  . SER A 1 12  ? -1.560  4.436   -18.713 1.00 2.67  ? 12  SER A HB2  1 
ATOM   60   H  HB3  . SER A 1 12  ? -1.764  3.360   -20.093 1.00 2.69  ? 12  SER A HB3  1 
ATOM   61   H  HG   . SER A 1 12  ? -2.294  5.039   -21.224 1.00 3.10  ? 12  SER A HG   1 
ATOM   62   N  N    . ALA A 1 13  ? -3.885  2.217   -20.855 1.00 1.99  ? 13  ALA A N    1 
ATOM   63   C  CA   . ALA A 1 13  ? -4.223  0.944   -21.553 1.00 1.94  ? 13  ALA A CA   1 
ATOM   64   C  C    . ALA A 1 13  ? -3.506  -0.220  -20.866 1.00 1.53  ? 13  ALA A C    1 
ATOM   65   O  O    . ALA A 1 13  ? -4.118  -1.195  -20.478 1.00 1.72  ? 13  ALA A O    1 
ATOM   66   C  CB   . ALA A 1 13  ? -3.774  1.029   -23.013 1.00 2.20  ? 13  ALA A CB   1 
ATOM   67   H  H    . ALA A 1 13  ? -3.663  3.017   -21.375 1.00 2.35  ? 13  ALA A H    1 
ATOM   68   H  HA   . ALA A 1 13  ? -5.290  0.784   -21.513 1.00 2.15  ? 13  ALA A HA   1 
ATOM   69   H  HB1  . ALA A 1 13  ? -4.511  1.572   -23.585 1.00 2.58  ? 13  ALA A HB1  1 
ATOM   70   H  HB2  . ALA A 1 13  ? -3.668  0.032   -23.416 1.00 2.37  ? 13  ALA A HB2  1 
ATOM   71   H  HB3  . ALA A 1 13  ? -2.826  1.543   -23.069 1.00 2.44  ? 13  ALA A HB3  1 
ATOM   72   N  N    . GLU A 1 14  ? -2.214  -0.125  -20.712 1.00 1.42  ? 14  GLU A N    1 
ATOM   73   C  CA   . GLU A 1 14  ? -1.461  -1.227  -20.049 1.00 1.20  ? 14  GLU A CA   1 
ATOM   74   C  C    . GLU A 1 14  ? -1.768  -1.225  -18.551 1.00 0.93  ? 14  GLU A C    1 
ATOM   75   O  O    . GLU A 1 14  ? -2.328  -0.285  -18.024 1.00 0.90  ? 14  GLU A O    1 
ATOM   76   C  CB   . GLU A 1 14  ? 0.040   -1.019  -20.263 1.00 1.41  ? 14  GLU A CB   1 
ATOM   77   C  CG   . GLU A 1 14  ? 0.398   -1.332  -21.717 1.00 1.97  ? 14  GLU A CG   1 
ATOM   78   C  CD   . GLU A 1 14  ? 1.915   -1.480  -21.849 1.00 2.61  ? 14  GLU A CD   1 
ATOM   79   O  OE1  . GLU A 1 14  ? 2.592   -1.369  -20.840 1.00 3.00  ? 14  GLU A OE1  1 
ATOM   80   O  OE2  . GLU A 1 14  ? 2.374   -1.700  -22.959 1.00 3.32  ? 14  GLU A OE2  1 
ATOM   81   H  H    . GLU A 1 14  ? -1.739  0.670   -21.031 1.00 1.80  ? 14  GLU A H    1 
ATOM   82   H  HA   . GLU A 1 14  ? -1.757  -2.173  -20.477 1.00 1.35  ? 14  GLU A HA   1 
ATOM   83   H  HB2  . GLU A 1 14  ? 0.296   0.007   -20.040 1.00 1.84  ? 14  GLU A HB2  1 
ATOM   84   H  HB3  . GLU A 1 14  ? 0.592   -1.678  -19.609 1.00 1.55  ? 14  GLU A HB3  1 
ATOM   85   H  HG2  . GLU A 1 14  ? -0.082  -2.253  -22.015 1.00 2.22  ? 14  GLU A HG2  1 
ATOM   86   H  HG3  . GLU A 1 14  ? 0.060   -0.527  -22.352 1.00 2.60  ? 14  GLU A HG3  1 
ATOM   87   N  N    . GLY A 1 15  ? -1.409  -2.273  -17.861 1.00 0.85  ? 15  GLY A N    1 
ATOM   88   C  CA   . GLY A 1 15  ? -1.682  -2.331  -16.398 1.00 0.72  ? 15  GLY A CA   1 
ATOM   89   C  C    . GLY A 1 15  ? -0.496  -1.742  -15.634 1.00 0.52  ? 15  GLY A C    1 
ATOM   90   O  O    . GLY A 1 15  ? 0.119   -2.400  -14.820 1.00 0.66  ? 15  GLY A O    1 
ATOM   91   H  H    . GLY A 1 15  ? -0.960  -3.021  -18.305 1.00 0.97  ? 15  GLY A H    1 
ATOM   92   H  HA2  . GLY A 1 15  ? -2.575  -1.763  -16.175 1.00 0.81  ? 15  GLY A HA2  1 
ATOM   93   H  HA3  . GLY A 1 15  ? -1.824  -3.358  -16.098 1.00 0.85  ? 15  GLY A HA3  1 
ATOM   94   N  N    . ARG A 1 16  ? -0.169  -0.504  -15.889 1.00 0.51  ? 16  ARG A N    1 
ATOM   95   C  CA   . ARG A 1 16  ? 0.979   0.123   -15.175 1.00 0.41  ? 16  ARG A CA   1 
ATOM   96   C  C    . ARG A 1 16  ? 0.584   1.526   -14.706 1.00 0.36  ? 16  ARG A C    1 
ATOM   97   O  O    . ARG A 1 16  ? -0.049  2.276   -15.423 1.00 0.47  ? 16  ARG A O    1 
ATOM   98   C  CB   . ARG A 1 16  ? 2.176   0.223   -16.124 1.00 0.57  ? 16  ARG A CB   1 
ATOM   99   C  CG   . ARG A 1 16  ? 3.336   -0.608  -15.572 1.00 1.10  ? 16  ARG A CG   1 
ATOM   100  C  CD   . ARG A 1 16  ? 4.557   -0.445  -16.479 1.00 1.42  ? 16  ARG A CD   1 
ATOM   101  N  NE   . ARG A 1 16  ? 4.207   -0.870  -17.864 1.00 2.05  ? 16  ARG A NE   1 
ATOM   102  C  CZ   . ARG A 1 16  ? 5.138   -0.963  -18.773 1.00 2.53  ? 16  ARG A CZ   1 
ATOM   103  N  NH1  . ARG A 1 16  ? 6.145   -1.773  -18.595 1.00 3.10  ? 16  ARG A NH1  1 
ATOM   104  N  NH2  . ARG A 1 16  ? 5.063   -0.245  -19.861 1.00 3.05  ? 16  ARG A NH2  1 
ATOM   105  H  H    . ARG A 1 16  ? -0.678  0.010   -16.550 1.00 0.77  ? 16  ARG A H    1 
ATOM   106  H  HA   . ARG A 1 16  ? 1.245   -0.482  -14.321 1.00 0.44  ? 16  ARG A HA   1 
ATOM   107  H  HB2  . ARG A 1 16  ? 1.895   -0.151  -17.098 1.00 1.04  ? 16  ARG A HB2  1 
ATOM   108  H  HB3  . ARG A 1 16  ? 2.482   1.254   -16.208 1.00 1.23  ? 16  ARG A HB3  1 
ATOM   109  H  HG2  . ARG A 1 16  ? 3.578   -0.269  -14.576 1.00 1.69  ? 16  ARG A HG2  1 
ATOM   110  H  HG3  . ARG A 1 16  ? 3.050   -1.649  -15.540 1.00 1.71  ? 16  ARG A HG3  1 
ATOM   111  H  HD2  . ARG A 1 16  ? 4.864   0.590   -16.487 1.00 1.82  ? 16  ARG A HD2  1 
ATOM   112  H  HD3  . ARG A 1 16  ? 5.365   -1.058  -16.108 1.00 1.89  ? 16  ARG A HD3  1 
ATOM   113  H  HE   . ARG A 1 16  ? 3.276   -1.078  -18.093 1.00 2.59  ? 16  ARG A HE   1 
ATOM   114  H  HH11 . ARG A 1 16  ? 6.203   -2.324  -17.762 1.00 3.30  ? 16  ARG A HH11 1 
ATOM   115  H  HH12 . ARG A 1 16  ? 6.859   -1.846  -19.291 1.00 3.67  ? 16  ARG A HH12 1 
ATOM   116  H  HH21 . ARG A 1 16  ? 4.291   0.376   -19.998 1.00 3.23  ? 16  ARG A HH21 1 
ATOM   117  H  HH22 . ARG A 1 16  ? 5.777   -0.316  -20.558 1.00 3.61  ? 16  ARG A HH22 1 
ATOM   118  N  N    . ASN A 1 17  ? 0.952   1.887   -13.507 1.00 0.32  ? 17  ASN A N    1 
ATOM   119  C  CA   . ASN A 1 17  ? 0.598   3.241   -12.993 1.00 0.41  ? 17  ASN A CA   1 
ATOM   120  C  C    . ASN A 1 17  ? 1.100   4.308   -13.966 1.00 0.40  ? 17  ASN A C    1 
ATOM   121  O  O    . ASN A 1 17  ? 2.288   4.489   -14.145 1.00 0.53  ? 17  ASN A O    1 
ATOM   122  C  CB   . ASN A 1 17  ? 1.252   3.461   -11.626 1.00 0.52  ? 17  ASN A CB   1 
ATOM   123  C  CG   . ASN A 1 17  ? 2.717   3.020   -11.681 1.00 0.60  ? 17  ASN A CG   1 
ATOM   124  O  OD1  . ASN A 1 17  ? 3.160   2.466   -12.667 1.00 1.18  ? 17  ASN A OD1  1 
ATOM   125  N  ND2  . ASN A 1 17  ? 3.491   3.245   -10.656 1.00 1.12  ? 17  ASN A ND2  1 
ATOM   126  H  H    . ASN A 1 17  ? 1.461   1.268   -12.944 1.00 0.33  ? 17  ASN A H    1 
ATOM   127  H  HA   . ASN A 1 17  ? -0.475  3.320   -12.895 1.00 0.50  ? 17  ASN A HA   1 
ATOM   128  H  HB2  . ASN A 1 17  ? 1.202   4.508   -11.368 1.00 0.74  ? 17  ASN A HB2  1 
ATOM   129  H  HB3  . ASN A 1 17  ? 0.732   2.882   -10.879 1.00 0.58  ? 17  ASN A HB3  1 
ATOM   130  H  HD21 . ASN A 1 17  ? 3.134   3.691   -9.860  1.00 1.72  ? 17  ASN A HD21 1 
ATOM   131  H  HD22 . ASN A 1 17  ? 4.430   2.966   -10.681 1.00 1.23  ? 17  ASN A HD22 1 
ATOM   132  N  N    . ARG A 1 18  ? 0.206   5.023   -14.593 1.00 0.40  ? 18  ARG A N    1 
ATOM   133  C  CA   . ARG A 1 18  ? 0.639   6.083   -15.547 1.00 0.46  ? 18  ARG A CA   1 
ATOM   134  C  C    . ARG A 1 18  ? 1.155   7.285   -14.756 1.00 0.41  ? 18  ARG A C    1 
ATOM   135  O  O    . ARG A 1 18  ? 1.935   8.077   -15.246 1.00 0.51  ? 18  ARG A O    1 
ATOM   136  C  CB   . ARG A 1 18  ? -0.549  6.511   -16.412 1.00 0.59  ? 18  ARG A CB   1 
ATOM   137  C  CG   . ARG A 1 18  ? -0.193  7.792   -17.168 1.00 1.19  ? 18  ARG A CG   1 
ATOM   138  C  CD   . ARG A 1 18  ? -0.995  7.857   -18.470 1.00 1.63  ? 18  ARG A CD   1 
ATOM   139  N  NE   . ARG A 1 18  ? -1.132  9.278   -18.898 1.00 2.15  ? 18  ARG A NE   1 
ATOM   140  C  CZ   . ARG A 1 18  ? -1.067  9.588   -20.163 1.00 2.62  ? 18  ARG A CZ   1 
ATOM   141  N  NH1  . ARG A 1 18  ? -1.397  8.708   -21.069 1.00 3.20  ? 18  ARG A NH1  1 
ATOM   142  N  NH2  . ARG A 1 18  ? -0.672  10.779  -20.525 1.00 3.15  ? 18  ARG A NH2  1 
ATOM   143  H  H    . ARG A 1 18  ? -0.748  4.868   -14.432 1.00 0.46  ? 18  ARG A H    1 
ATOM   144  H  HA   . ARG A 1 18  ? 1.427   5.700   -16.178 1.00 0.52  ? 18  ARG A HA   1 
ATOM   145  H  HB2  . ARG A 1 18  ? -0.780  5.727   -17.118 1.00 1.08  ? 18  ARG A HB2  1 
ATOM   146  H  HB3  . ARG A 1 18  ? -1.406  6.694   -15.782 1.00 1.19  ? 18  ARG A HB3  1 
ATOM   147  H  HG2  . ARG A 1 18  ? -0.431  8.650   -16.555 1.00 1.82  ? 18  ARG A HG2  1 
ATOM   148  H  HG3  . ARG A 1 18  ? 0.862   7.794   -17.398 1.00 1.77  ? 18  ARG A HG3  1 
ATOM   149  H  HD2  . ARG A 1 18  ? -0.480  7.298   -19.238 1.00 2.04  ? 18  ARG A HD2  1 
ATOM   150  H  HD3  . ARG A 1 18  ? -1.974  7.433   -18.311 1.00 2.10  ? 18  ARG A HD3  1 
ATOM   151  H  HE   . ARG A 1 18  ? -1.271  9.980   -18.228 1.00 2.61  ? 18  ARG A HE   1 
ATOM   152  H  HH11 . ARG A 1 18  ? -1.700  7.795   -20.793 1.00 3.38  ? 18  ARG A HH11 1 
ATOM   153  H  HH12 . ARG A 1 18  ? -1.347  8.945   -22.040 1.00 3.78  ? 18  ARG A HH12 1 
ATOM   154  H  HH21 . ARG A 1 18  ? -0.420  11.454  -19.832 1.00 3.31  ? 18  ARG A HH21 1 
ATOM   155  H  HH22 . ARG A 1 18  ? -0.623  11.016  -21.495 1.00 3.74  ? 18  ARG A HH22 1 
ATOM   156  N  N    . LYS A 1 19  ? 0.725   7.425   -13.532 1.00 0.44  ? 19  LYS A N    1 
ATOM   157  C  CA   . LYS A 1 19  ? 1.189   8.572   -12.703 1.00 0.45  ? 19  LYS A CA   1 
ATOM   158  C  C    . LYS A 1 19  ? 2.182   8.069   -11.653 1.00 0.43  ? 19  LYS A C    1 
ATOM   159  O  O    . LYS A 1 19  ? 2.332   6.881   -11.449 1.00 0.53  ? 19  LYS A O    1 
ATOM   160  C  CB   . LYS A 1 19  ? -0.011  9.215   -12.004 1.00 0.51  ? 19  LYS A CB   1 
ATOM   161  C  CG   . LYS A 1 19  ? -0.656  10.242  -12.938 1.00 0.91  ? 19  LYS A CG   1 
ATOM   162  C  CD   . LYS A 1 19  ? -2.156  10.325  -12.648 1.00 1.12  ? 19  LYS A CD   1 
ATOM   163  C  CE   . LYS A 1 19  ? -2.511  11.741  -12.190 1.00 1.21  ? 19  LYS A CE   1 
ATOM   164  N  NZ   . LYS A 1 19  ? -3.489  12.340  -13.140 1.00 1.56  ? 19  LYS A NZ   1 
ATOM   165  H  H    . LYS A 1 19  ? 0.097   6.774   -13.156 1.00 0.58  ? 19  LYS A H    1 
ATOM   166  H  HA   . LYS A 1 19  ? 1.671   9.303   -13.335 1.00 0.49  ? 19  LYS A HA   1 
ATOM   167  H  HB2  . LYS A 1 19  ? -0.733  8.451   -11.754 1.00 1.00  ? 19  LYS A HB2  1 
ATOM   168  H  HB3  . LYS A 1 19  ? 0.318   9.709   -11.102 1.00 0.86  ? 19  LYS A HB3  1 
ATOM   169  H  HG2  . LYS A 1 19  ? -0.203  11.209  -12.775 1.00 1.72  ? 19  LYS A HG2  1 
ATOM   170  H  HG3  . LYS A 1 19  ? -0.506  9.941   -13.963 1.00 1.54  ? 19  LYS A HG3  1 
ATOM   171  H  HD2  . LYS A 1 19  ? -2.709  10.086  -13.545 1.00 1.75  ? 19  LYS A HD2  1 
ATOM   172  H  HD3  . LYS A 1 19  ? -2.413  9.623   -11.870 1.00 1.90  ? 19  LYS A HD3  1 
ATOM   173  H  HE2  . LYS A 1 19  ? -2.946  11.701  -11.202 1.00 1.72  ? 19  LYS A HE2  1 
ATOM   174  H  HE3  . LYS A 1 19  ? -1.616  12.345  -12.165 1.00 1.72  ? 19  LYS A HE3  1 
ATOM   175  H  HZ1  . LYS A 1 19  ? -3.439  11.841  -14.051 1.00 1.85  ? 19  LYS A HZ1  1 
ATOM   176  H  HZ2  . LYS A 1 19  ? -3.263  13.344  -13.286 1.00 1.97  ? 19  LYS A HZ2  1 
ATOM   177  H  HZ3  . LYS A 1 19  ? -4.450  12.254  -12.749 1.00 2.07  ? 19  LYS A HZ3  1 
ATOM   178  N  N    . ALA A 1 20  ? 2.863   8.961   -10.989 1.00 0.46  ? 20  ALA A N    1 
ATOM   179  C  CA   . ALA A 1 20  ? 3.846   8.529   -9.955  1.00 0.47  ? 20  ALA A CA   1 
ATOM   180  C  C    . ALA A 1 20  ? 3.151   8.425   -8.595  1.00 0.42  ? 20  ALA A C    1 
ATOM   181  O  O    . ALA A 1 20  ? 2.457   9.328   -8.173  1.00 0.46  ? 20  ALA A O    1 
ATOM   182  C  CB   . ALA A 1 20  ? 4.980   9.553   -9.872  1.00 0.56  ? 20  ALA A CB   1 
ATOM   183  H  H    . ALA A 1 20  ? 2.729   9.915   -11.169 1.00 0.57  ? 20  ALA A H    1 
ATOM   184  H  HA   . ALA A 1 20  ? 4.251   7.565   -10.226 1.00 0.49  ? 20  ALA A HA   1 
ATOM   185  H  HB1  . ALA A 1 20  ? 5.930   9.041   -9.909  1.00 1.14  ? 20  ALA A HB1  1 
ATOM   186  H  HB2  . ALA A 1 20  ? 4.901   10.101  -8.945  1.00 1.24  ? 20  ALA A HB2  1 
ATOM   187  H  HB3  . ALA A 1 20  ? 4.907   10.239  -10.703 1.00 1.13  ? 20  ALA A HB3  1 
ATOM   188  N  N    . VAL A 1 21  ? 3.339   7.333   -7.905  1.00 0.40  ? 21  VAL A N    1 
ATOM   189  C  CA   . VAL A 1 21  ? 2.695   7.174   -6.570  1.00 0.36  ? 21  VAL A CA   1 
ATOM   190  C  C    . VAL A 1 21  ? 3.510   7.939   -5.526  1.00 0.32  ? 21  VAL A C    1 
ATOM   191  O  O    . VAL A 1 21  ? 4.700   7.734   -5.384  1.00 0.37  ? 21  VAL A O    1 
ATOM   192  C  CB   . VAL A 1 21  ? 2.652   5.691   -6.199  1.00 0.40  ? 21  VAL A CB   1 
ATOM   193  C  CG1  . VAL A 1 21  ? 1.826   5.507   -4.925  1.00 0.40  ? 21  VAL A CG1  1 
ATOM   194  C  CG2  . VAL A 1 21  ? 2.011   4.899   -7.340  1.00 0.50  ? 21  VAL A CG2  1 
ATOM   195  H  H    . VAL A 1 21  ? 3.907   6.619   -8.263  1.00 0.46  ? 21  VAL A H    1 
ATOM   196  H  HA   . VAL A 1 21  ? 1.687   7.566   -6.604  1.00 0.37  ? 21  VAL A HA   1 
ATOM   197  H  HB   . VAL A 1 21  ? 3.659   5.334   -6.030  1.00 0.45  ? 21  VAL A HB   1 
ATOM   198  H  HG11 . VAL A 1 21  ? 1.042   6.248   -4.895  1.00 1.06  ? 21  VAL A HG11 1 
ATOM   199  H  HG12 . VAL A 1 21  ? 2.465   5.624   -4.061  1.00 1.13  ? 21  VAL A HG12 1 
ATOM   200  H  HG13 . VAL A 1 21  ? 1.390   4.519   -4.919  1.00 1.07  ? 21  VAL A HG13 1 
ATOM   201  H  HG21 . VAL A 1 21  ? 1.846   5.552   -8.183  1.00 1.11  ? 21  VAL A HG21 1 
ATOM   202  H  HG22 . VAL A 1 21  ? 1.068   4.490   -7.010  1.00 1.10  ? 21  VAL A HG22 1 
ATOM   203  H  HG23 . VAL A 1 21  ? 2.670   4.093   -7.633  1.00 1.18  ? 21  VAL A HG23 1 
ATOM   204  N  N    . LEU A 1 22  ? 2.887   8.825   -4.798  1.00 0.32  ? 22  LEU A N    1 
ATOM   205  C  CA   . LEU A 1 22  ? 3.636   9.605   -3.772  1.00 0.33  ? 22  LEU A CA   1 
ATOM   206  C  C    . LEU A 1 22  ? 3.009   9.388   -2.395  1.00 0.34  ? 22  LEU A C    1 
ATOM   207  O  O    . LEU A 1 22  ? 1.841   9.646   -2.188  1.00 0.62  ? 22  LEU A O    1 
ATOM   208  C  CB   . LEU A 1 22  ? 3.569   11.093  -4.121  1.00 0.40  ? 22  LEU A CB   1 
ATOM   209  C  CG   . LEU A 1 22  ? 3.729   11.273  -5.631  1.00 0.44  ? 22  LEU A CG   1 
ATOM   210  C  CD1  . LEU A 1 22  ? 3.649   12.760  -5.978  1.00 0.92  ? 22  LEU A CD1  1 
ATOM   211  C  CD2  . LEU A 1 22  ? 5.087   10.721  -6.070  1.00 0.86  ? 22  LEU A CD2  1 
ATOM   212  H  H    . LEU A 1 22  ? 1.929   8.981   -4.930  1.00 0.38  ? 22  LEU A H    1 
ATOM   213  H  HA   . LEU A 1 22  ? 4.666   9.285   -3.756  1.00 0.35  ? 22  LEU A HA   1 
ATOM   214  H  HB2  . LEU A 1 22  ? 2.615   11.491  -3.809  1.00 0.54  ? 22  LEU A HB2  1 
ATOM   215  H  HB3  . LEU A 1 22  ? 4.362   11.616  -3.610  1.00 0.59  ? 22  LEU A HB3  1 
ATOM   216  H  HG   . LEU A 1 22  ? 2.939   10.741  -6.141  1.00 0.88  ? 22  LEU A HG   1 
ATOM   217  H  HD11 . LEU A 1 22  ? 2.642   13.005  -6.281  1.00 1.59  ? 22  LEU A HD11 1 
ATOM   218  H  HD12 . LEU A 1 22  ? 4.331   12.979  -6.787  1.00 1.41  ? 22  LEU A HD12 1 
ATOM   219  H  HD13 . LEU A 1 22  ? 3.917   13.348  -5.113  1.00 1.45  ? 22  LEU A HD13 1 
ATOM   220  H  HD21 . LEU A 1 22  ? 4.943   9.792   -6.601  1.00 1.37  ? 22  LEU A HD21 1 
ATOM   221  H  HD22 . LEU A 1 22  ? 5.703   10.547  -5.200  1.00 1.45  ? 22  LEU A HD22 1 
ATOM   222  H  HD23 . LEU A 1 22  ? 5.574   11.434  -6.718  1.00 1.48  ? 22  LEU A HD23 1 
ATOM   223  N  N    . CYS A 1 23  ? 3.775   8.930   -1.445  1.00 0.31  ? 23  CYS A N    1 
ATOM   224  C  CA   . CYS A 1 23  ? 3.210   8.717   -0.087  1.00 0.30  ? 23  CYS A CA   1 
ATOM   225  C  C    . CYS A 1 23  ? 2.449   9.973   0.330   1.00 0.34  ? 23  CYS A C    1 
ATOM   226  O  O    . CYS A 1 23  ? 3.027   10.917  0.830   1.00 0.38  ? 23  CYS A O    1 
ATOM   227  C  CB   . CYS A 1 23  ? 4.335   8.456   0.914   1.00 0.33  ? 23  CYS A CB   1 
ATOM   228  S  SG   . CYS A 1 23  ? 3.678   7.527   2.323   1.00 0.42  ? 23  CYS A SG   1 
ATOM   229  H  H    . CYS A 1 23  ? 4.718   8.734   -1.623  1.00 0.53  ? 23  CYS A H    1 
ATOM   230  H  HA   . CYS A 1 23  ? 2.535   7.874   -0.103  1.00 0.30  ? 23  CYS A HA   1 
ATOM   231  H  HB2  . CYS A 1 23  ? 5.117   7.884   0.437   1.00 0.35  ? 23  CYS A HB2  1 
ATOM   232  H  HB3  . CYS A 1 23  ? 4.736   9.398   1.259   1.00 0.36  ? 23  CYS A HB3  1 
ATOM   233  N  N    . GLN A 1 24  ? 1.161   9.991   0.121   1.00 0.42  ? 24  GLN A N    1 
ATOM   234  C  CA   . GLN A 1 24  ? 0.356   11.187  0.498   1.00 0.51  ? 24  GLN A CA   1 
ATOM   235  C  C    . GLN A 1 24  ? 0.488   11.451  2.000   1.00 0.53  ? 24  GLN A C    1 
ATOM   236  O  O    . GLN A 1 24  ? 0.119   12.500  2.489   1.00 0.61  ? 24  GLN A O    1 
ATOM   237  C  CB   . GLN A 1 24  ? -1.116  10.943  0.150   1.00 0.60  ? 24  GLN A CB   1 
ATOM   238  C  CG   . GLN A 1 24  ? -1.542  9.563   0.650   1.00 0.87  ? 24  GLN A CG   1 
ATOM   239  C  CD   . GLN A 1 24  ? -2.396  9.716   1.909   1.00 1.60  ? 24  GLN A CD   1 
ATOM   240  O  OE1  . GLN A 1 24  ? -2.019  10.411  2.832   1.00 1.99  ? 24  GLN A OE1  1 
ATOM   241  N  NE2  . GLN A 1 24  ? -3.539  9.090   1.989   1.00 2.36  ? 24  GLN A NE2  1 
ATOM   242  H  H    . GLN A 1 24  ? 0.724   9.217   -0.291  1.00 0.46  ? 24  GLN A H    1 
ATOM   243  H  HA   . GLN A 1 24  ? 0.714   12.046  -0.049  1.00 0.56  ? 24  GLN A HA   1 
ATOM   244  H  HB2  . GLN A 1 24  ? -1.726  11.700  0.619   1.00 1.05  ? 24  GLN A HB2  1 
ATOM   245  H  HB3  . GLN A 1 24  ? -1.245  10.992  -0.921  1.00 1.07  ? 24  GLN A HB3  1 
ATOM   246  H  HG2  . GLN A 1 24  ? -2.118  9.065   -0.117  1.00 1.11  ? 24  GLN A HG2  1 
ATOM   247  H  HG3  . GLN A 1 24  ? -0.667  8.976   0.879   1.00 1.19  ? 24  GLN A HG3  1 
ATOM   248  H  HE21 . GLN A 1 24  ? -3.843  8.529   1.246   1.00 2.68  ? 24  GLN A HE21 1 
ATOM   249  H  HE22 . GLN A 1 24  ? -4.093  9.183   2.793   1.00 2.84  ? 24  GLN A HE22 1 
ATOM   250  N  N    . ARG A 1 25  ? 1.016   10.512  2.739   1.00 0.49  ? 25  ARG A N    1 
ATOM   251  C  CA   . ARG A 1 25  ? 1.171   10.722  4.207   1.00 0.56  ? 25  ARG A CA   1 
ATOM   252  C  C    . ARG A 1 25  ? 2.402   11.591  4.465   1.00 0.57  ? 25  ARG A C    1 
ATOM   253  O  O    . ARG A 1 25  ? 2.431   12.389  5.381   1.00 0.72  ? 25  ARG A O    1 
ATOM   254  C  CB   . ARG A 1 25  ? 1.346   9.369   4.901   1.00 0.57  ? 25  ARG A CB   1 
ATOM   255  C  CG   . ARG A 1 25  ? -0.004  8.891   5.439   1.00 1.04  ? 25  ARG A CG   1 
ATOM   256  C  CD   . ARG A 1 25  ? -0.059  9.116   6.951   1.00 1.32  ? 25  ARG A CD   1 
ATOM   257  N  NE   . ARG A 1 25  ? -1.480  9.146   7.396   1.00 1.64  ? 25  ARG A NE   1 
ATOM   258  C  CZ   . ARG A 1 25  ? -1.851  9.966   8.340   1.00 2.11  ? 25  ARG A CZ   1 
ATOM   259  N  NH1  . ARG A 1 25  ? -1.418  11.198  8.342   1.00 2.68  ? 25  ARG A NH1  1 
ATOM   260  N  NH2  . ARG A 1 25  ? -2.656  9.557   9.283   1.00 2.73  ? 25  ARG A NH2  1 
ATOM   261  H  H    . ARG A 1 25  ? 1.309   9.672   2.332   1.00 0.45  ? 25  ARG A H    1 
ATOM   262  H  HA   . ARG A 1 25  ? 0.292   11.215  4.596   1.00 0.62  ? 25  ARG A HA   1 
ATOM   263  H  HB2  . ARG A 1 25  ? 1.728   8.648   4.191   1.00 0.88  ? 25  ARG A HB2  1 
ATOM   264  H  HB3  . ARG A 1 25  ? 2.042   9.472   5.719   1.00 0.81  ? 25  ARG A HB3  1 
ATOM   265  H  HG2  . ARG A 1 25  ? -0.798  9.448   4.961   1.00 1.82  ? 25  ARG A HG2  1 
ATOM   266  H  HG3  . ARG A 1 25  ? -0.124  7.840   5.228   1.00 1.66  ? 25  ARG A HG3  1 
ATOM   267  H  HD2  . ARG A 1 25  ? 0.458   8.312   7.452   1.00 1.79  ? 25  ARG A HD2  1 
ATOM   268  H  HD3  . ARG A 1 25  ? 0.415   10.055  7.193   1.00 2.05  ? 25  ARG A HD3  1 
ATOM   269  H  HE   . ARG A 1 25  ? -2.137  8.549   6.980   1.00 2.11  ? 25  ARG A HE   1 
ATOM   270  H  HH11 . ARG A 1 25  ? -0.802  11.512  7.620   1.00 2.91  ? 25  ARG A HH11 1 
ATOM   271  H  HH12 . ARG A 1 25  ? -1.702  11.827  9.065   1.00 3.25  ? 25  ARG A HH12 1 
ATOM   272  H  HH21 . ARG A 1 25  ? -2.988  8.614   9.282   1.00 2.98  ? 25  ARG A HH21 1 
ATOM   273  H  HH22 . ARG A 1 25  ? -2.941  10.186  10.006  1.00 3.31  ? 25  ARG A HH22 1 
ATOM   274  N  N    . CYS A 1 26  ? 3.418   11.448  3.659   1.00 0.50  ? 26  CYS A N    1 
ATOM   275  C  CA   . CYS A 1 26  ? 4.645   12.270  3.849   1.00 0.55  ? 26  CYS A CA   1 
ATOM   276  C  C    . CYS A 1 26  ? 5.079   12.845  2.500   1.00 0.51  ? 26  CYS A C    1 
ATOM   277  O  O    . CYS A 1 26  ? 6.237   13.148  2.286   1.00 0.52  ? 26  CYS A O    1 
ATOM   278  C  CB   . CYS A 1 26  ? 5.765   11.397  4.422   1.00 0.57  ? 26  CYS A CB   1 
ATOM   279  S  SG   . CYS A 1 26  ? 6.228   10.132  3.213   1.00 0.47  ? 26  CYS A SG   1 
ATOM   280  H  H    . CYS A 1 26  ? 3.372   10.801  2.923   1.00 0.50  ? 26  CYS A H    1 
ATOM   281  H  HA   . CYS A 1 26  ? 4.433   13.079  4.533   1.00 0.66  ? 26  CYS A HA   1 
ATOM   282  H  HB2  . CYS A 1 26  ? 6.624   12.014  4.644   1.00 0.62  ? 26  CYS A HB2  1 
ATOM   283  H  HB3  . CYS A 1 26  ? 5.423   10.920  5.328   1.00 0.67  ? 26  CYS A HB3  1 
ATOM   284  N  N    . GLY A 1 27  ? 4.155   12.997  1.589   1.00 0.51  ? 27  GLY A N    1 
ATOM   285  C  CA   . GLY A 1 27  ? 4.499   13.550  0.251   1.00 0.53  ? 27  GLY A CA   1 
ATOM   286  C  C    . GLY A 1 27  ? 5.816   12.942  -0.232  1.00 0.47  ? 27  GLY A C    1 
ATOM   287  O  O    . GLY A 1 27  ? 6.622   13.598  -0.861  1.00 0.53  ? 27  GLY A O    1 
ATOM   288  H  H    . GLY A 1 27  ? 3.230   12.747  1.788   1.00 0.53  ? 27  GLY A H    1 
ATOM   289  H  HA2  . GLY A 1 27  ? 3.712   13.312  -0.451  1.00 0.52  ? 27  GLY A HA2  1 
ATOM   290  H  HA3  . GLY A 1 27  ? 4.605   14.621  0.322   1.00 0.62  ? 27  GLY A HA3  1 
ATOM   291  N  N    . SER A 1 28  ? 6.042   11.692  0.063   1.00 0.41  ? 28  SER A N    1 
ATOM   292  C  CA   . SER A 1 28  ? 7.313   11.044  -0.376  1.00 0.42  ? 28  SER A CA   1 
ATOM   293  C  C    . SER A 1 28  ? 7.121   10.396  -1.749  1.00 0.44  ? 28  SER A C    1 
ATOM   294  O  O    . SER A 1 28  ? 6.016   10.242  -2.226  1.00 0.85  ? 28  SER A O    1 
ATOM   295  C  CB   . SER A 1 28  ? 7.717   9.974   0.638   1.00 0.43  ? 28  SER A CB   1 
ATOM   296  O  OG   . SER A 1 28  ? 8.747   9.167   0.086   1.00 1.06  ? 28  SER A OG   1 
ATOM   297  H  H    . SER A 1 28  ? 5.377   11.180  0.574   1.00 0.40  ? 28  SER A H    1 
ATOM   298  H  HA   . SER A 1 28  ? 8.092   11.789  -0.438  1.00 0.48  ? 28  SER A HA   1 
ATOM   299  H  HB2  . SER A 1 28  ? 8.079   10.444  1.537   1.00 0.80  ? 28  SER A HB2  1 
ATOM   300  H  HB3  . SER A 1 28  ? 6.856   9.363   0.877   1.00 0.83  ? 28  SER A HB3  1 
ATOM   301  H  HG   . SER A 1 28  ? 9.357   8.941   0.792   1.00 1.49  ? 28  SER A HG   1 
ATOM   302  N  N    . ARG A 1 29  ? 8.194   10.010  -2.385  1.00 0.45  ? 29  ARG A N    1 
ATOM   303  C  CA   . ARG A 1 29  ? 8.079   9.363   -3.723  1.00 0.45  ? 29  ARG A CA   1 
ATOM   304  C  C    . ARG A 1 29  ? 7.973   7.846   -3.538  1.00 0.44  ? 29  ARG A C    1 
ATOM   305  O  O    . ARG A 1 29  ? 8.964   7.162   -3.379  1.00 0.56  ? 29  ARG A O    1 
ATOM   306  C  CB   . ARG A 1 29  ? 9.319   9.691   -4.558  1.00 0.57  ? 29  ARG A CB   1 
ATOM   307  C  CG   . ARG A 1 29  ? 8.927   10.619  -5.710  1.00 1.21  ? 29  ARG A CG   1 
ATOM   308  C  CD   . ARG A 1 29  ? 10.185  11.070  -6.454  1.00 1.58  ? 29  ARG A CD   1 
ATOM   309  N  NE   . ARG A 1 29  ? 9.835   12.162  -7.404  1.00 1.91  ? 29  ARG A NE   1 
ATOM   310  C  CZ   . ARG A 1 29  ? 10.729  13.056  -7.729  1.00 2.37  ? 29  ARG A CZ   1 
ATOM   311  N  NH1  . ARG A 1 29  ? 11.986  12.858  -7.438  1.00 2.89  ? 29  ARG A NH1  1 
ATOM   312  N  NH2  . ARG A 1 29  ? 10.366  14.150  -8.342  1.00 2.97  ? 29  ARG A NH2  1 
ATOM   313  H  H    . ARG A 1 29  ? 9.077   10.141  -1.980  1.00 0.77  ? 29  ARG A H    1 
ATOM   314  H  HA   . ARG A 1 29  ? 7.196   9.728   -4.225  1.00 0.43  ? 29  ARG A HA   1 
ATOM   315  H  HB2  . ARG A 1 29  ? 10.053  10.180  -3.934  1.00 1.22  ? 29  ARG A HB2  1 
ATOM   316  H  HB3  . ARG A 1 29  ? 9.735   8.780   -4.958  1.00 1.04  ? 29  ARG A HB3  1 
ATOM   317  H  HG2  . ARG A 1 29  ? 8.273   10.093  -6.389  1.00 1.80  ? 29  ARG A HG2  1 
ATOM   318  H  HG3  . ARG A 1 29  ? 8.415   11.485  -5.316  1.00 1.91  ? 29  ARG A HG3  1 
ATOM   319  H  HD2  . ARG A 1 29  ? 10.915  11.430  -5.743  1.00 2.15  ? 29  ARG A HD2  1 
ATOM   320  H  HD3  . ARG A 1 29  ? 10.598  10.235  -7.001  1.00 2.06  ? 29  ARG A HD3  1 
ATOM   321  H  HE   . ARG A 1 29  ? 8.935   12.210  -7.787  1.00 2.33  ? 29  ARG A HE   1 
ATOM   322  H  HH11 . ARG A 1 29  ? 12.265  12.021  -6.968  1.00 3.10  ? 29  ARG A HH11 1 
ATOM   323  H  HH12 . ARG A 1 29  ? 12.671  13.543  -7.687  1.00 3.43  ? 29  ARG A HH12 1 
ATOM   324  H  HH21 . ARG A 1 29  ? 9.403   14.303  -8.563  1.00 3.20  ? 29  ARG A HH21 1 
ATOM   325  H  HH22 . ARG A 1 29  ? 11.050  14.835  -8.590  1.00 3.53  ? 29  ARG A HH22 1 
ATOM   326  N  N    . VAL A 1 30  ? 6.781   7.314   -3.552  1.00 0.40  ? 30  VAL A N    1 
ATOM   327  C  CA   . VAL A 1 30  ? 6.621   5.843   -3.370  1.00 0.49  ? 30  VAL A CA   1 
ATOM   328  C  C    . VAL A 1 30  ? 7.115   5.110   -4.619  1.00 0.52  ? 30  VAL A C    1 
ATOM   329  O  O    . VAL A 1 30  ? 8.185   4.537   -4.630  1.00 0.67  ? 30  VAL A O    1 
ATOM   330  C  CB   . VAL A 1 30  ? 5.147   5.512   -3.133  1.00 0.56  ? 30  VAL A CB   1 
ATOM   331  C  CG1  . VAL A 1 30  ? 5.001   4.018   -2.836  1.00 0.72  ? 30  VAL A CG1  1 
ATOM   332  C  CG2  . VAL A 1 30  ? 4.629   6.319   -1.941  1.00 0.63  ? 30  VAL A CG2  1 
ATOM   333  H  H    . VAL A 1 30  ? 5.991   7.882   -3.677  1.00 0.38  ? 30  VAL A H    1 
ATOM   334  H  HA   . VAL A 1 30  ? 7.201   5.525   -2.516  1.00 0.56  ? 30  VAL A HA   1 
ATOM   335  H  HB   . VAL A 1 30  ? 4.575   5.761   -4.015  1.00 0.59  ? 30  VAL A HB   1 
ATOM   336  H  HG11 . VAL A 1 30  ? 3.955   3.774   -2.722  1.00 1.29  ? 30  VAL A HG11 1 
ATOM   337  H  HG12 . VAL A 1 30  ? 5.527   3.780   -1.923  1.00 1.30  ? 30  VAL A HG12 1 
ATOM   338  H  HG13 . VAL A 1 30  ? 5.418   3.446   -3.652  1.00 1.21  ? 30  VAL A HG13 1 
ATOM   339  H  HG21 . VAL A 1 30  ? 5.398   6.996   -1.603  1.00 1.27  ? 30  VAL A HG21 1 
ATOM   340  H  HG22 . VAL A 1 30  ? 4.363   5.646   -1.140  1.00 1.21  ? 30  VAL A HG22 1 
ATOM   341  H  HG23 . VAL A 1 30  ? 3.757   6.883   -2.241  1.00 1.16  ? 30  VAL A HG23 1 
ATOM   342  N  N    . LEU A 1 31  ? 6.340   5.115   -5.670  1.00 0.46  ? 31  LEU A N    1 
ATOM   343  C  CA   . LEU A 1 31  ? 6.768   4.411   -6.911  1.00 0.52  ? 31  LEU A CA   1 
ATOM   344  C  C    . LEU A 1 31  ? 6.775   5.391   -8.086  1.00 0.46  ? 31  LEU A C    1 
ATOM   345  O  O    . LEU A 1 31  ? 6.194   6.457   -8.023  1.00 0.50  ? 31  LEU A O    1 
ATOM   346  C  CB   . LEU A 1 31  ? 5.793   3.270   -7.208  1.00 0.61  ? 31  LEU A CB   1 
ATOM   347  C  CG   . LEU A 1 31  ? 6.196   2.031   -6.406  1.00 0.82  ? 31  LEU A CG   1 
ATOM   348  C  CD1  . LEU A 1 31  ? 5.003   1.080   -6.300  1.00 1.58  ? 31  LEU A CD1  1 
ATOM   349  C  CD2  . LEU A 1 31  ? 7.352   1.321   -7.114  1.00 1.35  ? 31  LEU A CD2  1 
ATOM   350  H  H    . LEU A 1 31  ? 5.478   5.580   -5.642  1.00 0.47  ? 31  LEU A H    1 
ATOM   351  H  HA   . LEU A 1 31  ? 7.760   4.009   -6.773  1.00 0.61  ? 31  LEU A HA   1 
ATOM   352  H  HB2  . LEU A 1 31  ? 4.792   3.569   -6.931  1.00 0.96  ? 31  LEU A HB2  1 
ATOM   353  H  HB3  . LEU A 1 31  ? 5.820   3.037   -8.262  1.00 0.84  ? 31  LEU A HB3  1 
ATOM   354  H  HG   . LEU A 1 31  ? 6.507   2.330   -5.415  1.00 1.63  ? 31  LEU A HG   1 
ATOM   355  H  HD11 . LEU A 1 31  ? 4.180   1.587   -5.818  1.00 2.22  ? 31  LEU A HD11 1 
ATOM   356  H  HD12 . LEU A 1 31  ? 5.283   0.215   -5.718  1.00 2.14  ? 31  LEU A HD12 1 
ATOM   357  H  HD13 . LEU A 1 31  ? 4.702   0.768   -7.289  1.00 1.92  ? 31  LEU A HD13 1 
ATOM   358  H  HD21 . LEU A 1 31  ? 6.956   0.592   -7.806  1.00 1.86  ? 31  LEU A HD21 1 
ATOM   359  H  HD22 . LEU A 1 31  ? 7.972   0.824   -6.383  1.00 1.95  ? 31  LEU A HD22 1 
ATOM   360  H  HD23 . LEU A 1 31  ? 7.942   2.046   -7.654  1.00 1.84  ? 31  LEU A HD23 1 
ATOM   361  N  N    . GLN A 1 32  ? 7.430   5.038   -9.158  1.00 0.47  ? 32  GLN A N    1 
ATOM   362  C  CA   . GLN A 1 32  ? 7.478   5.945   -10.338 1.00 0.46  ? 32  GLN A CA   1 
ATOM   363  C  C    . GLN A 1 32  ? 6.317   5.615   -11.283 1.00 0.43  ? 32  GLN A C    1 
ATOM   364  O  O    . GLN A 1 32  ? 5.696   4.577   -11.162 1.00 0.45  ? 32  GLN A O    1 
ATOM   365  C  CB   . GLN A 1 32  ? 8.804   5.753   -11.076 1.00 0.52  ? 32  GLN A CB   1 
ATOM   366  C  CG   . GLN A 1 32  ? 9.836   6.746   -10.538 1.00 1.03  ? 32  GLN A CG   1 
ATOM   367  C  CD   . GLN A 1 32  ? 11.193  6.477   -11.191 1.00 1.50  ? 32  GLN A CD   1 
ATOM   368  O  OE1  . GLN A 1 32  ? 11.570  5.338   -11.388 1.00 2.15  ? 32  GLN A OE1  1 
ATOM   369  N  NE2  . GLN A 1 32  ? 11.947  7.483   -11.537 1.00 2.12  ? 32  GLN A NE2  1 
ATOM   370  H  H    . GLN A 1 32  ? 7.891   4.173   -9.187  1.00 0.54  ? 32  GLN A H    1 
ATOM   371  H  HA   . GLN A 1 32  ? 7.393   6.970   -10.008 1.00 0.49  ? 32  GLN A HA   1 
ATOM   372  H  HB2  . GLN A 1 32  ? 9.159   4.744   -10.921 1.00 0.98  ? 32  GLN A HB2  1 
ATOM   373  H  HB3  . GLN A 1 32  ? 8.658   5.925   -12.132 1.00 0.89  ? 32  GLN A HB3  1 
ATOM   374  H  HG2  . GLN A 1 32  ? 9.519   7.753   -10.766 1.00 1.56  ? 32  GLN A HG2  1 
ATOM   375  H  HG3  . GLN A 1 32  ? 9.924   6.629   -9.468  1.00 1.65  ? 32  GLN A HG3  1 
ATOM   376  H  HE21 . GLN A 1 32  ? 11.643  8.402   -11.378 1.00 2.45  ? 32  GLN A HE21 1 
ATOM   377  H  HE22 . GLN A 1 32  ? 12.818  7.321   -11.956 1.00 2.65  ? 32  GLN A HE22 1 
ATOM   378  N  N    . PRO A 1 33  ? 6.060   6.514   -12.199 1.00 0.45  ? 33  PRO A N    1 
ATOM   379  C  CA   . PRO A 1 33  ? 4.979   6.354   -13.185 1.00 0.48  ? 33  PRO A CA   1 
ATOM   380  C  C    . PRO A 1 33  ? 5.391   5.353   -14.267 1.00 0.44  ? 33  PRO A C    1 
ATOM   381  O  O    . PRO A 1 33  ? 5.959   5.714   -15.279 1.00 0.47  ? 33  PRO A O    1 
ATOM   382  C  CB   . PRO A 1 33  ? 4.809   7.761   -13.766 1.00 0.57  ? 33  PRO A CB   1 
ATOM   383  C  CG   . PRO A 1 33  ? 6.140   8.504   -13.504 1.00 0.58  ? 33  PRO A CG   1 
ATOM   384  C  CD   . PRO A 1 33  ? 6.831   7.767   -12.342 1.00 0.52  ? 33  PRO A CD   1 
ATOM   385  H  HA   . PRO A 1 33  ? 4.067   6.041   -12.703 1.00 0.53  ? 33  PRO A HA   1 
ATOM   386  H  HB2  . PRO A 1 33  ? 4.614   7.701   -14.829 1.00 0.59  ? 33  PRO A HB2  1 
ATOM   387  H  HB3  . PRO A 1 33  ? 4.002   8.274   -13.268 1.00 0.65  ? 33  PRO A HB3  1 
ATOM   388  H  HG2  . PRO A 1 33  ? 6.761   8.472   -14.390 1.00 0.58  ? 33  PRO A HG2  1 
ATOM   389  H  HG3  . PRO A 1 33  ? 5.945   9.527   -13.224 1.00 0.68  ? 33  PRO A HG3  1 
ATOM   390  H  HD2  . PRO A 1 33  ? 7.862   7.556   -12.590 1.00 0.52  ? 33  PRO A HD2  1 
ATOM   391  H  HD3  . PRO A 1 33  ? 6.770   8.348   -11.435 1.00 0.58  ? 33  PRO A HD3  1 
ATOM   392  N  N    . GLY A 1 34  ? 5.110   4.098   -14.057 1.00 0.44  ? 34  GLY A N    1 
ATOM   393  C  CA   . GLY A 1 34  ? 5.485   3.068   -15.066 1.00 0.46  ? 34  GLY A CA   1 
ATOM   394  C  C    . GLY A 1 34  ? 6.308   1.968   -14.392 1.00 0.45  ? 34  GLY A C    1 
ATOM   395  O  O    . GLY A 1 34  ? 6.817   1.076   -15.041 1.00 0.49  ? 34  GLY A O    1 
ATOM   396  H  H    . GLY A 1 34  ? 4.653   3.831   -13.233 1.00 0.49  ? 34  GLY A H    1 
ATOM   397  H  HA2  . GLY A 1 34  ? 4.589   2.640   -15.492 1.00 0.52  ? 34  GLY A HA2  1 
ATOM   398  H  HA3  . GLY A 1 34  ? 6.073   3.525   -15.846 1.00 0.48  ? 34  GLY A HA3  1 
ATOM   399  N  N    . THR A 1 35  ? 6.447   2.024   -13.094 1.00 0.42  ? 35  THR A N    1 
ATOM   400  C  CA   . THR A 1 35  ? 7.239   0.979   -12.386 1.00 0.44  ? 35  THR A CA   1 
ATOM   401  C  C    . THR A 1 35  ? 6.330   0.209   -11.426 1.00 0.41  ? 35  THR A C    1 
ATOM   402  O  O    . THR A 1 35  ? 6.745   -0.203  -10.360 1.00 0.46  ? 35  THR A O    1 
ATOM   403  C  CB   . THR A 1 35  ? 8.370   1.643   -11.598 1.00 0.50  ? 35  THR A CB   1 
ATOM   404  O  OG1  . THR A 1 35  ? 7.878   2.818   -10.968 1.00 0.61  ? 35  THR A OG1  1 
ATOM   405  C  CG2  . THR A 1 35  ? 9.512   2.010   -12.547 1.00 0.67  ? 35  THR A CG2  1 
ATOM   406  H  H    . THR A 1 35  ? 6.030   2.751   -12.585 1.00 0.42  ? 35  THR A H    1 
ATOM   407  H  HA   . THR A 1 35  ? 7.659   0.295   -13.109 1.00 0.46  ? 35  THR A HA   1 
ATOM   408  H  HB   . THR A 1 35  ? 8.736   0.959   -10.848 1.00 0.61  ? 35  THR A HB   1 
ATOM   409  H  HG1  . THR A 1 35  ? 7.435   2.558   -10.158 1.00 1.03  ? 35  THR A HG1  1 
ATOM   410  H  HG21 . THR A 1 35  ? 9.875   1.116   -13.033 1.00 1.20  ? 35  THR A HG21 1 
ATOM   411  H  HG22 . THR A 1 35  ? 10.313  2.466   -11.986 1.00 1.15  ? 35  THR A HG22 1 
ATOM   412  H  HG23 . THR A 1 35  ? 9.152   2.703   -13.292 1.00 1.33  ? 35  THR A HG23 1 
ATOM   413  N  N    . ALA A 1 36  ? 5.094   0.011   -11.793 1.00 0.37  ? 36  ALA A N    1 
ATOM   414  C  CA   . ALA A 1 36  ? 4.163   -0.733  -10.897 1.00 0.39  ? 36  ALA A CA   1 
ATOM   415  C  C    . ALA A 1 36  ? 2.994   -1.287  -11.714 1.00 0.35  ? 36  ALA A C    1 
ATOM   416  O  O    . ALA A 1 36  ? 2.341   -0.574  -12.448 1.00 0.39  ? 36  ALA A O    1 
ATOM   417  C  CB   . ALA A 1 36  ? 3.621   0.211   -9.822  1.00 0.46  ? 36  ALA A CB   1 
ATOM   418  H  H    . ALA A 1 36  ? 4.777   0.351   -12.655 1.00 0.37  ? 36  ALA A H    1 
ATOM   419  H  HA   . ALA A 1 36  ? 4.691   -1.550  -10.426 1.00 0.43  ? 36  ALA A HA   1 
ATOM   420  H  HB1  . ALA A 1 36  ? 3.999   1.208   -9.995  1.00 1.09  ? 36  ALA A HB1  1 
ATOM   421  H  HB2  . ALA A 1 36  ? 3.941   -0.131  -8.848  1.00 1.07  ? 36  ALA A HB2  1 
ATOM   422  H  HB3  . ALA A 1 36  ? 2.541   0.223   -9.863  1.00 1.18  ? 36  ALA A HB3  1 
ATOM   423  N  N    . LEU A 1 37  ? 2.723   -2.555  -11.582 1.00 0.39  ? 37  LEU A N    1 
ATOM   424  C  CA   . LEU A 1 37  ? 1.593   -3.163  -12.338 1.00 0.39  ? 37  LEU A CA   1 
ATOM   425  C  C    . LEU A 1 37  ? 0.284   -2.837  -11.616 1.00 0.41  ? 37  LEU A C    1 
ATOM   426  O  O    . LEU A 1 37  ? 0.289   -2.432  -10.476 1.00 0.69  ? 37  LEU A O    1 
ATOM   427  C  CB   . LEU A 1 37  ? 1.786   -4.679  -12.388 1.00 0.45  ? 37  LEU A CB   1 
ATOM   428  C  CG   . LEU A 1 37  ? 0.911   -5.280  -13.487 1.00 0.95  ? 37  LEU A CG   1 
ATOM   429  C  CD1  . LEU A 1 37  ? 1.611   -6.502  -14.077 1.00 1.46  ? 37  LEU A CD1  1 
ATOM   430  C  CD2  . LEU A 1 37  ? -0.428  -5.710  -12.890 1.00 1.84  ? 37  LEU A CD2  1 
ATOM   431  H  H    . LEU A 1 37  ? 3.261   -3.109  -10.978 1.00 0.46  ? 37  LEU A H    1 
ATOM   432  H  HA   . LEU A 1 37  ? 1.567   -2.764  -13.341 1.00 0.38  ? 37  LEU A HA   1 
ATOM   433  H  HB2  . LEU A 1 37  ? 2.824   -4.903  -12.594 1.00 0.90  ? 37  LEU A HB2  1 
ATOM   434  H  HB3  . LEU A 1 37  ? 1.508   -5.109  -11.437 1.00 0.95  ? 37  LEU A HB3  1 
ATOM   435  H  HG   . LEU A 1 37  ? 0.747   -4.546  -14.263 1.00 1.75  ? 37  LEU A HG   1 
ATOM   436  H  HD11 . LEU A 1 37  ? 2.485   -6.735  -13.485 1.00 2.08  ? 37  LEU A HD11 1 
ATOM   437  H  HD12 . LEU A 1 37  ? 1.910   -6.289  -15.092 1.00 2.02  ? 37  LEU A HD12 1 
ATOM   438  H  HD13 . LEU A 1 37  ? 0.936   -7.343  -14.067 1.00 1.77  ? 37  LEU A HD13 1 
ATOM   439  H  HD21 . LEU A 1 37  ? -0.590  -6.759  -13.086 1.00 2.35  ? 37  LEU A HD21 1 
ATOM   440  H  HD22 . LEU A 1 37  ? -1.224  -5.133  -13.335 1.00 2.37  ? 37  LEU A HD22 1 
ATOM   441  H  HD23 . LEU A 1 37  ? -0.415  -5.542  -11.823 1.00 2.36  ? 37  LEU A HD23 1 
ATOM   442  N  N    . PHE A 1 38  ? -0.835  -3.007  -12.267 1.00 0.39  ? 38  PHE A N    1 
ATOM   443  C  CA   . PHE A 1 38  ? -2.140  -2.708  -11.602 1.00 0.38  ? 38  PHE A CA   1 
ATOM   444  C  C    . PHE A 1 38  ? -2.677  -3.983  -10.937 1.00 0.37  ? 38  PHE A C    1 
ATOM   445  O  O    . PHE A 1 38  ? -2.392  -5.082  -11.366 1.00 0.48  ? 38  PHE A O    1 
ATOM   446  C  CB   . PHE A 1 38  ? -3.143  -2.213  -12.643 1.00 0.42  ? 38  PHE A CB   1 
ATOM   447  C  CG   . PHE A 1 38  ? -4.341  -1.614  -11.944 1.00 0.42  ? 38  PHE A CG   1 
ATOM   448  C  CD1  . PHE A 1 38  ? -4.161  -0.740  -10.863 1.00 1.24  ? 38  PHE A CD1  1 
ATOM   449  C  CD2  . PHE A 1 38  ? -5.633  -1.933  -12.379 1.00 1.32  ? 38  PHE A CD2  1 
ATOM   450  C  CE1  . PHE A 1 38  ? -5.273  -0.187  -10.220 1.00 1.23  ? 38  PHE A CE1  1 
ATOM   451  C  CE2  . PHE A 1 38  ? -6.746  -1.378  -11.735 1.00 1.36  ? 38  PHE A CE2  1 
ATOM   452  C  CZ   . PHE A 1 38  ? -6.565  -0.505  -10.656 1.00 0.51  ? 38  PHE A CZ   1 
ATOM   453  H  H    . PHE A 1 38  ? -0.820  -3.332  -13.190 1.00 0.59  ? 38  PHE A H    1 
ATOM   454  H  HA   . PHE A 1 38  ? -1.994  -1.946  -10.850 1.00 0.38  ? 38  PHE A HA   1 
ATOM   455  H  HB2  . PHE A 1 38  ? -2.675  -1.462  -13.264 1.00 0.46  ? 38  PHE A HB2  1 
ATOM   456  H  HB3  . PHE A 1 38  ? -3.462  -3.041  -13.259 1.00 0.44  ? 38  PHE A HB3  1 
ATOM   457  H  HD1  . PHE A 1 38  ? -3.165  -0.493  -10.525 1.00 2.14  ? 38  PHE A HD1  1 
ATOM   458  H  HD2  . PHE A 1 38  ? -5.773  -2.606  -13.212 1.00 2.21  ? 38  PHE A HD2  1 
ATOM   459  H  HE1  . PHE A 1 38  ? -5.135  0.486   -9.390  1.00 2.10  ? 38  PHE A HE1  1 
ATOM   460  H  HE2  . PHE A 1 38  ? -7.743  -1.624  -12.070 1.00 2.27  ? 38  PHE A HE2  1 
ATOM   461  H  HZ   . PHE A 1 38  ? -7.423  -0.077  -10.158 1.00 0.57  ? 38  PHE A HZ   1 
ATOM   462  N  N    . SER A 1 39  ? -3.459  -3.852  -9.899  1.00 0.30  ? 39  SER A N    1 
ATOM   463  C  CA   . SER A 1 39  ? -4.008  -5.069  -9.229  1.00 0.32  ? 39  SER A CA   1 
ATOM   464  C  C    . SER A 1 39  ? -5.360  -4.746  -8.588  1.00 0.34  ? 39  SER A C    1 
ATOM   465  O  O    . SER A 1 39  ? -5.428  -4.222  -7.495  1.00 0.53  ? 39  SER A O    1 
ATOM   466  C  CB   . SER A 1 39  ? -3.029  -5.553  -8.151  1.00 0.32  ? 39  SER A CB   1 
ATOM   467  O  OG   . SER A 1 39  ? -3.732  -5.789  -6.938  1.00 0.57  ? 39  SER A OG   1 
ATOM   468  H  H    . SER A 1 39  ? -3.690  -2.960  -9.565  1.00 0.30  ? 39  SER A H    1 
ATOM   469  H  HA   . SER A 1 39  ? -4.141  -5.849  -9.965  1.00 0.35  ? 39  SER A HA   1 
ATOM   470  H  HB2  . SER A 1 39  ? -2.567  -6.471  -8.472  1.00 0.41  ? 39  SER A HB2  1 
ATOM   471  H  HB3  . SER A 1 39  ? -2.262  -4.806  -7.995  1.00 0.34  ? 39  SER A HB3  1 
ATOM   472  H  HG   . SER A 1 39  ? -4.209  -6.617  -7.027  1.00 0.84  ? 39  SER A HG   1 
ATOM   473  N  N    . ARG A 1 40  ? -6.437  -5.064  -9.253  1.00 0.42  ? 40  ARG A N    1 
ATOM   474  C  CA   . ARG A 1 40  ? -7.781  -4.785  -8.673  1.00 0.47  ? 40  ARG A CA   1 
ATOM   475  C  C    . ARG A 1 40  ? -8.188  -5.950  -7.769  1.00 0.44  ? 40  ARG A C    1 
ATOM   476  O  O    . ARG A 1 40  ? -9.286  -6.462  -7.850  1.00 0.49  ? 40  ARG A O    1 
ATOM   477  C  CB   . ARG A 1 40  ? -8.804  -4.630  -9.800  1.00 0.59  ? 40  ARG A CB   1 
ATOM   478  C  CG   . ARG A 1 40  ? -8.923  -5.950  -10.563 1.00 1.23  ? 40  ARG A CG   1 
ATOM   479  C  CD   . ARG A 1 40  ? -9.728  -5.729  -11.844 1.00 1.53  ? 40  ARG A CD   1 
ATOM   480  N  NE   . ARG A 1 40  ? -10.663 -6.871  -12.048 1.00 2.17  ? 40  ARG A NE   1 
ATOM   481  C  CZ   . ARG A 1 40  ? -11.577 -6.809  -12.977 1.00 2.69  ? 40  ARG A CZ   1 
ATOM   482  N  NH1  . ARG A 1 40  ? -12.657 -6.103  -12.783 1.00 3.46  ? 40  ARG A NH1  1 
ATOM   483  N  NH2  . ARG A 1 40  ? -11.410 -7.453  -14.100 1.00 3.02  ? 40  ARG A NH2  1 
ATOM   484  H  H    . ARG A 1 40  ? -6.362  -5.496  -10.131 1.00 0.59  ? 40  ARG A H    1 
ATOM   485  H  HA   . ARG A 1 40  ? -7.740  -3.876  -8.095  1.00 0.46  ? 40  ARG A HA   1 
ATOM   486  H  HB2  . ARG A 1 40  ? -9.764  -4.366  -9.381  1.00 1.09  ? 40  ARG A HB2  1 
ATOM   487  H  HB3  . ARG A 1 40  ? -8.480  -3.854  -10.477 1.00 0.96  ? 40  ARG A HB3  1 
ATOM   488  H  HG2  . ARG A 1 40  ? -7.936  -6.312  -10.814 1.00 1.69  ? 40  ARG A HG2  1 
ATOM   489  H  HG3  . ARG A 1 40  ? -9.427  -6.679  -9.946  1.00 1.78  ? 40  ARG A HG3  1 
ATOM   490  H  HD2  . ARG A 1 40  ? -10.293 -4.812  -11.761 1.00 1.89  ? 40  ARG A HD2  1 
ATOM   491  H  HD3  . ARG A 1 40  ? -9.054  -5.660  -12.686 1.00 1.92  ? 40  ARG A HD3  1 
ATOM   492  H  HE   . ARG A 1 40  ? -10.590 -7.670  -11.485 1.00 2.67  ? 40  ARG A HE   1 
ATOM   493  H  HH11 . ARG A 1 40  ? -12.784 -5.611  -11.922 1.00 3.73  ? 40  ARG A HH11 1 
ATOM   494  H  HH12 . ARG A 1 40  ? -13.358 -6.055  -13.494 1.00 4.05  ? 40  ARG A HH12 1 
ATOM   495  H  HH21 . ARG A 1 40  ? -10.583 -7.993  -14.249 1.00 3.03  ? 40  ARG A HH21 1 
ATOM   496  H  HH22 . ARG A 1 40  ? -12.111 -7.405  -14.813 1.00 3.63  ? 40  ARG A HH22 1 
ATOM   497  N  N    . ARG A 1 41  ? -7.301  -6.374  -6.912  1.00 0.40  ? 41  ARG A N    1 
ATOM   498  C  CA   . ARG A 1 41  ? -7.617  -7.509  -5.999  1.00 0.40  ? 41  ARG A CA   1 
ATOM   499  C  C    . ARG A 1 41  ? -8.203  -6.974  -4.691  1.00 0.37  ? 41  ARG A C    1 
ATOM   500  O  O    . ARG A 1 41  ? -7.659  -6.077  -4.080  1.00 0.36  ? 41  ARG A O    1 
ATOM   501  C  CB   . ARG A 1 41  ? -6.337  -8.291  -5.700  1.00 0.40  ? 41  ARG A CB   1 
ATOM   502  C  CG   . ARG A 1 41  ? -6.697  -9.632  -5.058  1.00 0.65  ? 41  ARG A CG   1 
ATOM   503  C  CD   . ARG A 1 41  ? -5.748  -10.716 -5.573  1.00 1.12  ? 41  ARG A CD   1 
ATOM   504  N  NE   . ARG A 1 41  ? -5.965  -11.973 -4.803  1.00 1.52  ? 41  ARG A NE   1 
ATOM   505  C  CZ   . ARG A 1 41  ? -5.878  -13.128 -5.403  1.00 2.03  ? 41  ARG A CZ   1 
ATOM   506  N  NH1  . ARG A 1 41  ? -6.729  -13.440 -6.343  1.00 2.43  ? 41  ARG A NH1  1 
ATOM   507  N  NH2  . ARG A 1 41  ? -4.942  -13.973 -5.064  1.00 2.86  ? 41  ARG A NH2  1 
ATOM   508  H  H    . ARG A 1 41  ? -6.425  -5.942  -6.869  1.00 0.38  ? 41  ARG A H    1 
ATOM   509  H  HA   . ARG A 1 41  ? -8.335  -8.162  -6.472  1.00 0.45  ? 41  ARG A HA   1 
ATOM   510  H  HB2  . ARG A 1 41  ? -5.798  -8.465  -6.620  1.00 0.55  ? 41  ARG A HB2  1 
ATOM   511  H  HB3  . ARG A 1 41  ? -5.718  -7.725  -5.021  1.00 0.51  ? 41  ARG A HB3  1 
ATOM   512  H  HG2  . ARG A 1 41  ? -6.606  -9.554  -3.984  1.00 1.18  ? 41  ARG A HG2  1 
ATOM   513  H  HG3  . ARG A 1 41  ? -7.712  -9.894  -5.315  1.00 1.28  ? 41  ARG A HG3  1 
ATOM   514  H  HD2  . ARG A 1 41  ? -5.942  -10.897 -6.619  1.00 1.74  ? 41  ARG A HD2  1 
ATOM   515  H  HD3  . ARG A 1 41  ? -4.726  -10.389 -5.447  1.00 1.68  ? 41  ARG A HD3  1 
ATOM   516  H  HE   . ARG A 1 41  ? -6.172  -11.932 -3.847  1.00 1.97  ? 41  ARG A HE   1 
ATOM   517  H  HH11 . ARG A 1 41  ? -7.446  -12.794 -6.603  1.00 2.55  ? 41  ARG A HH11 1 
ATOM   518  H  HH12 . ARG A 1 41  ? -6.663  -14.326 -6.803  1.00 3.05  ? 41  ARG A HH12 1 
ATOM   519  H  HH21 . ARG A 1 41  ? -4.291  -13.734 -4.344  1.00 3.19  ? 41  ARG A HH21 1 
ATOM   520  H  HH22 . ARG A 1 41  ? -4.877  -14.857 -5.524  1.00 3.45  ? 41  ARG A HH22 1 
ATOM   521  N  N    . GLN A 1 42  ? -9.302  -7.525  -4.254  1.00 0.40  ? 42  GLN A N    1 
ATOM   522  C  CA   . GLN A 1 42  ? -9.916  -7.052  -2.982  1.00 0.38  ? 42  GLN A CA   1 
ATOM   523  C  C    . GLN A 1 42  ? -8.940  -7.290  -1.827  1.00 0.35  ? 42  GLN A C    1 
ATOM   524  O  O    . GLN A 1 42  ? -8.839  -8.383  -1.305  1.00 0.41  ? 42  GLN A O    1 
ATOM   525  C  CB   . GLN A 1 42  ? -11.213 -7.823  -2.723  1.00 0.43  ? 42  GLN A CB   1 
ATOM   526  C  CG   . GLN A 1 42  ? -12.391 -6.847  -2.692  1.00 1.27  ? 42  GLN A CG   1 
ATOM   527  C  CD   . GLN A 1 42  ? -13.654 -7.588  -2.248  1.00 1.72  ? 42  GLN A CD   1 
ATOM   528  O  OE1  . GLN A 1 42  ? -13.701 -8.139  -1.167  1.00 2.31  ? 42  GLN A OE1  1 
ATOM   529  N  NE2  . GLN A 1 42  ? -14.688 -7.623  -3.043  1.00 2.26  ? 42  GLN A NE2  1 
ATOM   530  H  H    . GLN A 1 42  ? -9.721  -8.252  -4.760  1.00 0.44  ? 42  GLN A H    1 
ATOM   531  H  HA   . GLN A 1 42  ? -10.134 -5.997  -3.059  1.00 0.38  ? 42  GLN A HA   1 
ATOM   532  H  HB2  . GLN A 1 42  ? -11.364 -8.547  -3.512  1.00 1.05  ? 42  GLN A HB2  1 
ATOM   533  H  HB3  . GLN A 1 42  ? -11.145 -8.333  -1.775  1.00 1.02  ? 42  GLN A HB3  1 
ATOM   534  H  HG2  . GLN A 1 42  ? -12.178 -6.049  -1.996  1.00 1.88  ? 42  GLN A HG2  1 
ATOM   535  H  HG3  . GLN A 1 42  ? -12.545 -6.436  -3.678  1.00 1.83  ? 42  GLN A HG3  1 
ATOM   536  H  HE21 . GLN A 1 42  ? -14.651 -7.179  -3.915  1.00 2.60  ? 42  GLN A HE21 1 
ATOM   537  H  HE22 . GLN A 1 42  ? -15.502 -8.095  -2.768  1.00 2.69  ? 42  GLN A HE22 1 
ATOM   538  N  N    . LEU A 1 43  ? -8.218  -6.279  -1.425  1.00 0.33  ? 43  LEU A N    1 
ATOM   539  C  CA   . LEU A 1 43  ? -7.248  -6.455  -0.307  1.00 0.31  ? 43  LEU A CA   1 
ATOM   540  C  C    . LEU A 1 43  ? -7.812  -5.841  0.973   1.00 0.32  ? 43  LEU A C    1 
ATOM   541  O  O    . LEU A 1 43  ? -8.828  -5.172  0.962   1.00 0.37  ? 43  LEU A O    1 
ATOM   542  C  CB   . LEU A 1 43  ? -5.933  -5.756  -0.650  1.00 0.31  ? 43  LEU A CB   1 
ATOM   543  C  CG   . LEU A 1 43  ? -5.293  -6.432  -1.862  1.00 0.32  ? 43  LEU A CG   1 
ATOM   544  C  CD1  . LEU A 1 43  ? -3.951  -5.765  -2.174  1.00 0.33  ? 43  LEU A CD1  1 
ATOM   545  C  CD2  . LEU A 1 43  ? -5.065  -7.909  -1.547  1.00 0.34  ? 43  LEU A CD2  1 
ATOM   546  H  H    . LEU A 1 43  ? -8.311  -5.407  -1.860  1.00 0.36  ? 43  LEU A H    1 
ATOM   547  H  HA   . LEU A 1 43  ? -7.065  -7.508  -0.151  1.00 0.33  ? 43  LEU A HA   1 
ATOM   548  H  HB2  . LEU A 1 43  ? -6.128  -4.721  -0.873  1.00 0.34  ? 43  LEU A HB2  1 
ATOM   549  H  HB3  . LEU A 1 43  ? -5.260  -5.822  0.192   1.00 0.33  ? 43  LEU A HB3  1 
ATOM   550  H  HG   . LEU A 1 43  ? -5.950  -6.339  -2.715  1.00 0.35  ? 43  LEU A HG   1 
ATOM   551  H  HD11 . LEU A 1 43  ? -3.918  -5.491  -3.220  1.00 1.05  ? 43  LEU A HD11 1 
ATOM   552  H  HD12 . LEU A 1 43  ? -3.148  -6.454  -1.958  1.00 1.04  ? 43  LEU A HD12 1 
ATOM   553  H  HD13 . LEU A 1 43  ? -3.839  -4.880  -1.566  1.00 1.08  ? 43  LEU A HD13 1 
ATOM   554  H  HD21 . LEU A 1 43  ? -5.919  -8.482  -1.872  1.00 1.07  ? 43  LEU A HD21 1 
ATOM   555  H  HD22 . LEU A 1 43  ? -4.932  -8.033  -0.481  1.00 1.04  ? 43  LEU A HD22 1 
ATOM   556  H  HD23 . LEU A 1 43  ? -4.182  -8.253  -2.062  1.00 1.10  ? 43  LEU A HD23 1 
ATOM   557  N  N    . PHE A 1 44  ? -7.151  -6.058  2.075   1.00 0.32  ? 44  PHE A N    1 
ATOM   558  C  CA   . PHE A 1 44  ? -7.632  -5.487  3.360   1.00 0.34  ? 44  PHE A CA   1 
ATOM   559  C  C    . PHE A 1 44  ? -6.474  -4.759  4.050   1.00 0.33  ? 44  PHE A C    1 
ATOM   560  O  O    . PHE A 1 44  ? -5.390  -5.289  4.184   1.00 0.37  ? 44  PHE A O    1 
ATOM   561  C  CB   . PHE A 1 44  ? -8.141  -6.614  4.259   1.00 0.37  ? 44  PHE A CB   1 
ATOM   562  C  CG   . PHE A 1 44  ? -8.310  -6.091  5.657   1.00 0.38  ? 44  PHE A CG   1 
ATOM   563  C  CD1  . PHE A 1 44  ? -9.416  -5.299  5.964   1.00 1.12  ? 44  PHE A CD1  1 
ATOM   564  C  CD2  . PHE A 1 44  ? -7.357  -6.388  6.636   1.00 1.29  ? 44  PHE A CD2  1 
ATOM   565  C  CE1  . PHE A 1 44  ? -9.575  -4.799  7.264   1.00 1.12  ? 44  PHE A CE1  1 
ATOM   566  C  CE2  . PHE A 1 44  ? -7.512  -5.892  7.933   1.00 1.32  ? 44  PHE A CE2  1 
ATOM   567  C  CZ   . PHE A 1 44  ? -8.621  -5.097  8.249   1.00 0.46  ? 44  PHE A CZ   1 
ATOM   568  H  H    . PHE A 1 44  ? -6.332  -6.595  2.055   1.00 0.36  ? 44  PHE A H    1 
ATOM   569  H  HA   . PHE A 1 44  ? -8.433  -4.789  3.168   1.00 0.36  ? 44  PHE A HA   1 
ATOM   570  H  HB2  . PHE A 1 44  ? -9.093  -6.966  3.892   1.00 0.39  ? 44  PHE A HB2  1 
ATOM   571  H  HB3  . PHE A 1 44  ? -7.430  -7.427  4.261   1.00 0.38  ? 44  PHE A HB3  1 
ATOM   572  H  HD1  . PHE A 1 44  ? -10.148 -5.074  5.195   1.00 1.98  ? 44  PHE A HD1  1 
ATOM   573  H  HD2  . PHE A 1 44  ? -6.503  -7.002  6.390   1.00 2.14  ? 44  PHE A HD2  1 
ATOM   574  H  HE1  . PHE A 1 44  ? -10.431 -4.186  7.506   1.00 1.96  ? 44  PHE A HE1  1 
ATOM   575  H  HE2  . PHE A 1 44  ? -6.772  -6.121  8.690   1.00 2.18  ? 44  PHE A HE2  1 
ATOM   576  H  HZ   . PHE A 1 44  ? -8.743  -4.712  9.251   1.00 0.49  ? 44  PHE A HZ   1 
ATOM   577  N  N    . LEU A 1 45  ? -6.693  -3.545  4.483   1.00 0.37  ? 45  LEU A N    1 
ATOM   578  C  CA   . LEU A 1 45  ? -5.599  -2.783  5.153   1.00 0.38  ? 45  LEU A CA   1 
ATOM   579  C  C    . LEU A 1 45  ? -6.060  -2.310  6.540   1.00 0.39  ? 45  LEU A C    1 
ATOM   580  O  O    . LEU A 1 45  ? -6.734  -1.306  6.654   1.00 0.43  ? 45  LEU A O    1 
ATOM   581  C  CB   . LEU A 1 45  ? -5.248  -1.560  4.299   1.00 0.46  ? 45  LEU A CB   1 
ATOM   582  C  CG   . LEU A 1 45  ? -4.077  -1.890  3.370   1.00 0.52  ? 45  LEU A CG   1 
ATOM   583  C  CD1  . LEU A 1 45  ? -4.303  -3.253  2.719   1.00 1.43  ? 45  LEU A CD1  1 
ATOM   584  C  CD2  . LEU A 1 45  ? -3.980  -0.822  2.281   1.00 1.25  ? 45  LEU A CD2  1 
ATOM   585  H  H    . LEU A 1 45  ? -7.573  -3.133  4.360   1.00 0.43  ? 45  LEU A H    1 
ATOM   586  H  HA   . LEU A 1 45  ? -4.727  -3.416  5.251   1.00 0.41  ? 45  LEU A HA   1 
ATOM   587  H  HB2  . LEU A 1 45  ? -6.107  -1.280  3.707   1.00 0.46  ? 45  LEU A HB2  1 
ATOM   588  H  HB3  . LEU A 1 45  ? -4.974  -0.739  4.944   1.00 0.59  ? 45  LEU A HB3  1 
ATOM   589  H  HG   . LEU A 1 45  ? -3.159  -1.911  3.940   1.00 1.38  ? 45  LEU A HG   1 
ATOM   590  H  HD11 . LEU A 1 45  ? -3.772  -3.296  1.780   1.00 2.04  ? 45  LEU A HD11 1 
ATOM   591  H  HD12 . LEU A 1 45  ? -5.360  -3.394  2.541   1.00 1.90  ? 45  LEU A HD12 1 
ATOM   592  H  HD13 . LEU A 1 45  ? -3.940  -4.029  3.375   1.00 2.06  ? 45  LEU A HD13 1 
ATOM   593  H  HD21 . LEU A 1 45  ? -4.402  -1.206  1.363   1.00 1.77  ? 45  LEU A HD21 1 
ATOM   594  H  HD22 . LEU A 1 45  ? -2.943  -0.564  2.121   1.00 1.87  ? 45  LEU A HD22 1 
ATOM   595  H  HD23 . LEU A 1 45  ? -4.527  0.056   2.590   1.00 1.87  ? 45  LEU A HD23 1 
ATOM   596  N  N    . PRO A 1 46  ? -5.671  -3.041  7.553   1.00 0.41  ? 46  PRO A N    1 
ATOM   597  C  CA   . PRO A 1 46  ? -6.023  -2.716  8.950   1.00 0.49  ? 46  PRO A CA   1 
ATOM   598  C  C    . PRO A 1 46  ? -5.154  -1.563  9.459   1.00 0.50  ? 46  PRO A C    1 
ATOM   599  O  O    . PRO A 1 46  ? -3.951  -1.682  9.563   1.00 0.49  ? 46  PRO A O    1 
ATOM   600  C  CB   . PRO A 1 46  ? -5.717  -4.011  9.707   1.00 0.57  ? 46  PRO A CB   1 
ATOM   601  C  CG   . PRO A 1 46  ? -4.702  -4.793  8.841   1.00 0.55  ? 46  PRO A CG   1 
ATOM   602  C  CD   . PRO A 1 46  ? -4.846  -4.255  7.405   1.00 0.45  ? 46  PRO A CD   1 
ATOM   603  H  HA   . PRO A 1 46  ? -7.068  -2.475  9.037   1.00 0.53  ? 46  PRO A HA   1 
ATOM   604  H  HB2  . PRO A 1 46  ? -5.289  -3.782  10.674  1.00 0.62  ? 46  PRO A HB2  1 
ATOM   605  H  HB3  . PRO A 1 46  ? -6.618  -4.593  9.827   1.00 0.62  ? 46  PRO A HB3  1 
ATOM   606  H  HG2  . PRO A 1 46  ? -3.697  -4.622  9.206   1.00 0.58  ? 46  PRO A HG2  1 
ATOM   607  H  HG3  . PRO A 1 46  ? -4.930  -5.846  8.860   1.00 0.62  ? 46  PRO A HG3  1 
ATOM   608  H  HD2  . PRO A 1 46  ? -3.876  -4.008  6.996   1.00 0.46  ? 46  PRO A HD2  1 
ATOM   609  H  HD3  . PRO A 1 46  ? -5.352  -4.974  6.781   1.00 0.45  ? 46  PRO A HD3  1 
ATOM   610  N  N    . SER A 1 47  ? -5.760  -0.447  9.770   1.00 0.64  ? 47  SER A N    1 
ATOM   611  C  CA   . SER A 1 47  ? -4.975  0.721   10.268  1.00 0.69  ? 47  SER A CA   1 
ATOM   612  C  C    . SER A 1 47  ? -3.890  0.243   11.234  1.00 0.74  ? 47  SER A C    1 
ATOM   613  O  O    . SER A 1 47  ? -4.175  -0.281  12.293  1.00 1.03  ? 47  SER A O    1 
ATOM   614  C  CB   . SER A 1 47  ? -5.910  1.689   10.994  1.00 0.93  ? 47  SER A CB   1 
ATOM   615  O  OG   . SER A 1 47  ? -6.333  2.702   10.091  1.00 1.58  ? 47  SER A OG   1 
ATOM   616  H  H    . SER A 1 47  ? -6.732  -0.376  9.673   1.00 0.76  ? 47  SER A H    1 
ATOM   617  H  HA   . SER A 1 47  ? -4.515  1.226   9.433   1.00 0.67  ? 47  SER A HA   1 
ATOM   618  H  HB2  . SER A 1 47  ? -6.773  1.156   11.358  1.00 1.54  ? 47  SER A HB2  1 
ATOM   619  H  HB3  . SER A 1 47  ? -5.386  2.133   11.831  1.00 1.34  ? 47  SER A HB3  1 
ATOM   620  H  HG   . SER A 1 47  ? -7.115  3.120   10.459  1.00 1.94  ? 47  SER A HG   1 
ATOM   621  N  N    . MET A 1 48  ? -2.647  0.421   10.881  1.00 0.72  ? 48  MET A N    1 
ATOM   622  C  CA   . MET A 1 48  ? -1.548  -0.021  11.782  1.00 0.87  ? 48  MET A CA   1 
ATOM   623  C  C    . MET A 1 48  ? -1.507  0.886   13.013  1.00 0.88  ? 48  MET A C    1 
ATOM   624  O  O    . MET A 1 48  ? -0.984  0.520   14.047  1.00 1.61  ? 48  MET A O    1 
ATOM   625  C  CB   . MET A 1 48  ? -0.213  0.061   11.041  1.00 1.18  ? 48  MET A CB   1 
ATOM   626  C  CG   . MET A 1 48  ? 0.684   -1.098  11.477  1.00 1.93  ? 48  MET A CG   1 
ATOM   627  S  SD   . MET A 1 48  ? 1.986   -0.475  12.570  1.00 2.60  ? 48  MET A SD   1 
ATOM   628  C  CE   . MET A 1 48  ? 1.763   -1.682  13.902  1.00 3.43  ? 48  MET A CE   1 
ATOM   629  H  H    . MET A 1 48  ? -2.438  0.848   10.024  1.00 0.81  ? 48  MET A H    1 
ATOM   630  H  HA   . MET A 1 48  ? -1.726  -1.041  12.092  1.00 1.22  ? 48  MET A HA   1 
ATOM   631  H  HB2  . MET A 1 48  ? -0.388  0.002   9.976   1.00 1.72  ? 48  MET A HB2  1 
ATOM   632  H  HB3  . MET A 1 48  ? 0.273   0.997   11.275  1.00 1.47  ? 48  MET A HB3  1 
ATOM   633  H  HG2  . MET A 1 48  ? 0.094   -1.832  12.003  1.00 2.37  ? 48  MET A HG2  1 
ATOM   634  H  HG3  . MET A 1 48  ? 1.133   -1.554  10.607  1.00 2.52  ? 48  MET A HG3  1 
ATOM   635  H  HE1  . MET A 1 48  ? 0.900   -2.297  13.687  1.00 3.81  ? 48  MET A HE1  1 
ATOM   636  H  HE2  . MET A 1 48  ? 1.616   -1.161  14.838  1.00 3.79  ? 48  MET A HE2  1 
ATOM   637  H  HE3  . MET A 1 48  ? 2.639   -2.306  13.973  1.00 3.81  ? 48  MET A HE3  1 
ATOM   638  N  N    . ARG A 1 49  ? -2.056  2.066   12.910  1.00 1.29  ? 49  ARG A N    1 
ATOM   639  C  CA   . ARG A 1 49  ? -2.049  2.995   14.076  1.00 1.60  ? 49  ARG A CA   1 
ATOM   640  C  C    . ARG A 1 49  ? -2.404  2.219   15.345  1.00 2.45  ? 49  ARG A C    1 
ATOM   641  O  O    . ARG A 1 49  ? -1.742  2.330   16.357  1.00 3.15  ? 49  ARG A O    1 
ATOM   642  C  CB   . ARG A 1 49  ? -3.080  4.104   13.852  1.00 2.03  ? 49  ARG A CB   1 
ATOM   643  C  CG   . ARG A 1 49  ? -2.693  5.334   14.676  1.00 2.59  ? 49  ARG A CG   1 
ATOM   644  C  CD   . ARG A 1 49  ? -3.072  5.109   16.141  1.00 3.45  ? 49  ARG A CD   1 
ATOM   645  N  NE   . ARG A 1 49  ? -3.747  6.326   16.676  1.00 4.19  ? 49  ARG A NE   1 
ATOM   646  C  CZ   . ARG A 1 49  ? -3.642  6.627   17.942  1.00 4.98  ? 49  ARG A CZ   1 
ATOM   647  N  NH1  . ARG A 1 49  ? -4.353  5.984   18.827  1.00 5.62  ? 49  ARG A NH1  1 
ATOM   648  N  NH2  . ARG A 1 49  ? -2.825  7.571   18.322  1.00 5.50  ? 49  ARG A NH2  1 
ATOM   649  H  H    . ARG A 1 49  ? -2.474  2.341   12.067  1.00 1.90  ? 49  ARG A H    1 
ATOM   650  H  HA   . ARG A 1 49  ? -1.068  3.432   14.183  1.00 1.94  ? 49  ARG A HA   1 
ATOM   651  H  HB2  . ARG A 1 49  ? -3.107  4.365   12.803  1.00 2.39  ? 49  ARG A HB2  1 
ATOM   652  H  HB3  . ARG A 1 49  ? -4.055  3.758   14.161  1.00 2.56  ? 49  ARG A HB3  1 
ATOM   653  H  HG2  . ARG A 1 49  ? -1.628  5.498   14.600  1.00 2.89  ? 49  ARG A HG2  1 
ATOM   654  H  HG3  . ARG A 1 49  ? -3.218  6.200   14.300  1.00 2.86  ? 49  ARG A HG3  1 
ATOM   655  H  HD2  . ARG A 1 49  ? -3.742  4.264   16.213  1.00 3.80  ? 49  ARG A HD2  1 
ATOM   656  H  HD3  . ARG A 1 49  ? -2.180  4.910   16.716  1.00 3.78  ? 49  ARG A HD3  1 
ATOM   657  H  HE   . ARG A 1 49  ? -4.270  6.899   16.077  1.00 4.39  ? 49  ARG A HE   1 
ATOM   658  H  HH11 . ARG A 1 49  ? -4.980  5.261   18.536  1.00 5.57  ? 49  ARG A HH11 1 
ATOM   659  H  HH12 . ARG A 1 49  ? -4.272  6.215   19.796  1.00 6.37  ? 49  ARG A HH12 1 
ATOM   660  H  HH21 . ARG A 1 49  ? -2.280  8.063   17.644  1.00 5.36  ? 49  ARG A HH21 1 
ATOM   661  H  HH22 . ARG A 1 49  ? -2.745  7.801   19.292  1.00 6.26  ? 49  ARG A HH22 1 
ATOM   662  N  N    . LYS A 1 50  ? -3.444  1.431   15.295  1.00 3.04  ? 50  LYS A N    1 
ATOM   663  C  CA   . LYS A 1 50  ? -3.848  0.640   16.493  1.00 4.20  ? 50  LYS A CA   1 
ATOM   664  C  C    . LYS A 1 50  ? -3.727  1.510   17.748  1.00 4.58  ? 50  LYS A C    1 
ATOM   665  O  O    . LYS A 1 50  ? -4.628  2.252   18.086  1.00 4.72  ? 50  LYS A O    1 
ATOM   666  C  CB   . LYS A 1 50  ? -2.945  -0.590  16.622  1.00 5.01  ? 50  LYS A CB   1 
ATOM   667  C  CG   . LYS A 1 50  ? -3.299  -1.351  17.901  1.00 5.71  ? 50  LYS A CG   1 
ATOM   668  C  CD   . LYS A 1 50  ? -2.032  -1.956  18.506  1.00 6.61  ? 50  LYS A CD   1 
ATOM   669  C  CE   . LYS A 1 50  ? -1.374  -2.889  17.489  1.00 7.39  ? 50  LYS A CE   1 
ATOM   670  N  NZ   . LYS A 1 50  ? -0.544  -3.898  18.207  1.00 8.06  ? 50  LYS A NZ   1 
ATOM   671  H  H    . LYS A 1 50  ? -3.960  1.356   14.464  1.00 3.05  ? 50  LYS A H    1 
ATOM   672  H  HA   . LYS A 1 50  ? -4.872  0.319   16.379  1.00 4.63  ? 50  LYS A HA   1 
ATOM   673  H  HB2  . LYS A 1 50  ? -3.092  -1.233  15.767  1.00 5.10  ? 50  LYS A HB2  1 
ATOM   674  H  HB3  . LYS A 1 50  ? -1.912  -0.278  16.664  1.00 5.45  ? 50  LYS A HB3  1 
ATOM   675  H  HG2  . LYS A 1 50  ? -3.750  -0.673  18.611  1.00 6.05  ? 50  LYS A HG2  1 
ATOM   676  H  HG3  . LYS A 1 50  ? -3.995  -2.142  17.667  1.00 5.62  ? 50  LYS A HG3  1 
ATOM   677  H  HD2  . LYS A 1 50  ? -1.345  -1.163  18.767  1.00 6.72  ? 50  LYS A HD2  1 
ATOM   678  H  HD3  . LYS A 1 50  ? -2.288  -2.516  19.392  1.00 6.91  ? 50  LYS A HD3  1 
ATOM   679  H  HE2  . LYS A 1 50  ? -2.138  -3.393  16.916  1.00 7.59  ? 50  LYS A HE2  1 
ATOM   680  H  HE3  . LYS A 1 50  ? -0.747  -2.313  16.825  1.00 7.56  ? 50  LYS A HE3  1 
ATOM   681  H  HZ1  . LYS A 1 50  ? -0.453  -3.626  19.206  1.00 8.48  ? 50  LYS A HZ1  1 
ATOM   682  H  HZ2  . LYS A 1 50  ? 0.401   -3.941  17.775  1.00 8.18  ? 50  LYS A HZ2  1 
ATOM   683  H  HZ3  . LYS A 1 50  ? -1.000  -4.832  18.141  1.00 8.24  ? 50  LYS A HZ3  1 
ATOM   684  N  N    . LYS A 1 51  ? -2.623  1.430   18.441  1.00 5.18  ? 51  LYS A N    1 
ATOM   685  C  CA   . LYS A 1 51  ? -2.456  2.260   19.668  1.00 5.88  ? 51  LYS A CA   1 
ATOM   686  C  C    . LYS A 1 51  ? -3.667  2.059   20.586  1.00 6.37  ? 51  LYS A C    1 
ATOM   687  O  O    . LYS A 1 51  ? -4.592  1.351   20.242  1.00 6.60  ? 51  LYS A O    1 
ATOM   688  C  CB   . LYS A 1 51  ? -2.353  3.733   19.270  1.00 6.31  ? 51  LYS A CB   1 
ATOM   689  C  CG   . LYS A 1 51  ? -0.978  4.276   19.664  1.00 6.74  ? 51  LYS A CG   1 
ATOM   690  C  CD   . LYS A 1 51  ? -1.106  5.745   20.071  1.00 7.39  ? 51  LYS A CD   1 
ATOM   691  C  CE   . LYS A 1 51  ? -0.097  6.055   21.178  1.00 8.03  ? 51  LYS A CE   1 
ATOM   692  N  NZ   . LYS A 1 51  ? -0.567  7.232   21.964  1.00 8.49  ? 51  LYS A NZ   1 
ATOM   693  H  H    . LYS A 1 51  ? -1.903  0.830   18.155  1.00 5.40  ? 51  LYS A H    1 
ATOM   694  H  HA   . LYS A 1 51  ? -1.556  1.962   20.186  1.00 6.11  ? 51  LYS A HA   1 
ATOM   695  H  HB2  . LYS A 1 51  ? -2.486  3.825   18.202  1.00 6.40  ? 51  LYS A HB2  1 
ATOM   696  H  HB3  . LYS A 1 51  ? -3.120  4.299   19.777  1.00 6.60  ? 51  LYS A HB3  1 
ATOM   697  H  HG2  . LYS A 1 51  ? -0.590  3.703   20.494  1.00 6.78  ? 51  LYS A HG2  1 
ATOM   698  H  HG3  . LYS A 1 51  ? -0.304  4.194   18.824  1.00 6.90  ? 51  LYS A HG3  1 
ATOM   699  H  HD2  . LYS A 1 51  ? -0.909  6.374   19.215  1.00 7.74  ? 51  LYS A HD2  1 
ATOM   700  H  HD3  . LYS A 1 51  ? -2.105  5.931   20.433  1.00 7.34  ? 51  LYS A HD3  1 
ATOM   701  H  HE2  . LYS A 1 51  ? -0.004  5.200   21.831  1.00 8.14  ? 51  LYS A HE2  1 
ATOM   702  H  HE3  . LYS A 1 51  ? 0.863   6.278   20.737  1.00 8.32  ? 51  LYS A HE3  1 
ATOM   703  H  HZ1  . LYS A 1 51  ? -1.593  7.345   21.837  1.00 8.72  ? 51  LYS A HZ1  1 
ATOM   704  H  HZ2  . LYS A 1 51  ? -0.083  8.088   21.629  1.00 8.70  ? 51  LYS A HZ2  1 
ATOM   705  H  HZ3  . LYS A 1 51  ? -0.355  7.082   22.971  1.00 8.62  ? 51  LYS A HZ3  1 
ATOM   706  N  N    . PRO A 1 52  ? -3.624  2.691   21.733  1.00 6.85  ? 52  PRO A N    1 
ATOM   707  C  CA   . PRO A 1 52  ? -4.708  2.602   22.728  1.00 7.63  ? 52  PRO A CA   1 
ATOM   708  C  C    . PRO A 1 52  ? -5.888  3.487   22.311  1.00 8.15  ? 52  PRO A C    1 
ATOM   709  O  O    . PRO A 1 52  ? -6.858  3.013   21.754  1.00 8.55  ? 52  PRO A O    1 
ATOM   710  C  CB   . PRO A 1 52  ? -4.056  3.117   24.015  1.00 8.21  ? 52  PRO A CB   1 
ATOM   711  C  CG   . PRO A 1 52  ? -2.849  3.981   23.579  1.00 7.96  ? 52  PRO A CG   1 
ATOM   712  C  CD   . PRO A 1 52  ? -2.494  3.551   22.142  1.00 7.02  ? 52  PRO A CD   1 
ATOM   713  H  HA   . PRO A 1 52  ? -5.024  1.579   22.858  1.00 7.68  ? 52  PRO A HA   1 
ATOM   714  H  HB2  . PRO A 1 52  ? -4.764  3.713   24.576  1.00 8.90  ? 52  PRO A HB2  1 
ATOM   715  H  HB3  . PRO A 1 52  ? -3.711  2.288   24.614  1.00 8.31  ? 52  PRO A HB3  1 
ATOM   716  H  HG2  . PRO A 1 52  ? -3.118  5.029   23.600  1.00 8.46  ? 52  PRO A HG2  1 
ATOM   717  H  HG3  . PRO A 1 52  ? -2.009  3.802   24.231  1.00 8.16  ? 52  PRO A HG3  1 
ATOM   718  H  HD2  . PRO A 1 52  ? -2.420  4.417   21.500  1.00 7.14  ? 52  PRO A HD2  1 
ATOM   719  H  HD3  . PRO A 1 52  ? -1.574  2.988   22.131  1.00 6.67  ? 52  PRO A HD3  1 
ATOM   720  N  N    . ALA A 1 53  ? -5.808  4.766   22.574  1.00 8.38  ? 53  ALA A N    1 
ATOM   721  C  CA   . ALA A 1 53  ? -6.916  5.693   22.189  1.00 9.07  ? 53  ALA A CA   1 
ATOM   722  C  C    . ALA A 1 53  ? -8.038  5.651   23.234  1.00 9.10  ? 53  ALA A C    1 
ATOM   723  O  O    . ALA A 1 53  ? -8.627  6.664   23.558  1.00 9.00  ? 53  ALA A O    1 
ATOM   724  C  CB   . ALA A 1 53  ? -7.475  5.292   20.821  1.00 9.60  ? 53  ALA A CB   1 
ATOM   725  H  H    . ALA A 1 53  ? -5.011  5.120   23.020  1.00 8.25  ? 53  ALA A H    1 
ATOM   726  H  HA   . ALA A 1 53  ? -6.529  6.700   22.130  1.00 9.40  ? 53  ALA A HA   1 
ATOM   727  H  HB1  . ALA A 1 53  ? -8.178  4.481   20.943  1.00 9.86  ? 53  ALA A HB1  1 
ATOM   728  H  HB2  . ALA A 1 53  ? -6.666  4.974   20.181  1.00 9.73  ? 53  ALA A HB2  1 
ATOM   729  H  HB3  . ALA A 1 53  ? -7.975  6.138   20.374  1.00 9.84  ? 53  ALA A HB3  1 
ATOM   730  N  N    . LEU A 1 54  ? -8.347  4.496   23.762  1.00 9.47  ? 54  LEU A N    1 
ATOM   731  C  CA   . LEU A 1 54  ? -9.436  4.411   24.778  1.00 9.73  ? 54  LEU A CA   1 
ATOM   732  C  C    . LEU A 1 54  ? -10.776 4.721   24.106  1.00 9.76  ? 54  LEU A C    1 
ATOM   733  O  O    . LEU A 1 54  ? -11.027 5.837   23.700  1.00 9.88  ? 54  LEU A O    1 
ATOM   734  C  CB   . LEU A 1 54  ? -9.167  5.423   25.900  1.00 10.15 ? 54  LEU A CB   1 
ATOM   735  C  CG   . LEU A 1 54  ? -10.117 5.184   27.083  1.00 10.58 ? 54  LEU A CG   1 
ATOM   736  C  CD1  . LEU A 1 54  ? -11.485 5.791   26.773  1.00 11.21 ? 54  LEU A CD1  1 
ATOM   737  C  CD2  . LEU A 1 54  ? -10.275 3.682   27.337  1.00 10.85 ? 54  LEU A CD2  1 
ATOM   738  H  H    . LEU A 1 54  ? -7.869  3.687   23.490  1.00 9.73  ? 54  LEU A H    1 
ATOM   739  H  HA   . LEU A 1 54  ? -9.463  3.412   25.189  1.00 9.81  ? 54  LEU A HA   1 
ATOM   740  H  HB2  . LEU A 1 54  ? -8.146  5.319   26.236  1.00 10.28 ? 54  LEU A HB2  1 
ATOM   741  H  HB3  . LEU A 1 54  ? -9.318  6.423   25.522  1.00 10.25 ? 54  LEU A HB3  1 
ATOM   742  H  HG   . LEU A 1 54  ? -9.711  5.657   27.964  1.00 10.49 ? 54  LEU A HG   1 
ATOM   743  H  HD11 . LEU A 1 54  ? -12.236 5.014   26.789  1.00 11.31 ? 54  LEU A HD11 1 
ATOM   744  H  HD12 . LEU A 1 54  ? -11.463 6.251   25.797  1.00 11.50 ? 54  LEU A HD12 1 
ATOM   745  H  HD13 . LEU A 1 54  ? -11.725 6.536   27.517  1.00 11.46 ? 54  LEU A HD13 1 
ATOM   746  H  HD21 . LEU A 1 54  ? -10.710 3.525   28.313  1.00 10.93 ? 54  LEU A HD21 1 
ATOM   747  H  HD22 . LEU A 1 54  ? -9.306  3.206   27.295  1.00 11.17 ? 54  LEU A HD22 1 
ATOM   748  H  HD23 . LEU A 1 54  ? -10.919 3.254   26.582  1.00 10.84 ? 54  LEU A HD23 1 
ATOM   749  N  N    . SER A 1 55  ? -11.626 3.734   23.979  1.00 9.87  ? 55  SER A N    1 
ATOM   750  C  CA   . SER A 1 55  ? -12.956 3.940   23.323  1.00 10.10 ? 55  SER A CA   1 
ATOM   751  C  C    . SER A 1 55  ? -12.798 3.834   21.805  1.00 9.86  ? 55  SER A C    1 
ATOM   752  O  O    . SER A 1 55  ? -13.598 3.214   21.131  1.00 10.05 ? 55  SER A O    1 
ATOM   753  C  CB   . SER A 1 55  ? -13.526 5.316   23.680  1.00 10.69 ? 55  SER A CB   1 
ATOM   754  O  OG   . SER A 1 55  ? -13.378 5.541   25.073  1.00 11.16 ? 55  SER A OG   1 
ATOM   755  H  H    . SER A 1 55  ? -11.386 2.845   24.310  1.00 9.94  ? 55  SER A H    1 
ATOM   756  H  HA   . SER A 1 55  ? -13.638 3.174   23.662  1.00 10.23 ? 55  SER A HA   1 
ATOM   757  H  HB2  . SER A 1 55  ? -12.998 6.081   23.137  1.00 10.79 ? 55  SER A HB2  1 
ATOM   758  H  HB3  . SER A 1 55  ? -14.574 5.348   23.410  1.00 10.89 ? 55  SER A HB3  1 
ATOM   759  H  HG   . SER A 1 55  ? -14.206 5.896   25.405  1.00 11.31 ? 55  SER A HG   1 
ATOM   760  N  N    . ASP A 1 56  ? -11.773 4.430   21.258  1.00 9.68  ? 56  ASP A N    1 
ATOM   761  C  CA   . ASP A 1 56  ? -11.568 4.359   19.783  1.00 9.66  ? 56  ASP A CA   1 
ATOM   762  C  C    . ASP A 1 56  ? -12.666 5.153   19.075  1.00 9.18  ? 56  ASP A C    1 
ATOM   763  O  O    . ASP A 1 56  ? -13.406 5.893   19.692  1.00 9.27  ? 56  ASP A O    1 
ATOM   764  C  CB   . ASP A 1 56  ? -11.622 2.898   19.331  1.00 9.94  ? 56  ASP A CB   1 
ATOM   765  C  CG   . ASP A 1 56  ? -10.725 2.049   20.232  1.00 10.42 ? 56  ASP A CG   1 
ATOM   766  O  OD1  . ASP A 1 56  ? -10.844 2.174   21.441  1.00 10.63 ? 56  ASP A OD1  1 
ATOM   767  O  OD2  . ASP A 1 56  ? -9.935  1.287   19.701  1.00 10.78 ? 56  ASP A OD2  1 
ATOM   768  H  H    . ASP A 1 56  ? -11.138 4.924   21.816  1.00 9.72  ? 56  ASP A H    1 
ATOM   769  H  HA   . ASP A 1 56  ? -10.604 4.778   19.534  1.00 10.04 ? 56  ASP A HA   1 
ATOM   770  H  HB2  . ASP A 1 56  ? -12.640 2.540   19.392  1.00 10.07 ? 56  ASP A HB2  1 
ATOM   771  H  HB3  . ASP A 1 56  ? -11.276 2.826   18.311  1.00 9.93  ? 56  ASP A HB3  1 
ATOM   772  N  N    . GLY A 1 57  ? -12.778 5.004   17.784  1.00 8.87  ? 57  GLY A N    1 
ATOM   773  C  CA   . GLY A 1 57  ? -13.829 5.748   17.036  1.00 8.57  ? 57  GLY A CA   1 
ATOM   774  C  C    . GLY A 1 57  ? -14.840 4.757   16.453  1.00 8.04  ? 57  GLY A C    1 
ATOM   775  O  O    . GLY A 1 57  ? -15.492 5.031   15.465  1.00 8.27  ? 57  GLY A O    1 
ATOM   776  H  H    . GLY A 1 57  ? -12.171 4.401   17.307  1.00 8.98  ? 57  GLY A H    1 
ATOM   777  H  HA2  . GLY A 1 57  ? -14.333 6.430   17.706  1.00 8.79  ? 57  GLY A HA2  1 
ATOM   778  H  HA3  . GLY A 1 57  ? -13.372 6.304   16.232  1.00 8.76  ? 57  GLY A HA3  1 
ATOM   779  N  N    . SER A 1 58  ? -14.974 3.609   17.058  1.00 7.60  ? 58  SER A N    1 
ATOM   780  C  CA   . SER A 1 58  ? -15.943 2.601   16.539  1.00 7.34  ? 58  SER A CA   1 
ATOM   781  C  C    . SER A 1 58  ? -15.606 2.275   15.083  1.00 6.47  ? 58  SER A C    1 
ATOM   782  O  O    . SER A 1 58  ? -16.438 2.382   14.205  1.00 6.40  ? 58  SER A O    1 
ATOM   783  C  CB   . SER A 1 58  ? -17.361 3.166   16.619  1.00 7.89  ? 58  SER A CB   1 
ATOM   784  O  OG   . SER A 1 58  ? -18.287 2.095   16.754  1.00 8.19  ? 58  SER A OG   1 
ATOM   785  H  H    . SER A 1 58  ? -14.438 3.409   17.853  1.00 7.64  ? 58  SER A H    1 
ATOM   786  H  HA   . SER A 1 58  ? -15.879 1.701   17.133  1.00 7.66  ? 58  SER A HA   1 
ATOM   787  H  HB2  . SER A 1 58  ? -17.445 3.815   17.475  1.00 8.21  ? 58  SER A HB2  1 
ATOM   788  H  HB3  . SER A 1 58  ? -17.574 3.729   15.721  1.00 8.04  ? 58  SER A HB3  1 
ATOM   789  H  HG   . SER A 1 58  ? -18.108 1.459   16.057  1.00 8.55  ? 58  SER A HG   1 
ATOM   790  N  N    . ASN A 1 59  ? -14.389 1.880   14.819  1.00 6.05  ? 59  ASN A N    1 
ATOM   791  C  CA   . ASN A 1 59  ? -14.001 1.550   13.417  1.00 5.33  ? 59  ASN A CA   1 
ATOM   792  C  C    . ASN A 1 59  ? -12.685 0.765   13.420  1.00 4.17  ? 59  ASN A C    1 
ATOM   793  O  O    . ASN A 1 59  ? -11.687 1.232   12.909  1.00 3.89  ? 59  ASN A O    1 
ATOM   794  C  CB   . ASN A 1 59  ? -13.821 2.847   12.623  1.00 5.71  ? 59  ASN A CB   1 
ATOM   795  C  CG   . ASN A 1 59  ? -14.136 2.593   11.148  1.00 6.45  ? 59  ASN A CG   1 
ATOM   796  O  OD1  . ASN A 1 59  ? -14.695 3.439   10.479  1.00 6.80  ? 59  ASN A OD1  1 
ATOM   797  N  ND2  . ASN A 1 59  ? -13.797 1.454   10.607  1.00 7.04  ? 59  ASN A ND2  1 
ATOM   798  H  H    . ASN A 1 59  ? -13.732 1.802   15.540  1.00 6.39  ? 59  ASN A H    1 
ATOM   799  H  HA   . ASN A 1 59  ? -14.776 0.953   12.961  1.00 5.72  ? 59  ASN A HA   1 
ATOM   800  H  HB2  . ASN A 1 59  ? -14.491 3.602   13.010  1.00 6.05  ? 59  ASN A HB2  1 
ATOM   801  H  HB3  . ASN A 1 59  ? -12.801 3.188   12.718  1.00 5.50  ? 59  ASN A HB3  1 
ATOM   802  H  HD21 . ASN A 1 59  ? -13.346 0.771   11.147  1.00 7.02  ? 59  ASN A HD21 1 
ATOM   803  H  HD22 . ASN A 1 59  ? -13.994 1.283   9.663   1.00 7.69  ? 59  ASN A HD22 1 
ATOM   804  N  N    . PRO A 1 60  ? -12.727 -0.407  14.001  1.00 3.94  ? 60  PRO A N    1 
ATOM   805  C  CA   . PRO A 1 60  ? -11.552 -1.291  14.094  1.00 3.23  ? 60  PRO A CA   1 
ATOM   806  C  C    . PRO A 1 60  ? -11.337 -2.033  12.772  1.00 2.16  ? 60  PRO A C    1 
ATOM   807  O  O    . PRO A 1 60  ? -10.354 -2.724  12.589  1.00 2.42  ? 60  PRO A O    1 
ATOM   808  C  CB   . PRO A 1 60  ? -11.930 -2.269  15.210  1.00 4.12  ? 60  PRO A CB   1 
ATOM   809  C  CG   . PRO A 1 60  ? -13.476 -2.260  15.294  1.00 4.92  ? 60  PRO A CG   1 
ATOM   810  C  CD   . PRO A 1 60  ? -13.948 -0.957  14.621  1.00 4.91  ? 60  PRO A CD   1 
ATOM   811  H  HA   . PRO A 1 60  ? -10.672 -0.735  14.371  1.00 3.42  ? 60  PRO A HA   1 
ATOM   812  H  HB2  . PRO A 1 60  ? -11.573 -3.261  14.967  1.00 3.91  ? 60  PRO A HB2  1 
ATOM   813  H  HB3  . PRO A 1 60  ? -11.512 -1.942  16.149  1.00 4.81  ? 60  PRO A HB3  1 
ATOM   814  H  HG2  . PRO A 1 60  ? -13.878 -3.117  14.772  1.00 4.87  ? 60  PRO A HG2  1 
ATOM   815  H  HG3  . PRO A 1 60  ? -13.789 -2.272  16.326  1.00 5.85  ? 60  PRO A HG3  1 
ATOM   816  H  HD2  . PRO A 1 60  ? -14.695 -1.172  13.868  1.00 5.11  ? 60  PRO A HD2  1 
ATOM   817  H  HD3  . PRO A 1 60  ? -14.337 -0.268  15.356  1.00 5.70  ? 60  PRO A HD3  1 
ATOM   818  N  N    . ASP A 1 61  ? -12.252 -1.901  11.852  1.00 1.60  ? 61  ASP A N    1 
ATOM   819  C  CA   . ASP A 1 61  ? -12.104 -2.602  10.546  1.00 1.33  ? 61  ASP A CA   1 
ATOM   820  C  C    . ASP A 1 61  ? -11.182 -1.795  9.630   1.00 0.99  ? 61  ASP A C    1 
ATOM   821  O  O    . ASP A 1 61  ? -11.375 -0.614  9.421   1.00 1.10  ? 61  ASP A O    1 
ATOM   822  C  CB   . ASP A 1 61  ? -13.478 -2.745  9.889   1.00 2.26  ? 61  ASP A CB   1 
ATOM   823  C  CG   . ASP A 1 61  ? -14.468 -3.330  10.897  1.00 3.07  ? 61  ASP A CG   1 
ATOM   824  O  OD1  . ASP A 1 61  ? -14.519 -4.544  11.012  1.00 3.61  ? 61  ASP A OD1  1 
ATOM   825  O  OD2  . ASP A 1 61  ? -15.158 -2.554  11.538  1.00 3.68  ? 61  ASP A OD2  1 
ATOM   826  H  H    . ASP A 1 61  ? -13.040 -1.341  12.021  1.00 2.08  ? 61  ASP A H    1 
ATOM   827  H  HA   . ASP A 1 61  ? -11.681 -3.582  10.711  1.00 1.75  ? 61  ASP A HA   1 
ATOM   828  H  HB2  . ASP A 1 61  ? -13.824 -1.775  9.564   1.00 2.69  ? 61  ASP A HB2  1 
ATOM   829  H  HB3  . ASP A 1 61  ? -13.403 -3.404  9.037   1.00 2.70  ? 61  ASP A HB3  1 
ATOM   830  N  N    . GLY A 1 62  ? -10.183 -2.426  9.076   1.00 0.75  ? 62  GLY A N    1 
ATOM   831  C  CA   . GLY A 1 62  ? -9.252  -1.699  8.169   1.00 0.57  ? 62  GLY A CA   1 
ATOM   832  C  C    . GLY A 1 62  ? -10.021 -1.213  6.943   1.00 0.54  ? 62  GLY A C    1 
ATOM   833  O  O    . GLY A 1 62  ? -11.138 -0.745  7.046   1.00 0.66  ? 62  GLY A O    1 
ATOM   834  H  H    . GLY A 1 62  ? -10.048 -3.380  9.254   1.00 0.87  ? 62  GLY A H    1 
ATOM   835  H  HA2  . GLY A 1 62  ? -8.826  -0.853  8.690   1.00 0.69  ? 62  GLY A HA2  1 
ATOM   836  H  HA3  . GLY A 1 62  ? -8.465  -2.364  7.852   1.00 0.62  ? 62  GLY A HA3  1 
ATOM   837  N  N    . ASP A 1 63  ? -9.442  -1.327  5.780   1.00 0.51  ? 63  ASP A N    1 
ATOM   838  C  CA   . ASP A 1 63  ? -10.154 -0.878  4.555   1.00 0.53  ? 63  ASP A CA   1 
ATOM   839  C  C    . ASP A 1 63  ? -10.109 -1.993  3.515   1.00 0.46  ? 63  ASP A C    1 
ATOM   840  O  O    . ASP A 1 63  ? -9.058  -2.371  3.038   1.00 0.42  ? 63  ASP A O    1 
ATOM   841  C  CB   . ASP A 1 63  ? -9.481  0.369   3.986   1.00 0.61  ? 63  ASP A CB   1 
ATOM   842  C  CG   . ASP A 1 63  ? -9.638  1.531   4.969   1.00 0.80  ? 63  ASP A CG   1 
ATOM   843  O  OD1  . ASP A 1 63  ? -8.931  1.540   5.964   1.00 1.29  ? 63  ASP A OD1  1 
ATOM   844  O  OD2  . ASP A 1 63  ? -10.461 2.394   4.710   1.00 1.50  ? 63  ASP A OD2  1 
ATOM   845  H  H    . ASP A 1 63  ? -8.543  -1.714  5.710   1.00 0.59  ? 63  ASP A H    1 
ATOM   846  H  HA   . ASP A 1 63  ? -11.182 -0.654  4.798   1.00 0.60  ? 63  ASP A HA   1 
ATOM   847  H  HB2  . ASP A 1 63  ? -8.431  0.171   3.824   1.00 0.62  ? 63  ASP A HB2  1 
ATOM   848  H  HB3  . ASP A 1 63  ? -9.949  0.628   3.049   1.00 0.70  ? 63  ASP A HB3  1 
ATOM   849  N  N    . LEU A 1 64  ? -11.243 -2.518  3.156   1.00 0.48  ? 64  LEU A N    1 
ATOM   850  C  CA   . LEU A 1 64  ? -11.267 -3.605  2.141   1.00 0.44  ? 64  LEU A CA   1 
ATOM   851  C  C    . LEU A 1 64  ? -11.170 -2.972  0.751   1.00 0.43  ? 64  LEU A C    1 
ATOM   852  O  O    . LEU A 1 64  ? -12.165 -2.727  0.099   1.00 0.52  ? 64  LEU A O    1 
ATOM   853  C  CB   . LEU A 1 64  ? -12.578 -4.387  2.262   1.00 0.50  ? 64  LEU A CB   1 
ATOM   854  C  CG   . LEU A 1 64  ? -12.474 -5.424  3.383   1.00 0.56  ? 64  LEU A CG   1 
ATOM   855  C  CD1  . LEU A 1 64  ? -11.215 -6.271  3.192   1.00 1.55  ? 64  LEU A CD1  1 
ATOM   856  C  CD2  . LEU A 1 64  ? -12.409 -4.709  4.734   1.00 1.30  ? 64  LEU A CD2  1 
ATOM   857  H  H    . LEU A 1 64  ? -12.078 -2.193  3.549   1.00 0.54  ? 64  LEU A H    1 
ATOM   858  H  HA   . LEU A 1 64  ? -10.428 -4.266  2.302   1.00 0.42  ? 64  LEU A HA   1 
ATOM   859  H  HB2  . LEU A 1 64  ? -13.382 -3.703  2.484   1.00 0.55  ? 64  LEU A HB2  1 
ATOM   860  H  HB3  . LEU A 1 64  ? -12.782 -4.891  1.330   1.00 0.55  ? 64  LEU A HB3  1 
ATOM   861  H  HG   . LEU A 1 64  ? -13.343 -6.066  3.357   1.00 1.31  ? 64  LEU A HG   1 
ATOM   862  H  HD11 . LEU A 1 64  ? -11.141 -6.580  2.160   1.00 2.16  ? 64  LEU A HD11 1 
ATOM   863  H  HD12 . LEU A 1 64  ? -11.269 -7.144  3.826   1.00 2.01  ? 64  LEU A HD12 1 
ATOM   864  H  HD13 . LEU A 1 64  ? -10.347 -5.689  3.457   1.00 2.17  ? 64  LEU A HD13 1 
ATOM   865  H  HD21 . LEU A 1 64  ? -11.591 -4.004  4.731   1.00 1.84  ? 64  LEU A HD21 1 
ATOM   866  H  HD22 . LEU A 1 64  ? -12.256 -5.435  5.519   1.00 1.94  ? 64  LEU A HD22 1 
ATOM   867  H  HD23 . LEU A 1 64  ? -13.337 -4.183  4.908   1.00 1.87  ? 64  LEU A HD23 1 
ATOM   868  N  N    . LEU A 1 65  ? -9.978  -2.684  0.301   1.00 0.42  ? 65  LEU A N    1 
ATOM   869  C  CA   . LEU A 1 65  ? -9.818  -2.044  -1.037  1.00 0.45  ? 65  LEU A CA   1 
ATOM   870  C  C    . LEU A 1 65  ? -9.799  -3.110  -2.134  1.00 0.41  ? 65  LEU A C    1 
ATOM   871  O  O    . LEU A 1 65  ? -10.077 -4.267  -1.895  1.00 0.47  ? 65  LEU A O    1 
ATOM   872  C  CB   . LEU A 1 65  ? -8.506  -1.259  -1.068  1.00 0.50  ? 65  LEU A CB   1 
ATOM   873  C  CG   . LEU A 1 65  ? -8.539  -0.164  -0.001  1.00 0.66  ? 65  LEU A CG   1 
ATOM   874  C  CD1  . LEU A 1 65  ? -7.269  -0.240  0.849   1.00 1.04  ? 65  LEU A CD1  1 
ATOM   875  C  CD2  . LEU A 1 65  ? -8.616  1.206   -0.680  1.00 1.21  ? 65  LEU A CD2  1 
ATOM   876  H  H    . LEU A 1 65  ? -9.188  -2.877  0.850   1.00 0.49  ? 65  LEU A H    1 
ATOM   877  H  HA   . LEU A 1 65  ? -10.642 -1.369  -1.210  1.00 0.52  ? 65  LEU A HA   1 
ATOM   878  H  HB2  . LEU A 1 65  ? -7.681  -1.929  -0.873  1.00 0.53  ? 65  LEU A HB2  1 
ATOM   879  H  HB3  . LEU A 1 65  ? -8.380  -0.807  -2.041  1.00 0.68  ? 65  LEU A HB3  1 
ATOM   880  H  HG   . LEU A 1 65  ? -9.404  -0.304  0.631   1.00 1.30  ? 65  LEU A HG   1 
ATOM   881  H  HD11 . LEU A 1 65  ? -7.181  -1.227  1.276   1.00 1.54  ? 65  LEU A HD11 1 
ATOM   882  H  HD12 . LEU A 1 65  ? -7.321  0.493   1.640   1.00 1.64  ? 65  LEU A HD12 1 
ATOM   883  H  HD13 . LEU A 1 65  ? -6.409  -0.039  0.228   1.00 1.64  ? 65  LEU A HD13 1 
ATOM   884  H  HD21 . LEU A 1 65  ? -8.772  1.969   0.067   1.00 1.71  ? 65  LEU A HD21 1 
ATOM   885  H  HD22 . LEU A 1 65  ? -9.438  1.214   -1.380  1.00 1.73  ? 65  LEU A HD22 1 
ATOM   886  H  HD23 . LEU A 1 65  ? -7.692  1.399   -1.206  1.00 1.80  ? 65  LEU A HD23 1 
ATOM   887  N  N    . GLN A 1 66  ? -9.471  -2.720  -3.338  1.00 0.42  ? 66  GLN A N    1 
ATOM   888  C  CA   . GLN A 1 66  ? -9.431  -3.699  -4.462  1.00 0.42  ? 66  GLN A CA   1 
ATOM   889  C  C    . GLN A 1 66  ? -8.345  -3.290  -5.462  1.00 0.40  ? 66  GLN A C    1 
ATOM   890  O  O    . GLN A 1 66  ? -7.668  -4.126  -6.030  1.00 0.38  ? 66  GLN A O    1 
ATOM   891  C  CB   . GLN A 1 66  ? -10.789 -3.725  -5.168  1.00 0.50  ? 66  GLN A CB   1 
ATOM   892  C  CG   . GLN A 1 66  ? -11.902 -3.473  -4.148  1.00 1.34  ? 66  GLN A CG   1 
ATOM   893  C  CD   . GLN A 1 66  ? -13.222 -3.234  -4.881  1.00 1.61  ? 66  GLN A CD   1 
ATOM   894  O  OE1  . GLN A 1 66  ? -13.786 -2.159  -4.807  1.00 2.23  ? 66  GLN A OE1  1 
ATOM   895  N  NE2  . GLN A 1 66  ? -13.744 -4.196  -5.592  1.00 2.01  ? 66  GLN A NE2  1 
ATOM   896  H  H    . GLN A 1 66  ? -9.253  -1.779  -3.502  1.00 0.51  ? 66  GLN A H    1 
ATOM   897  H  HA   . GLN A 1 66  ? -9.208  -4.681  -4.075  1.00 0.40  ? 66  GLN A HA   1 
ATOM   898  H  HB2  . GLN A 1 66  ? -10.815 -2.956  -5.927  1.00 1.18  ? 66  GLN A HB2  1 
ATOM   899  H  HB3  . GLN A 1 66  ? -10.937 -4.690  -5.627  1.00 1.17  ? 66  GLN A HB3  1 
ATOM   900  H  HG2  . GLN A 1 66  ? -11.998 -4.333  -3.501  1.00 1.98  ? 66  GLN A HG2  1 
ATOM   901  H  HG3  . GLN A 1 66  ? -11.658 -2.603  -3.557  1.00 2.05  ? 66  GLN A HG3  1 
ATOM   902  H  HE21 . GLN A 1 66  ? -13.289 -5.062  -5.653  1.00 2.40  ? 66  GLN A HE21 1 
ATOM   903  H  HE22 . GLN A 1 66  ? -14.590 -4.052  -6.066  1.00 2.35  ? 66  GLN A HE22 1 
ATOM   904  N  N    . GLU A 1 67  ? -8.173  -2.013  -5.683  1.00 0.41  ? 67  GLU A N    1 
ATOM   905  C  CA   . GLU A 1 67  ? -7.128  -1.555  -6.642  1.00 0.41  ? 67  GLU A CA   1 
ATOM   906  C  C    . GLU A 1 67  ? -5.770  -1.540  -5.937  1.00 0.35  ? 67  GLU A C    1 
ATOM   907  O  O    . GLU A 1 67  ? -5.662  -1.171  -4.784  1.00 0.36  ? 67  GLU A O    1 
ATOM   908  C  CB   . GLU A 1 67  ? -7.465  -0.144  -7.130  1.00 0.48  ? 67  GLU A CB   1 
ATOM   909  C  CG   . GLU A 1 67  ? -8.945  -0.076  -7.512  1.00 0.94  ? 67  GLU A CG   1 
ATOM   910  C  CD   . GLU A 1 67  ? -9.444  1.363   -7.372  1.00 1.51  ? 67  GLU A CD   1 
ATOM   911  O  OE1  . GLU A 1 67  ? -8.933  2.066   -6.514  1.00 2.22  ? 67  GLU A OE1  1 
ATOM   912  O  OE2  . GLU A 1 67  ? -10.328 1.739   -8.124  1.00 2.08  ? 67  GLU A OE2  1 
ATOM   913  H  H    . GLU A 1 67  ? -8.729  -1.356  -5.216  1.00 0.44  ? 67  GLU A H    1 
ATOM   914  H  HA   . GLU A 1 67  ? -7.090  -2.229  -7.484  1.00 0.43  ? 67  GLU A HA   1 
ATOM   915  H  HB2  . GLU A 1 67  ? -7.262  0.567   -6.343  1.00 0.75  ? 67  GLU A HB2  1 
ATOM   916  H  HB3  . GLU A 1 67  ? -6.862  0.091   -7.994  1.00 0.83  ? 67  GLU A HB3  1 
ATOM   917  H  HG2  . GLU A 1 67  ? -9.068  -0.402  -8.534  1.00 1.58  ? 67  GLU A HG2  1 
ATOM   918  H  HG3  . GLU A 1 67  ? -9.515  -0.718  -6.857  1.00 1.45  ? 67  GLU A HG3  1 
ATOM   919  N  N    . HIS A 1 68  ? -4.731  -1.940  -6.616  1.00 0.32  ? 68  HIS A N    1 
ATOM   920  C  CA   . HIS A 1 68  ? -3.388  -1.950  -5.972  1.00 0.28  ? 68  HIS A CA   1 
ATOM   921  C  C    . HIS A 1 68  ? -2.297  -1.954  -7.034  1.00 0.26  ? 68  HIS A C    1 
ATOM   922  O  O    . HIS A 1 68  ? -2.347  -2.707  -7.985  1.00 0.28  ? 68  HIS A O    1 
ATOM   923  C  CB   . HIS A 1 68  ? -3.219  -3.224  -5.141  1.00 0.29  ? 68  HIS A CB   1 
ATOM   924  C  CG   . HIS A 1 68  ? -4.257  -3.286  -4.063  1.00 0.30  ? 68  HIS A CG   1 
ATOM   925  N  ND1  . HIS A 1 68  ? -4.044  -2.762  -2.800  1.00 0.32  ? 68  HIS A ND1  1 
ATOM   926  C  CD2  . HIS A 1 68  ? -5.511  -3.834  -4.040  1.00 0.32  ? 68  HIS A CD2  1 
ATOM   927  C  CE1  . HIS A 1 68  ? -5.147  -3.005  -2.072  1.00 0.35  ? 68  HIS A CE1  1 
ATOM   928  N  NE2  . HIS A 1 68  ? -6.076  -3.654  -2.781  1.00 0.34  ? 68  HIS A NE2  1 
ATOM   929  H  H    . HIS A 1 68  ? -4.833  -2.233  -7.545  1.00 0.35  ? 68  HIS A H    1 
ATOM   930  H  HA   . HIS A 1 68  ? -3.279  -1.086  -5.336  1.00 0.28  ? 68  HIS A HA   1 
ATOM   931  H  HB2  . HIS A 1 68  ? -3.322  -4.085  -5.784  1.00 0.30  ? 68  HIS A HB2  1 
ATOM   932  H  HB3  . HIS A 1 68  ? -2.236  -3.232  -4.692  1.00 0.31  ? 68  HIS A HB3  1 
ATOM   933  H  HD1  . HIS A 1 68  ? -3.235  -2.303  -2.491  1.00 0.33  ? 68  HIS A HD1  1 
ATOM   934  H  HD2  . HIS A 1 68  ? -5.980  -4.344  -4.868  1.00 0.33  ? 68  HIS A HD2  1 
ATOM   935  H  HE1  . HIS A 1 68  ? -5.259  -2.729  -1.035  1.00 0.38  ? 68  HIS A HE1  1 
ATOM   936  N  N    . TRP A 1 69  ? -1.287  -1.158  -6.860  1.00 0.26  ? 69  TRP A N    1 
ATOM   937  C  CA   . TRP A 1 69  ? -0.178  -1.174  -7.845  1.00 0.28  ? 69  TRP A CA   1 
ATOM   938  C  C    . TRP A 1 69  ? 0.675   -2.402  -7.537  1.00 0.27  ? 69  TRP A C    1 
ATOM   939  O  O    . TRP A 1 69  ? 1.522   -2.380  -6.666  1.00 0.28  ? 69  TRP A O    1 
ATOM   940  C  CB   . TRP A 1 69  ? 0.683   0.086   -7.710  1.00 0.33  ? 69  TRP A CB   1 
ATOM   941  C  CG   . TRP A 1 69  ? -0.034  1.260   -8.294  1.00 0.38  ? 69  TRP A CG   1 
ATOM   942  C  CD1  . TRP A 1 69  ? -0.140  2.468   -7.705  1.00 0.51  ? 69  TRP A CD1  1 
ATOM   943  C  CD2  . TRP A 1 69  ? -0.735  1.365   -9.567  1.00 0.38  ? 69  TRP A CD2  1 
ATOM   944  N  NE1  . TRP A 1 69  ? -0.875  3.304   -8.525  1.00 0.55  ? 69  TRP A NE1  1 
ATOM   945  C  CE2  . TRP A 1 69  ? -1.262  2.671   -9.685  1.00 0.48  ? 69  TRP A CE2  1 
ATOM   946  C  CE3  . TRP A 1 69  ? -0.965  0.463   -10.615 1.00 0.39  ? 69  TRP A CE3  1 
ATOM   947  C  CZ2  . TRP A 1 69  ? -1.992  3.068   -10.803 1.00 0.54  ? 69  TRP A CZ2  1 
ATOM   948  C  CZ3  . TRP A 1 69  ? -1.700  0.857   -11.746 1.00 0.49  ? 69  TRP A CZ3  1 
ATOM   949  C  CH2  . TRP A 1 69  ? -2.214  2.159   -11.838 1.00 0.54  ? 69  TRP A CH2  1 
ATOM   950  H  H    . TRP A 1 69  ? -1.245  -0.578  -6.072  1.00 0.27  ? 69  TRP A H    1 
ATOM   951  H  HA   . TRP A 1 69  ? -0.576  -1.247  -8.845  1.00 0.29  ? 69  TRP A HA   1 
ATOM   952  H  HB2  . TRP A 1 69  ? 0.883   0.273   -6.666  1.00 0.38  ? 69  TRP A HB2  1 
ATOM   953  H  HB3  . TRP A 1 69  ? 1.617   -0.060  -8.233  1.00 0.33  ? 69  TRP A HB3  1 
ATOM   954  H  HD1  . TRP A 1 69  ? 0.272   2.732   -6.746  1.00 0.60  ? 69  TRP A HD1  1 
ATOM   955  H  HE1  . TRP A 1 69  ? -1.102  4.234   -8.327  1.00 0.65  ? 69  TRP A HE1  1 
ATOM   956  H  HE3  . TRP A 1 69  ? -0.572  -0.536  -10.551 1.00 0.38  ? 69  TRP A HE3  1 
ATOM   957  H  HZ2  . TRP A 1 69  ? -2.385  4.070   -10.869 1.00 0.61  ? 69  TRP A HZ2  1 
ATOM   958  H  HZ3  . TRP A 1 69  ? -1.872  0.154   -12.547 1.00 0.57  ? 69  TRP A HZ3  1 
ATOM   959  H  HH2  . TRP A 1 69  ? -2.777  2.459   -12.706 1.00 0.62  ? 69  TRP A HH2  1 
ATOM   960  N  N    . LEU A 1 70  ? 0.429   -3.487  -8.218  1.00 0.32  ? 70  LEU A N    1 
ATOM   961  C  CA   . LEU A 1 70  ? 1.197   -4.729  -7.947  1.00 0.35  ? 70  LEU A CA   1 
ATOM   962  C  C    . LEU A 1 70  ? 2.585   -4.637  -8.584  1.00 0.33  ? 70  LEU A C    1 
ATOM   963  O  O    . LEU A 1 70  ? 2.744   -4.757  -9.781  1.00 0.50  ? 70  LEU A O    1 
ATOM   964  C  CB   . LEU A 1 70  ? 0.450   -5.921  -8.546  1.00 0.47  ? 70  LEU A CB   1 
ATOM   965  C  CG   . LEU A 1 70  ? 1.207   -7.204  -8.220  1.00 0.34  ? 70  LEU A CG   1 
ATOM   966  C  CD1  . LEU A 1 70  ? 1.296   -7.382  -6.704  1.00 0.43  ? 70  LEU A CD1  1 
ATOM   967  C  CD2  . LEU A 1 70  ? 0.469   -8.398  -8.830  1.00 0.43  ? 70  LEU A CD2  1 
ATOM   968  H  H    . LEU A 1 70  ? -0.282  -3.493  -8.888  1.00 0.37  ? 70  LEU A H    1 
ATOM   969  H  HA   . LEU A 1 70  ? 1.296   -4.866  -6.882  1.00 0.33  ? 70  LEU A HA   1 
ATOM   970  H  HB2  . LEU A 1 70  ? -0.544  -5.971  -8.133  1.00 0.65  ? 70  LEU A HB2  1 
ATOM   971  H  HB3  . LEU A 1 70  ? 0.390   -5.804  -9.617  1.00 0.64  ? 70  LEU A HB3  1 
ATOM   972  H  HG   . LEU A 1 70  ? 2.201   -7.142  -8.632  1.00 0.38  ? 70  LEU A HG   1 
ATOM   973  H  HD11 . LEU A 1 70  ? 2.333   -7.396  -6.405  1.00 1.04  ? 70  LEU A HD11 1 
ATOM   974  H  HD12 . LEU A 1 70  ? 0.829   -8.314  -6.424  1.00 1.13  ? 70  LEU A HD12 1 
ATOM   975  H  HD13 . LEU A 1 70  ? 0.791   -6.563  -6.216  1.00 1.16  ? 70  LEU A HD13 1 
ATOM   976  H  HD21 . LEU A 1 70  ? 1.032   -9.301  -8.646  1.00 1.08  ? 70  LEU A HD21 1 
ATOM   977  H  HD22 . LEU A 1 70  ? 0.364   -8.249  -9.894  1.00 1.18  ? 70  LEU A HD22 1 
ATOM   978  H  HD23 . LEU A 1 70  ? -0.508  -8.483  -8.379  1.00 1.02  ? 70  LEU A HD23 1 
ATOM   979  N  N    . VAL A 1 71  ? 3.592   -4.434  -7.781  1.00 0.33  ? 71  VAL A N    1 
ATOM   980  C  CA   . VAL A 1 71  ? 4.977   -4.344  -8.319  1.00 0.33  ? 71  VAL A CA   1 
ATOM   981  C  C    . VAL A 1 71  ? 5.651   -5.712  -8.179  1.00 0.36  ? 71  VAL A C    1 
ATOM   982  O  O    . VAL A 1 71  ? 5.236   -6.541  -7.388  1.00 0.38  ? 71  VAL A O    1 
ATOM   983  C  CB   . VAL A 1 71  ? 5.766   -3.301  -7.527  1.00 0.33  ? 71  VAL A CB   1 
ATOM   984  C  CG1  . VAL A 1 71  ? 7.041   -2.937  -8.288  1.00 0.52  ? 71  VAL A CG1  1 
ATOM   985  C  CG2  . VAL A 1 71  ? 4.908   -2.047  -7.343  1.00 0.38  ? 71  VAL A CG2  1 
ATOM   986  H  H    . VAL A 1 71  ? 3.439   -4.349  -6.820  1.00 0.45  ? 71  VAL A H    1 
ATOM   987  H  HA   . VAL A 1 71  ? 4.944   -4.059  -9.362  1.00 0.38  ? 71  VAL A HA   1 
ATOM   988  H  HB   . VAL A 1 71  ? 6.028   -3.706  -6.559  1.00 0.37  ? 71  VAL A HB   1 
ATOM   989  H  HG11 . VAL A 1 71  ? 7.145   -1.862  -8.324  1.00 1.17  ? 71  VAL A HG11 1 
ATOM   990  H  HG12 . VAL A 1 71  ? 6.984   -3.328  -9.293  1.00 1.17  ? 71  VAL A HG12 1 
ATOM   991  H  HG13 . VAL A 1 71  ? 7.896   -3.364  -7.783  1.00 1.17  ? 71  VAL A HG13 1 
ATOM   992  H  HG21 . VAL A 1 71  ? 3.898   -2.251  -7.667  1.00 1.08  ? 71  VAL A HG21 1 
ATOM   993  H  HG22 . VAL A 1 71  ? 5.319   -1.240  -7.932  1.00 1.10  ? 71  VAL A HG22 1 
ATOM   994  H  HG23 . VAL A 1 71  ? 4.901   -1.764  -6.301  1.00 1.10  ? 71  VAL A HG23 1 
ATOM   995  N  N    . GLU A 1 72  ? 6.683   -5.961  -8.937  1.00 0.40  ? 72  GLU A N    1 
ATOM   996  C  CA   . GLU A 1 72  ? 7.370   -7.278  -8.844  1.00 0.45  ? 72  GLU A CA   1 
ATOM   997  C  C    . GLU A 1 72  ? 8.689   -7.125  -8.083  1.00 0.49  ? 72  GLU A C    1 
ATOM   998  O  O    . GLU A 1 72  ? 9.506   -8.024  -8.056  1.00 0.75  ? 72  GLU A O    1 
ATOM   999  C  CB   . GLU A 1 72  ? 7.653   -7.802  -10.253 1.00 0.49  ? 72  GLU A CB   1 
ATOM   1000 C  CG   . GLU A 1 72  ? 6.448   -7.519  -11.154 1.00 1.34  ? 72  GLU A CG   1 
ATOM   1001 C  CD   . GLU A 1 72  ? 6.701   -8.100  -12.546 1.00 1.80  ? 72  GLU A CD   1 
ATOM   1002 O  OE1  . GLU A 1 72  ? 7.858   -8.224  -12.913 1.00 2.31  ? 72  GLU A OE1  1 
ATOM   1003 O  OE2  . GLU A 1 72  ? 5.734   -8.411  -13.221 1.00 2.41  ? 72  GLU A OE2  1 
ATOM   1004 H  H    . GLU A 1 72  ? 7.001   -5.283  -9.570  1.00 0.41  ? 72  GLU A H    1 
ATOM   1005 H  HA   . GLU A 1 72  ? 6.735   -7.979  -8.323  1.00 0.53  ? 72  GLU A HA   1 
ATOM   1006 H  HB2  . GLU A 1 72  ? 8.527   -7.307  -10.653 1.00 1.17  ? 72  GLU A HB2  1 
ATOM   1007 H  HB3  . GLU A 1 72  ? 7.828   -8.867  -10.214 1.00 1.19  ? 72  GLU A HB3  1 
ATOM   1008 H  HG2  . GLU A 1 72  ? 5.566   -7.975  -10.727 1.00 1.99  ? 72  GLU A HG2  1 
ATOM   1009 H  HG3  . GLU A 1 72  ? 6.299   -6.453  -11.232 1.00 2.03  ? 72  GLU A HG3  1 
ATOM   1010 N  N    . ASP A 1 73  ? 8.908   -5.996  -7.463  1.00 0.45  ? 73  ASP A N    1 
ATOM   1011 C  CA   . ASP A 1 73  ? 10.179  -5.804  -6.709  1.00 0.52  ? 73  ASP A CA   1 
ATOM   1012 C  C    . ASP A 1 73  ? 10.021  -4.664  -5.698  1.00 0.46  ? 73  ASP A C    1 
ATOM   1013 O  O    . ASP A 1 73  ? 9.836   -3.521  -6.062  1.00 0.46  ? 73  ASP A O    1 
ATOM   1014 C  CB   . ASP A 1 73  ? 11.303  -5.462  -7.689  1.00 0.64  ? 73  ASP A CB   1 
ATOM   1015 C  CG   . ASP A 1 73  ? 12.463  -6.441  -7.499  1.00 0.83  ? 73  ASP A CG   1 
ATOM   1016 O  OD1  . ASP A 1 73  ? 12.204  -7.632  -7.439  1.00 1.37  ? 73  ASP A OD1  1 
ATOM   1017 O  OD2  . ASP A 1 73  ? 13.591  -5.984  -7.415  1.00 1.46  ? 73  ASP A OD2  1 
ATOM   1018 H  H    . ASP A 1 73  ? 8.241   -5.281  -7.493  1.00 0.55  ? 73  ASP A H    1 
ATOM   1019 H  HA   . ASP A 1 73  ? 10.427  -6.715  -6.186  1.00 0.61  ? 73  ASP A HA   1 
ATOM   1020 H  HB2  . ASP A 1 73  ? 10.930  -5.535  -8.701  1.00 0.63  ? 73  ASP A HB2  1 
ATOM   1021 H  HB3  . ASP A 1 73  ? 11.648  -4.457  -7.503  1.00 0.75  ? 73  ASP A HB3  1 
ATOM   1022 N  N    . MET A 1 74  ? 10.096  -4.968  -4.430  1.00 0.48  ? 74  MET A N    1 
ATOM   1023 C  CA   . MET A 1 74  ? 9.958   -3.911  -3.398  1.00 0.45  ? 74  MET A CA   1 
ATOM   1024 C  C    . MET A 1 74  ? 11.125  -2.930  -3.518  1.00 0.46  ? 74  MET A C    1 
ATOM   1025 O  O    . MET A 1 74  ? 11.003  -1.762  -3.205  1.00 0.45  ? 74  MET A O    1 
ATOM   1026 C  CB   . MET A 1 74  ? 9.973   -4.554  -2.011  1.00 0.50  ? 74  MET A CB   1 
ATOM   1027 C  CG   . MET A 1 74  ? 11.037  -5.652  -1.969  1.00 0.93  ? 74  MET A CG   1 
ATOM   1028 S  SD   . MET A 1 74  ? 11.474  -6.003  -0.247  1.00 1.46  ? 74  MET A SD   1 
ATOM   1029 C  CE   . MET A 1 74  ? 13.246  -6.260  -0.512  1.00 1.88  ? 74  MET A CE   1 
ATOM   1030 H  H    . MET A 1 74  ? 10.244  -5.889  -4.155  1.00 0.54  ? 74  MET A H    1 
ATOM   1031 H  HA   . MET A 1 74  ? 9.030   -3.391  -3.543  1.00 0.42  ? 74  MET A HA   1 
ATOM   1032 H  HB2  . MET A 1 74  ? 10.200  -3.804  -1.272  1.00 0.81  ? 74  MET A HB2  1 
ATOM   1033 H  HB3  . MET A 1 74  ? 9.006   -4.986  -1.803  1.00 0.94  ? 74  MET A HB3  1 
ATOM   1034 H  HG2  . MET A 1 74  ? 10.650  -6.548  -2.432  1.00 1.50  ? 74  MET A HG2  1 
ATOM   1035 H  HG3  . MET A 1 74  ? 11.916  -5.323  -2.503  1.00 1.43  ? 74  MET A HG3  1 
ATOM   1036 H  HE1  . MET A 1 74  ? 13.791  -5.398  -0.151  1.00 2.25  ? 74  MET A HE1  1 
ATOM   1037 H  HE2  . MET A 1 74  ? 13.436  -6.396  -1.567  1.00 2.37  ? 74  MET A HE2  1 
ATOM   1038 H  HE3  . MET A 1 74  ? 13.569  -7.137  0.025   1.00 2.30  ? 74  MET A HE3  1 
ATOM   1039 N  N    . PHE A 1 75  ? 12.258  -3.395  -3.971  1.00 0.51  ? 75  PHE A N    1 
ATOM   1040 C  CA   . PHE A 1 75  ? 13.432  -2.490  -4.113  1.00 0.56  ? 75  PHE A CA   1 
ATOM   1041 C  C    . PHE A 1 75  ? 13.051  -1.308  -5.005  1.00 0.52  ? 75  PHE A C    1 
ATOM   1042 O  O    . PHE A 1 75  ? 13.707  -0.284  -5.009  1.00 0.56  ? 75  PHE A O    1 
ATOM   1043 C  CB   . PHE A 1 75  ? 14.596  -3.256  -4.746  1.00 0.64  ? 75  PHE A CB   1 
ATOM   1044 C  CG   . PHE A 1 75  ? 15.759  -2.319  -4.959  1.00 0.73  ? 75  PHE A CG   1 
ATOM   1045 C  CD1  . PHE A 1 75  ? 16.304  -1.619  -3.876  1.00 1.27  ? 75  PHE A CD1  1 
ATOM   1046 C  CD2  . PHE A 1 75  ? 16.295  -2.149  -6.243  1.00 1.26  ? 75  PHE A CD2  1 
ATOM   1047 C  CE1  . PHE A 1 75  ? 17.384  -0.750  -4.075  1.00 1.37  ? 75  PHE A CE1  1 
ATOM   1048 C  CE2  . PHE A 1 75  ? 17.375  -1.280  -6.441  1.00 1.35  ? 75  PHE A CE2  1 
ATOM   1049 C  CZ   . PHE A 1 75  ? 17.919  -0.581  -5.358  1.00 1.02  ? 75  PHE A CZ   1 
ATOM   1050 H  H    . PHE A 1 75  ? 12.335  -4.340  -4.217  1.00 0.56  ? 75  PHE A H    1 
ATOM   1051 H  HA   . PHE A 1 75  ? 13.727  -2.126  -3.139  1.00 0.58  ? 75  PHE A HA   1 
ATOM   1052 H  HB2  . PHE A 1 75  ? 14.896  -4.061  -4.090  1.00 0.68  ? 75  PHE A HB2  1 
ATOM   1053 H  HB3  . PHE A 1 75  ? 14.283  -3.663  -5.697  1.00 0.64  ? 75  PHE A HB3  1 
ATOM   1054 H  HD1  . PHE A 1 75  ? 15.891  -1.751  -2.886  1.00 1.90  ? 75  PHE A HD1  1 
ATOM   1055 H  HD2  . PHE A 1 75  ? 15.875  -2.688  -7.078  1.00 1.90  ? 75  PHE A HD2  1 
ATOM   1056 H  HE1  . PHE A 1 75  ? 17.804  -0.211  -3.239  1.00 2.03  ? 75  PHE A HE1  1 
ATOM   1057 H  HE2  . PHE A 1 75  ? 17.787  -1.149  -7.431  1.00 2.00  ? 75  PHE A HE2  1 
ATOM   1058 H  HZ   . PHE A 1 75  ? 18.752  0.089   -5.510  1.00 1.15  ? 75  PHE A HZ   1 
ATOM   1059 N  N    . ILE A 1 76  ? 11.995  -1.441  -5.758  1.00 0.50  ? 76  ILE A N    1 
ATOM   1060 C  CA   . ILE A 1 76  ? 11.569  -0.327  -6.649  1.00 0.50  ? 76  ILE A CA   1 
ATOM   1061 C  C    . ILE A 1 76  ? 11.211  0.890   -5.796  1.00 0.46  ? 76  ILE A C    1 
ATOM   1062 O  O    . ILE A 1 76  ? 11.545  2.011   -6.127  1.00 0.48  ? 76  ILE A O    1 
ATOM   1063 C  CB   . ILE A 1 76  ? 10.349  -0.761  -7.462  1.00 0.53  ? 76  ILE A CB   1 
ATOM   1064 C  CG1  . ILE A 1 76  ? 10.763  -1.840  -8.465  1.00 0.61  ? 76  ILE A CG1  1 
ATOM   1065 C  CG2  . ILE A 1 76  ? 9.783   0.443   -8.217  1.00 0.61  ? 76  ILE A CG2  1 
ATOM   1066 C  CD1  . ILE A 1 76  ? 9.567   -2.206  -9.345  1.00 0.61  ? 76  ILE A CD1  1 
ATOM   1067 H  H    . ILE A 1 76  ? 11.482  -2.274  -5.736  1.00 0.53  ? 76  ILE A H    1 
ATOM   1068 H  HA   . ILE A 1 76  ? 12.377  -0.072  -7.319  1.00 0.55  ? 76  ILE A HA   1 
ATOM   1069 H  HB   . ILE A 1 76  ? 9.594   -1.155  -6.796  1.00 0.52  ? 76  ILE A HB   1 
ATOM   1070 H  HG12 . ILE A 1 76  ? 11.566  -1.467  -9.083  1.00 0.75  ? 76  ILE A HG12 1 
ATOM   1071 H  HG13 . ILE A 1 76  ? 11.097  -2.718  -7.932  1.00 0.76  ? 76  ILE A HG13 1 
ATOM   1072 H  HG21 . ILE A 1 76  ? 9.667   1.274   -7.536  1.00 1.22  ? 76  ILE A HG21 1 
ATOM   1073 H  HG22 . ILE A 1 76  ? 8.821   0.185   -8.637  1.00 1.20  ? 76  ILE A HG22 1 
ATOM   1074 H  HG23 . ILE A 1 76  ? 10.459  0.720   -9.012  1.00 1.17  ? 76  ILE A HG23 1 
ATOM   1075 H  HD11 . ILE A 1 76  ? 8.769   -1.497  -9.181  1.00 1.11  ? 76  ILE A HD11 1 
ATOM   1076 H  HD12 . ILE A 1 76  ? 9.225   -3.199  -9.094  1.00 1.24  ? 76  ILE A HD12 1 
ATOM   1077 H  HD13 . ILE A 1 76  ? 9.863   -2.181  -10.384 1.00 1.20  ? 76  ILE A HD13 1 
ATOM   1078 N  N    . PHE A 1 77  ? 10.536  0.682   -4.697  1.00 0.44  ? 77  PHE A N    1 
ATOM   1079 C  CA   . PHE A 1 77  ? 10.163  1.826   -3.826  1.00 0.44  ? 77  PHE A CA   1 
ATOM   1080 C  C    . PHE A 1 77  ? 11.408  2.639   -3.474  1.00 0.43  ? 77  PHE A C    1 
ATOM   1081 O  O    . PHE A 1 77  ? 12.470  2.458   -4.036  1.00 0.51  ? 77  PHE A O    1 
ATOM   1082 C  CB   . PHE A 1 77  ? 9.568   1.300   -2.525  1.00 0.47  ? 77  PHE A CB   1 
ATOM   1083 C  CG   . PHE A 1 77  ? 8.325   0.494   -2.794  1.00 0.41  ? 77  PHE A CG   1 
ATOM   1084 C  CD1  . PHE A 1 77  ? 7.172   1.126   -3.269  1.00 1.10  ? 77  PHE A CD1  1 
ATOM   1085 C  CD2  . PHE A 1 77  ? 8.317   -0.885  -2.544  1.00 1.25  ? 77  PHE A CD2  1 
ATOM   1086 C  CE1  . PHE A 1 77  ? 6.012   0.381   -3.499  1.00 1.10  ? 77  PHE A CE1  1 
ATOM   1087 C  CE2  . PHE A 1 77  ? 7.156   -1.629  -2.768  1.00 1.25  ? 77  PHE A CE2  1 
ATOM   1088 C  CZ   . PHE A 1 77  ? 6.004   -0.996  -3.246  1.00 0.39  ? 77  PHE A CZ   1 
ATOM   1089 H  H    . PHE A 1 77  ? 10.274  -0.227  -4.443  1.00 0.45  ? 77  PHE A H    1 
ATOM   1090 H  HA   . PHE A 1 77  ? 9.441   2.452   -4.328  1.00 0.49  ? 77  PHE A HA   1 
ATOM   1091 H  HB2  . PHE A 1 77  ? 10.295  0.678   -2.024  1.00 0.54  ? 77  PHE A HB2  1 
ATOM   1092 H  HB3  . PHE A 1 77  ? 9.319   2.135   -1.895  1.00 0.54  ? 77  PHE A HB3  1 
ATOM   1093 H  HD1  . PHE A 1 77  ? 7.181   2.188   -3.466  1.00 1.93  ? 77  PHE A HD1  1 
ATOM   1094 H  HD2  . PHE A 1 77  ? 9.209   -1.373  -2.179  1.00 2.08  ? 77  PHE A HD2  1 
ATOM   1095 H  HE1  . PHE A 1 77  ? 5.121   0.869   -3.868  1.00 1.93  ? 77  PHE A HE1  1 
ATOM   1096 H  HE2  . PHE A 1 77  ? 7.150   -2.692  -2.574  1.00 2.08  ? 77  PHE A HE2  1 
ATOM   1097 H  HZ   . PHE A 1 77  ? 5.107   -1.568  -3.415  1.00 0.42  ? 77  PHE A HZ   1 
ATOM   1098 N  N    . GLU A 1 78  ? 11.279  3.515   -2.516  1.00 0.45  ? 78  GLU A N    1 
ATOM   1099 C  CA   . GLU A 1 78  ? 12.436  4.335   -2.073  1.00 0.51  ? 78  GLU A CA   1 
ATOM   1100 C  C    . GLU A 1 78  ? 12.478  4.296   -0.544  1.00 0.54  ? 78  GLU A C    1 
ATOM   1101 O  O    . GLU A 1 78  ? 13.032  3.391   0.048   1.00 0.51  ? 78  GLU A O    1 
ATOM   1102 C  CB   . GLU A 1 78  ? 12.262  5.778   -2.553  1.00 0.63  ? 78  GLU A CB   1 
ATOM   1103 C  CG   . GLU A 1 78  ? 12.884  5.933   -3.942  1.00 1.38  ? 78  GLU A CG   1 
ATOM   1104 C  CD   . GLU A 1 78  ? 13.008  7.420   -4.283  1.00 1.42  ? 78  GLU A CD   1 
ATOM   1105 O  OE1  . GLU A 1 78  ? 12.074  8.151   -4.000  1.00 1.87  ? 78  GLU A OE1  1 
ATOM   1106 O  OE2  . GLU A 1 78  ? 14.035  7.800   -4.821  1.00 1.94  ? 78  GLU A OE2  1 
ATOM   1107 H  H    . GLU A 1 78  ? 10.413  3.620   -2.070  1.00 0.51  ? 78  GLU A H    1 
ATOM   1108 H  HA   . GLU A 1 78  ? 13.352  3.922   -2.473  1.00 0.51  ? 78  GLU A HA   1 
ATOM   1109 H  HB2  . GLU A 1 78  ? 11.210  6.017   -2.600  1.00 1.07  ? 78  GLU A HB2  1 
ATOM   1110 H  HB3  . GLU A 1 78  ? 12.753  6.449   -1.864  1.00 1.00  ? 78  GLU A HB3  1 
ATOM   1111 H  HG2  . GLU A 1 78  ? 13.865  5.478   -3.950  1.00 2.04  ? 78  GLU A HG2  1 
ATOM   1112 H  HG3  . GLU A 1 78  ? 12.256  5.449   -4.674  1.00 2.07  ? 78  GLU A HG3  1 
ATOM   1113 N  N    . ASN A 1 79  ? 11.872  5.254   0.103   1.00 0.65  ? 79  ASN A N    1 
ATOM   1114 C  CA   . ASN A 1 79  ? 11.851  5.250   1.592   1.00 0.72  ? 79  ASN A CA   1 
ATOM   1115 C  C    . ASN A 1 79  ? 10.598  4.507   2.065   1.00 0.64  ? 79  ASN A C    1 
ATOM   1116 O  O    . ASN A 1 79  ? 9.895   4.957   2.948   1.00 0.74  ? 79  ASN A O    1 
ATOM   1117 C  CB   . ASN A 1 79  ? 11.823  6.690   2.108   1.00 0.92  ? 79  ASN A CB   1 
ATOM   1118 C  CG   . ASN A 1 79  ? 13.129  7.394   1.735   1.00 1.10  ? 79  ASN A CG   1 
ATOM   1119 O  OD1  . ASN A 1 79  ? 14.148  6.755   1.563   1.00 1.64  ? 79  ASN A OD1  1 
ATOM   1120 N  ND2  . ASN A 1 79  ? 13.142  8.692   1.602   1.00 1.64  ? 79  ASN A ND2  1 
ATOM   1121 H  H    . ASN A 1 79  ? 11.412  5.964   -0.391  1.00 0.72  ? 79  ASN A H    1 
ATOM   1122 H  HA   . ASN A 1 79  ? 12.732  4.747   1.965   1.00 0.72  ? 79  ASN A HA   1 
ATOM   1123 H  HB2  . ASN A 1 79  ? 10.990  7.215   1.662   1.00 1.00  ? 79  ASN A HB2  1 
ATOM   1124 H  HB3  . ASN A 1 79  ? 11.712  6.686   3.182   1.00 1.08  ? 79  ASN A HB3  1 
ATOM   1125 H  HD21 . ASN A 1 79  ? 12.320  9.207   1.741   1.00 2.24  ? 79  ASN A HD21 1 
ATOM   1126 H  HD22 . ASN A 1 79  ? 13.974  9.151   1.364   1.00 1.83  ? 79  ASN A HD22 1 
ATOM   1127 N  N    . VAL A 1 80  ? 10.303  3.380   1.471   1.00 0.49  ? 80  VAL A N    1 
ATOM   1128 C  CA   . VAL A 1 80  ? 9.085   2.613   1.871   1.00 0.43  ? 80  VAL A CA   1 
ATOM   1129 C  C    . VAL A 1 80  ? 9.436   1.624   2.990   1.00 0.40  ? 80  VAL A C    1 
ATOM   1130 O  O    . VAL A 1 80  ? 10.539  1.118   3.064   1.00 0.63  ? 80  VAL A O    1 
ATOM   1131 C  CB   . VAL A 1 80  ? 8.531   1.878   0.633   1.00 0.39  ? 80  VAL A CB   1 
ATOM   1132 C  CG1  . VAL A 1 80  ? 9.058   0.439   0.549   1.00 0.51  ? 80  VAL A CG1  1 
ATOM   1133 C  CG2  . VAL A 1 80  ? 7.005   1.842   0.691   1.00 0.57  ? 80  VAL A CG2  1 
ATOM   1134 H  H    . VAL A 1 80  ? 10.878  3.042   0.753   1.00 0.45  ? 80  VAL A H    1 
ATOM   1135 H  HA   . VAL A 1 80  ? 8.338   3.304   2.235   1.00 0.52  ? 80  VAL A HA   1 
ATOM   1136 H  HB   . VAL A 1 80  ? 8.834   2.416   -0.247  1.00 0.56  ? 80  VAL A HB   1 
ATOM   1137 H  HG11 . VAL A 1 80  ? 8.551   -0.083  -0.253  1.00 1.20  ? 80  VAL A HG11 1 
ATOM   1138 H  HG12 . VAL A 1 80  ? 8.867   -0.070  1.483   1.00 1.12  ? 80  VAL A HG12 1 
ATOM   1139 H  HG13 . VAL A 1 80  ? 10.120  0.453   0.356   1.00 1.20  ? 80  VAL A HG13 1 
ATOM   1140 H  HG21 . VAL A 1 80  ? 6.661   2.455   1.509   1.00 1.21  ? 80  VAL A HG21 1 
ATOM   1141 H  HG22 . VAL A 1 80  ? 6.675   0.824   0.837   1.00 1.18  ? 80  VAL A HG22 1 
ATOM   1142 H  HG23 . VAL A 1 80  ? 6.603   2.220   -0.239  1.00 1.22  ? 80  VAL A HG23 1 
ATOM   1143 N  N    . GLY A 1 81  ? 8.502   1.347   3.859   1.00 0.53  ? 81  GLY A N    1 
ATOM   1144 C  CA   . GLY A 1 81  ? 8.773   0.393   4.973   1.00 0.48  ? 81  GLY A CA   1 
ATOM   1145 C  C    . GLY A 1 81  ? 7.899   -0.850  4.803   1.00 0.40  ? 81  GLY A C    1 
ATOM   1146 O  O    . GLY A 1 81  ? 7.242   -1.023  3.795   1.00 0.50  ? 81  GLY A O    1 
ATOM   1147 H  H    . GLY A 1 81  ? 7.621   1.767   3.776   1.00 0.82  ? 81  GLY A H    1 
ATOM   1148 H  HA2  . GLY A 1 81  ? 9.816   0.107   4.957   1.00 0.50  ? 81  GLY A HA2  1 
ATOM   1149 H  HA3  . GLY A 1 81  ? 8.544   0.864   5.917   1.00 0.51  ? 81  GLY A HA3  1 
ATOM   1150 N  N    . PHE A 1 82  ? 7.884   -1.721  5.775   1.00 0.47  ? 82  PHE A N    1 
ATOM   1151 C  CA   . PHE A 1 82  ? 7.053   -2.951  5.652   1.00 0.44  ? 82  PHE A CA   1 
ATOM   1152 C  C    . PHE A 1 82  ? 6.453   -3.319  7.013   1.00 0.45  ? 82  PHE A C    1 
ATOM   1153 O  O    . PHE A 1 82  ? 7.161   -3.533  7.977   1.00 0.64  ? 82  PHE A O    1 
ATOM   1154 C  CB   . PHE A 1 82  ? 7.928   -4.101  5.149   1.00 0.48  ? 82  PHE A CB   1 
ATOM   1155 C  CG   . PHE A 1 82  ? 8.131   -3.960  3.661   1.00 0.46  ? 82  PHE A CG   1 
ATOM   1156 C  CD1  . PHE A 1 82  ? 7.133   -4.387  2.779   1.00 1.29  ? 82  PHE A CD1  1 
ATOM   1157 C  CD2  . PHE A 1 82  ? 9.311   -3.396  3.162   1.00 1.23  ? 82  PHE A CD2  1 
ATOM   1158 C  CE1  . PHE A 1 82  ? 7.314   -4.253  1.398   1.00 1.30  ? 82  PHE A CE1  1 
ATOM   1159 C  CE2  . PHE A 1 82  ? 9.493   -3.261  1.781   1.00 1.23  ? 82  PHE A CE2  1 
ATOM   1160 C  CZ   . PHE A 1 82  ? 8.494   -3.690  0.897   1.00 0.49  ? 82  PHE A CZ   1 
ATOM   1161 H  H    . PHE A 1 82  ? 8.421   -1.568  6.580   1.00 0.65  ? 82  PHE A H    1 
ATOM   1162 H  HA   . PHE A 1 82  ? 6.256   -2.775  4.946   1.00 0.43  ? 82  PHE A HA   1 
ATOM   1163 H  HB2  . PHE A 1 82  ? 8.885   -4.071  5.649   1.00 0.54  ? 82  PHE A HB2  1 
ATOM   1164 H  HB3  . PHE A 1 82  ? 7.441   -5.043  5.358   1.00 0.53  ? 82  PHE A HB3  1 
ATOM   1165 H  HD1  . PHE A 1 82  ? 6.222   -4.821  3.166   1.00 2.17  ? 82  PHE A HD1  1 
ATOM   1166 H  HD2  . PHE A 1 82  ? 10.081  -3.066  3.844   1.00 2.10  ? 82  PHE A HD2  1 
ATOM   1167 H  HE1  . PHE A 1 82  ? 6.543   -4.585  0.718   1.00 2.18  ? 82  PHE A HE1  1 
ATOM   1168 H  HE2  . PHE A 1 82  ? 10.404  -2.826  1.396   1.00 2.10  ? 82  PHE A HE2  1 
ATOM   1169 H  HZ   . PHE A 1 82  ? 8.633   -3.584  -0.169  1.00 0.52  ? 82  PHE A HZ   1 
ATOM   1170 N  N    . THR A 1 83  ? 5.152   -3.402  7.093   1.00 0.49  ? 83  THR A N    1 
ATOM   1171 C  CA   . THR A 1 83  ? 4.501   -3.762  8.380   1.00 0.53  ? 83  THR A CA   1 
ATOM   1172 C  C    . THR A 1 83  ? 4.514   -5.287  8.536   1.00 0.50  ? 83  THR A C    1 
ATOM   1173 O  O    . THR A 1 83  ? 3.856   -6.001  7.803   1.00 0.43  ? 83  THR A O    1 
ATOM   1174 C  CB   . THR A 1 83  ? 3.058   -3.237  8.367   1.00 0.58  ? 83  THR A CB   1 
ATOM   1175 O  OG1  . THR A 1 83  ? 3.053   -1.875  8.770   1.00 0.90  ? 83  THR A OG1  1 
ATOM   1176 C  CG2  . THR A 1 83  ? 2.185   -4.052  9.324   1.00 0.65  ? 83  THR A CG2  1 
ATOM   1177 H  H    . THR A 1 83  ? 4.600   -3.230  6.304   1.00 0.64  ? 83  THR A H    1 
ATOM   1178 H  HA   . THR A 1 83  ? 5.043   -3.311  9.198   1.00 0.61  ? 83  THR A HA   1 
ATOM   1179 H  HB   . THR A 1 83  ? 2.660   -3.315  7.368   1.00 0.77  ? 83  THR A HB   1 
ATOM   1180 H  HG1  . THR A 1 83  ? 2.153   -1.639  9.005   1.00 1.32  ? 83  THR A HG1  1 
ATOM   1181 H  HG21 . THR A 1 83  ? 2.815   -4.569  10.031  1.00 1.24  ? 83  THR A HG21 1 
ATOM   1182 H  HG22 . THR A 1 83  ? 1.608   -4.770  8.760   1.00 1.24  ? 83  THR A HG22 1 
ATOM   1183 H  HG23 . THR A 1 83  ? 1.517   -3.388  9.852   1.00 1.26  ? 83  THR A HG23 1 
ATOM   1184 N  N    . LYS A 1 84  ? 5.260   -5.785  9.486   1.00 0.67  ? 84  LYS A N    1 
ATOM   1185 C  CA   . LYS A 1 84  ? 5.327   -7.260  9.697   1.00 0.71  ? 84  LYS A CA   1 
ATOM   1186 C  C    . LYS A 1 84  ? 3.930   -7.867  9.549   1.00 0.61  ? 84  LYS A C    1 
ATOM   1187 O  O    . LYS A 1 84  ? 2.933   -7.175  9.599   1.00 0.75  ? 84  LYS A O    1 
ATOM   1188 C  CB   . LYS A 1 84  ? 5.862   -7.549  11.101  1.00 1.01  ? 84  LYS A CB   1 
ATOM   1189 C  CG   . LYS A 1 84  ? 5.174   -6.629  12.111  1.00 1.69  ? 84  LYS A CG   1 
ATOM   1190 C  CD   . LYS A 1 84  ? 6.231   -5.827  12.873  1.00 1.86  ? 84  LYS A CD   1 
ATOM   1191 C  CE   . LYS A 1 84  ? 6.023   -4.334  12.615  1.00 2.16  ? 84  LYS A CE   1 
ATOM   1192 N  NZ   . LYS A 1 84  ? 6.464   -3.557  13.808  1.00 2.56  ? 84  LYS A NZ   1 
ATOM   1193 H  H    . LYS A 1 84  ? 5.781   -5.186  10.061  1.00 0.81  ? 84  LYS A H    1 
ATOM   1194 H  HA   . LYS A 1 84  ? 5.988   -7.698  8.965   1.00 0.83  ? 84  LYS A HA   1 
ATOM   1195 H  HB2  . LYS A 1 84  ? 5.661   -8.580  11.358  1.00 1.52  ? 84  LYS A HB2  1 
ATOM   1196 H  HB3  . LYS A 1 84  ? 6.926   -7.374  11.124  1.00 1.38  ? 84  LYS A HB3  1 
ATOM   1197 H  HG2  . LYS A 1 84  ? 4.514   -5.951  11.589  1.00 2.28  ? 84  LYS A HG2  1 
ATOM   1198 H  HG3  . LYS A 1 84  ? 4.603   -7.222  12.809  1.00 2.34  ? 84  LYS A HG3  1 
ATOM   1199 H  HD2  . LYS A 1 84  ? 6.141   -6.027  13.931  1.00 2.26  ? 84  LYS A HD2  1 
ATOM   1200 H  HD3  . LYS A 1 84  ? 7.215   -6.115  12.535  1.00 2.07  ? 84  LYS A HD3  1 
ATOM   1201 H  HE2  . LYS A 1 84  ? 6.603   -4.032  11.755  1.00 2.38  ? 84  LYS A HE2  1 
ATOM   1202 H  HE3  . LYS A 1 84  ? 4.977   -4.143  12.429  1.00 2.39  ? 84  LYS A HE3  1 
ATOM   1203 H  HZ1  . LYS A 1 84  ? 6.853   -2.642  13.503  1.00 2.95  ? 84  LYS A HZ1  1 
ATOM   1204 H  HZ2  . LYS A 1 84  ? 7.198   -4.090  14.317  1.00 2.79  ? 84  LYS A HZ2  1 
ATOM   1205 H  HZ3  . LYS A 1 84  ? 5.652   -3.397  14.438  1.00 2.87  ? 84  LYS A HZ3  1 
ATOM   1206 N  N    . ASP A 1 85  ? 3.853   -9.157  9.365   1.00 0.80  ? 85  ASP A N    1 
ATOM   1207 C  CA   . ASP A 1 85  ? 2.529   -9.811  9.210   1.00 1.00  ? 85  ASP A CA   1 
ATOM   1208 C  C    . ASP A 1 85  ? 1.651   -9.494  10.423  1.00 0.83  ? 85  ASP A C    1 
ATOM   1209 O  O    . ASP A 1 85  ? 1.954   -9.870  11.538  1.00 1.00  ? 85  ASP A O    1 
ATOM   1210 C  CB   . ASP A 1 85  ? 2.730   -11.323 9.100   1.00 1.48  ? 85  ASP A CB   1 
ATOM   1211 C  CG   . ASP A 1 85  ? 3.115   -11.892 10.466  1.00 1.92  ? 85  ASP A CG   1 
ATOM   1212 O  OD1  . ASP A 1 85  ? 4.297   -11.905 10.769  1.00 2.43  ? 85  ASP A OD1  1 
ATOM   1213 O  OD2  . ASP A 1 85  ? 2.222   -12.305 11.187  1.00 2.61  ? 85  ASP A OD2  1 
ATOM   1214 H  H    . ASP A 1 85  ? 4.669   -9.696  9.326   1.00 1.01  ? 85  ASP A H    1 
ATOM   1215 H  HA   . ASP A 1 85  ? 2.051   -9.447  8.315   1.00 1.13  ? 85  ASP A HA   1 
ATOM   1216 H  HB2  . ASP A 1 85  ? 1.816   -11.781 8.762   1.00 1.94  ? 85  ASP A HB2  1 
ATOM   1217 H  HB3  . ASP A 1 85  ? 3.518   -11.530 8.391   1.00 2.00  ? 85  ASP A HB3  1 
ATOM   1218 N  N    . VAL A 1 86  ? 0.561   -8.807  10.214  1.00 0.74  ? 86  VAL A N    1 
ATOM   1219 C  CA   . VAL A 1 86  ? -0.336  -8.471  11.356  1.00 0.89  ? 86  VAL A CA   1 
ATOM   1220 C  C    . VAL A 1 86  ? -1.353  -9.594  11.542  1.00 1.01  ? 86  VAL A C    1 
ATOM   1221 O  O    . VAL A 1 86  ? -2.541  -9.361  11.645  1.00 1.39  ? 86  VAL A O    1 
ATOM   1222 C  CB   . VAL A 1 86  ? -1.076  -7.166  11.063  1.00 1.11  ? 86  VAL A CB   1 
ATOM   1223 C  CG1  . VAL A 1 86  ? -1.785  -6.685  12.329  1.00 1.46  ? 86  VAL A CG1  1 
ATOM   1224 C  CG2  . VAL A 1 86  ? -0.075  -6.105  10.605  1.00 1.10  ? 86  VAL A CG2  1 
ATOM   1225 H  H    . VAL A 1 86  ? 0.332   -8.514  9.308   1.00 0.77  ? 86  VAL A H    1 
ATOM   1226 H  HA   . VAL A 1 86  ? 0.250   -8.363  12.256  1.00 0.97  ? 86  VAL A HA   1 
ATOM   1227 H  HB   . VAL A 1 86  ? -1.805  -7.335  10.286  1.00 1.22  ? 86  VAL A HB   1 
ATOM   1228 H  HG11 . VAL A 1 86  ? -2.503  -5.922  12.070  1.00 1.79  ? 86  VAL A HG11 1 
ATOM   1229 H  HG12 . VAL A 1 86  ? -1.058  -6.278  13.016  1.00 1.87  ? 86  VAL A HG12 1 
ATOM   1230 H  HG13 . VAL A 1 86  ? -2.295  -7.516  12.793  1.00 1.87  ? 86  VAL A HG13 1 
ATOM   1231 H  HG21 . VAL A 1 86  ? 0.584   -5.854  11.422  1.00 1.52  ? 86  VAL A HG21 1 
ATOM   1232 H  HG22 . VAL A 1 86  ? -0.610  -5.222  10.288  1.00 1.39  ? 86  VAL A HG22 1 
ATOM   1233 H  HG23 . VAL A 1 86  ? 0.505   -6.491  9.779   1.00 1.54  ? 86  VAL A HG23 1 
ATOM   1234 N  N    . GLY A 1 87  ? -0.897  -10.813 11.584  1.00 0.91  ? 87  GLY A N    1 
ATOM   1235 C  CA   . GLY A 1 87  ? -1.837  -11.952 11.762  1.00 1.08  ? 87  GLY A CA   1 
ATOM   1236 C  C    . GLY A 1 87  ? -1.706  -12.913 10.581  1.00 0.98  ? 87  GLY A C    1 
ATOM   1237 O  O    . GLY A 1 87  ? -1.455  -14.090 10.753  1.00 1.09  ? 87  GLY A O    1 
ATOM   1238 H  H    . GLY A 1 87  ? 0.065   -10.979 11.500  1.00 0.93  ? 87  GLY A H    1 
ATOM   1239 H  HA2  . GLY A 1 87  ? -1.601  -12.473 12.679  1.00 1.19  ? 87  GLY A HA2  1 
ATOM   1240 H  HA3  . GLY A 1 87  ? -2.848  -11.580 11.809  1.00 1.26  ? 87  GLY A HA3  1 
ATOM   1241 N  N    . ASN A 1 88  ? -1.879  -12.429 9.378   1.00 0.94  ? 88  ASN A N    1 
ATOM   1242 C  CA   . ASN A 1 88  ? -1.768  -13.332 8.198   1.00 0.94  ? 88  ASN A CA   1 
ATOM   1243 C  C    . ASN A 1 88  ? -1.394  -12.533 6.943   1.00 0.81  ? 88  ASN A C    1 
ATOM   1244 O  O    . ASN A 1 88  ? -1.520  -13.017 5.837   1.00 1.01  ? 88  ASN A O    1 
ATOM   1245 C  CB   . ASN A 1 88  ? -3.109  -14.034 7.967   1.00 1.22  ? 88  ASN A CB   1 
ATOM   1246 C  CG   . ASN A 1 88  ? -3.781  -14.311 9.314   1.00 1.92  ? 88  ASN A CG   1 
ATOM   1247 O  OD1  . ASN A 1 88  ? -4.179  -13.396 10.007  1.00 2.67  ? 88  ASN A OD1  1 
ATOM   1248 N  ND2  . ASN A 1 88  ? -3.926  -15.544 9.715   1.00 2.58  ? 88  ASN A ND2  1 
ATOM   1249 H  H    . ASN A 1 88  ? -2.086  -11.479 9.255   1.00 1.03  ? 88  ASN A H    1 
ATOM   1250 H  HA   . ASN A 1 88  ? -1.007  -14.075 8.388   1.00 0.95  ? 88  ASN A HA   1 
ATOM   1251 H  HB2  . ASN A 1 88  ? -3.748  -13.401 7.369   1.00 1.58  ? 88  ASN A HB2  1 
ATOM   1252 H  HB3  . ASN A 1 88  ? -2.943  -14.968 7.452   1.00 1.70  ? 88  ASN A HB3  1 
ATOM   1253 H  HD21 . ASN A 1 88  ? -3.605  -16.282 9.156   1.00 2.69  ? 88  ASN A HD21 1 
ATOM   1254 H  HD22 . ASN A 1 88  ? -4.354  -15.733 10.575  1.00 3.33  ? 88  ASN A HD22 1 
ATOM   1255 N  N    . ILE A 1 89  ? -0.933  -11.318 7.093   1.00 0.68  ? 89  ILE A N    1 
ATOM   1256 C  CA   . ILE A 1 89  ? -0.558  -10.525 5.884   1.00 0.56  ? 89  ILE A CA   1 
ATOM   1257 C  C    . ILE A 1 89  ? 0.581   -9.564  6.199   1.00 0.49  ? 89  ILE A C    1 
ATOM   1258 O  O    . ILE A 1 89  ? 0.492   -8.755  7.100   1.00 0.63  ? 89  ILE A O    1 
ATOM   1259 C  CB   . ILE A 1 89  ? -1.735  -9.673  5.412   1.00 0.64  ? 89  ILE A CB   1 
ATOM   1260 C  CG1  . ILE A 1 89  ? -2.978  -10.530 5.210   1.00 1.25  ? 89  ILE A CG1  1 
ATOM   1261 C  CG2  . ILE A 1 89  ? -1.371  -9.002  4.087   1.00 0.65  ? 89  ILE A CG2  1 
ATOM   1262 C  CD1  . ILE A 1 89  ? -4.059  -9.657  4.574   1.00 1.97  ? 89  ILE A CD1  1 
ATOM   1263 H  H    . ILE A 1 89  ? -0.830  -10.934 7.988   1.00 0.83  ? 89  ILE A H    1 
ATOM   1264 H  HA   . ILE A 1 89  ? -0.260  -11.193 5.091   1.00 0.58  ? 89  ILE A HA   1 
ATOM   1265 H  HB   . ILE A 1 89  ? -1.937  -8.909  6.149   1.00 1.17  ? 89  ILE A HB   1 
ATOM   1266 H  HG12 . ILE A 1 89  ? -2.745  -11.360 4.558   1.00 1.07  ? 89  ILE A HG12 1 
ATOM   1267 H  HG13 . ILE A 1 89  ? -3.326  -10.899 6.162   1.00 1.77  ? 89  ILE A HG13 1 
ATOM   1268 H  HG21 . ILE A 1 89  ? -0.387  -9.324  3.778   1.00 1.35  ? 89  ILE A HG21 1 
ATOM   1269 H  HG22 . ILE A 1 89  ? -1.375  -7.930  4.214   1.00 1.26  ? 89  ILE A HG22 1 
ATOM   1270 H  HG23 . ILE A 1 89  ? -2.094  -9.279  3.334   1.00 1.29  ? 89  ILE A HG23 1 
ATOM   1271 H  HD11 . ILE A 1 89  ? -3.763  -8.617  4.646   1.00 2.47  ? 89  ILE A HD11 1 
ATOM   1272 H  HD12 . ILE A 1 89  ? -4.992  -9.802  5.093   1.00 2.20  ? 89  ILE A HD12 1 
ATOM   1273 H  HD13 . ILE A 1 89  ? -4.174  -9.926  3.535   1.00 2.48  ? 89  ILE A HD13 1 
ATOM   1274 N  N    . LYS A 1 90  ? 1.625   -9.602  5.426   1.00 0.38  ? 90  LYS A N    1 
ATOM   1275 C  CA   . LYS A 1 90  ? 2.730   -8.639  5.648   1.00 0.42  ? 90  LYS A CA   1 
ATOM   1276 C  C    . LYS A 1 90  ? 2.312   -7.328  4.982   1.00 0.42  ? 90  LYS A C    1 
ATOM   1277 O  O    . LYS A 1 90  ? 2.350   -7.196  3.775   1.00 0.65  ? 90  LYS A O    1 
ATOM   1278 C  CB   . LYS A 1 90  ? 4.019   -9.164  5.008   1.00 0.47  ? 90  LYS A CB   1 
ATOM   1279 C  CG   . LYS A 1 90  ? 4.570   -10.323 5.841   1.00 0.87  ? 90  LYS A CG   1 
ATOM   1280 C  CD   . LYS A 1 90  ? 5.811   -9.858  6.605   1.00 1.18  ? 90  LYS A CD   1 
ATOM   1281 C  CE   . LYS A 1 90  ? 7.063   -10.187 5.792   1.00 1.41  ? 90  LYS A CE   1 
ATOM   1282 N  NZ   . LYS A 1 90  ? 8.256   -10.160 6.684   1.00 2.10  ? 90  LYS A NZ   1 
ATOM   1283 H  H    . LYS A 1 90  ? 1.661   -10.230 4.676   1.00 0.40  ? 90  LYS A H    1 
ATOM   1284 H  HA   . LYS A 1 90  ? 2.877   -8.485  6.708   1.00 0.51  ? 90  LYS A HA   1 
ATOM   1285 H  HB2  . LYS A 1 90  ? 3.808   -9.509  4.006   1.00 0.75  ? 90  LYS A HB2  1 
ATOM   1286 H  HB3  . LYS A 1 90  ? 4.750   -8.371  4.970   1.00 0.81  ? 90  LYS A HB3  1 
ATOM   1287 H  HG2  . LYS A 1 90  ? 3.816   -10.651 6.543   1.00 1.55  ? 90  LYS A HG2  1 
ATOM   1288 H  HG3  . LYS A 1 90  ? 4.836   -11.141 5.189   1.00 1.54  ? 90  LYS A HG3  1 
ATOM   1289 H  HD2  . LYS A 1 90  ? 5.754   -8.791  6.766   1.00 1.72  ? 90  LYS A HD2  1 
ATOM   1290 H  HD3  . LYS A 1 90  ? 5.858   -10.364 7.557   1.00 1.76  ? 90  LYS A HD3  1 
ATOM   1291 H  HE2  . LYS A 1 90  ? 6.963   -11.170 5.357   1.00 1.78  ? 90  LYS A HE2  1 
ATOM   1292 H  HE3  . LYS A 1 90  ? 7.186   -9.457  5.005   1.00 1.78  ? 90  LYS A HE3  1 
ATOM   1293 H  HZ1  . LYS A 1 90  ? 8.131   -9.423  7.408   1.00 2.46  ? 90  LYS A HZ1  1 
ATOM   1294 H  HZ2  . LYS A 1 90  ? 9.106   -9.949  6.123   1.00 2.67  ? 90  LYS A HZ2  1 
ATOM   1295 H  HZ3  . LYS A 1 90  ? 8.365   -11.085 7.146   1.00 2.45  ? 90  LYS A HZ3  1 
ATOM   1296 N  N    . PHE A 1 91  ? 1.881   -6.366  5.747   1.00 0.34  ? 91  PHE A N    1 
ATOM   1297 C  CA   . PHE A 1 91  ? 1.435   -5.087  5.130   1.00 0.38  ? 91  PHE A CA   1 
ATOM   1298 C  C    . PHE A 1 91  ? 2.659   -4.238  4.779   1.00 0.37  ? 91  PHE A C    1 
ATOM   1299 O  O    . PHE A 1 91  ? 3.785   -4.642  4.990   1.00 0.48  ? 91  PHE A O    1 
ATOM   1300 C  CB   . PHE A 1 91  ? 0.558   -4.314  6.118   1.00 0.44  ? 91  PHE A CB   1 
ATOM   1301 C  CG   . PHE A 1 91  ? -0.747  -5.041  6.330   1.00 0.44  ? 91  PHE A CG   1 
ATOM   1302 C  CD1  . PHE A 1 91  ? -1.619  -5.259  5.255   1.00 1.22  ? 91  PHE A CD1  1 
ATOM   1303 C  CD2  . PHE A 1 91  ? -1.091  -5.491  7.609   1.00 1.32  ? 91  PHE A CD2  1 
ATOM   1304 C  CE1  . PHE A 1 91  ? -2.831  -5.928  5.463   1.00 1.25  ? 91  PHE A CE1  1 
ATOM   1305 C  CE2  . PHE A 1 91  ? -2.302  -6.158  7.817   1.00 1.33  ? 91  PHE A CE2  1 
ATOM   1306 C  CZ   . PHE A 1 91  ? -3.172  -6.378  6.744   1.00 0.54  ? 91  PHE A CZ   1 
ATOM   1307 H  H    . PHE A 1 91  ? 1.834   -6.489  6.719   1.00 0.45  ? 91  PHE A H    1 
ATOM   1308 H  HA   . PHE A 1 91  ? 0.863   -5.301  4.236   1.00 0.42  ? 91  PHE A HA   1 
ATOM   1309 H  HB2  . PHE A 1 91  ? 1.075   -4.226  7.061   1.00 0.47  ? 91  PHE A HB2  1 
ATOM   1310 H  HB3  . PHE A 1 91  ? 0.360   -3.328  5.725   1.00 0.49  ? 91  PHE A HB3  1 
ATOM   1311 H  HD1  . PHE A 1 91  ? -1.356  -4.914  4.267   1.00 2.10  ? 91  PHE A HD1  1 
ATOM   1312 H  HD2  . PHE A 1 91  ? -0.419  -5.322  8.436   1.00 2.21  ? 91  PHE A HD2  1 
ATOM   1313 H  HE1  . PHE A 1 91  ? -3.505  -6.093  4.636   1.00 2.13  ? 91  PHE A HE1  1 
ATOM   1314 H  HE2  . PHE A 1 91  ? -2.567  -6.501  8.807   1.00 2.21  ? 91  PHE A HE2  1 
ATOM   1315 H  HZ   . PHE A 1 91  ? -4.107  -6.893  6.904   1.00 0.60  ? 91  PHE A HZ   1 
ATOM   1316 N  N    . LEU A 1 92  ? 2.449   -3.063  4.252   1.00 0.39  ? 92  LEU A N    1 
ATOM   1317 C  CA   . LEU A 1 92  ? 3.601   -2.186  3.899   1.00 0.41  ? 92  LEU A CA   1 
ATOM   1318 C  C    . LEU A 1 92  ? 3.398   -0.815  4.536   1.00 0.43  ? 92  LEU A C    1 
ATOM   1319 O  O    . LEU A 1 92  ? 2.302   -0.288  4.554   1.00 0.56  ? 92  LEU A O    1 
ATOM   1320 C  CB   . LEU A 1 92  ? 3.677   -2.019  2.386   1.00 0.52  ? 92  LEU A CB   1 
ATOM   1321 C  CG   . LEU A 1 92  ? 4.160   -3.319  1.752   1.00 0.57  ? 92  LEU A CG   1 
ATOM   1322 C  CD1  . LEU A 1 92  ? 2.999   -4.307  1.668   1.00 1.01  ? 92  LEU A CD1  1 
ATOM   1323 C  CD2  . LEU A 1 92  ? 4.693   -3.031  0.348   1.00 1.01  ? 92  LEU A CD2  1 
ATOM   1324 H  H    . LEU A 1 92  ? 1.532   -2.756  4.094   1.00 0.49  ? 92  LEU A H    1 
ATOM   1325 H  HA   . LEU A 1 92  ? 4.519   -2.627  4.261   1.00 0.40  ? 92  LEU A HA   1 
ATOM   1326 H  HB2  . LEU A 1 92  ? 2.699   -1.773  2.008   1.00 0.71  ? 92  LEU A HB2  1 
ATOM   1327 H  HB3  . LEU A 1 92  ? 4.367   -1.225  2.143   1.00 0.69  ? 92  LEU A HB3  1 
ATOM   1328 H  HG   . LEU A 1 92  ? 4.945   -3.741  2.358   1.00 1.01  ? 92  LEU A HG   1 
ATOM   1329 H  HD11 . LEU A 1 92  ? 2.711   -4.438  0.636   1.00 1.59  ? 92  LEU A HD11 1 
ATOM   1330 H  HD12 . LEU A 1 92  ? 2.163   -3.923  2.231   1.00 1.53  ? 92  LEU A HD12 1 
ATOM   1331 H  HD13 . LEU A 1 92  ? 3.305   -5.256  2.081   1.00 1.56  ? 92  LEU A HD13 1 
ATOM   1332 H  HD21 . LEU A 1 92  ? 4.994   -3.955  -0.121  1.00 1.50  ? 92  LEU A HD21 1 
ATOM   1333 H  HD22 . LEU A 1 92  ? 5.544   -2.369  0.418   1.00 1.50  ? 92  LEU A HD22 1 
ATOM   1334 H  HD23 . LEU A 1 92  ? 3.919   -2.562  -0.241  1.00 1.58  ? 92  LEU A HD23 1 
ATOM   1335 N  N    . VAL A 1 93  ? 4.442   -0.230  5.056   1.00 0.43  ? 93  VAL A N    1 
ATOM   1336 C  CA   . VAL A 1 93  ? 4.304   1.111   5.693   1.00 0.49  ? 93  VAL A CA   1 
ATOM   1337 C  C    . VAL A 1 93  ? 5.496   1.992   5.319   1.00 0.49  ? 93  VAL A C    1 
ATOM   1338 O  O    . VAL A 1 93  ? 6.631   1.670   5.606   1.00 0.80  ? 93  VAL A O    1 
ATOM   1339 C  CB   . VAL A 1 93  ? 4.256   0.951   7.213   1.00 0.55  ? 93  VAL A CB   1 
ATOM   1340 C  CG1  . VAL A 1 93  ? 2.868   0.469   7.636   1.00 0.61  ? 93  VAL A CG1  1 
ATOM   1341 C  CG2  . VAL A 1 93  ? 5.306   -0.072  7.650   1.00 0.61  ? 93  VAL A CG2  1 
ATOM   1342 H  H    . VAL A 1 93  ? 5.317   -0.672  5.022   1.00 0.49  ? 93  VAL A H    1 
ATOM   1343 H  HA   . VAL A 1 93  ? 3.391   1.578   5.353   1.00 0.53  ? 93  VAL A HA   1 
ATOM   1344 H  HB   . VAL A 1 93  ? 4.463   1.904   7.680   1.00 0.71  ? 93  VAL A HB   1 
ATOM   1345 H  HG11 . VAL A 1 93  ? 2.148   1.253   7.464   1.00 1.18  ? 93  VAL A HG11 1 
ATOM   1346 H  HG12 . VAL A 1 93  ? 2.880   0.216   8.686   1.00 1.15  ? 93  VAL A HG12 1 
ATOM   1347 H  HG13 . VAL A 1 93  ? 2.598   -0.403  7.058   1.00 1.19  ? 93  VAL A HG13 1 
ATOM   1348 H  HG21 . VAL A 1 93  ? 6.158   -0.020  6.989   1.00 1.18  ? 93  VAL A HG21 1 
ATOM   1349 H  HG22 . VAL A 1 93  ? 4.880   -1.064  7.611   1.00 1.21  ? 93  VAL A HG22 1 
ATOM   1350 H  HG23 . VAL A 1 93  ? 5.621   0.144   8.660   1.00 1.24  ? 93  VAL A HG23 1 
ATOM   1351 N  N    . CYS A 1 94  ? 5.246   3.105   4.687   1.00 0.39  ? 94  CYS A N    1 
ATOM   1352 C  CA   . CYS A 1 94  ? 6.361   4.014   4.297   1.00 0.38  ? 94  CYS A CA   1 
ATOM   1353 C  C    . CYS A 1 94  ? 7.325   4.175   5.478   1.00 0.39  ? 94  CYS A C    1 
ATOM   1354 O  O    . CYS A 1 94  ? 6.920   4.454   6.589   1.00 0.45  ? 94  CYS A O    1 
ATOM   1355 C  CB   . CYS A 1 94  ? 5.785   5.379   3.910   1.00 0.39  ? 94  CYS A CB   1 
ATOM   1356 S  SG   . CYS A 1 94  ? 7.121   6.480   3.379   1.00 0.42  ? 94  CYS A SG   1 
ATOM   1357 H  H    . CYS A 1 94  ? 4.321   3.347   4.473   1.00 0.56  ? 94  CYS A H    1 
ATOM   1358 H  HA   . CYS A 1 94  ? 6.891   3.594   3.454   1.00 0.40  ? 94  CYS A HA   1 
ATOM   1359 H  HB2  . CYS A 1 94  ? 5.081   5.253   3.102   1.00 0.43  ? 94  CYS A HB2  1 
ATOM   1360 H  HB3  . CYS A 1 94  ? 5.281   5.807   4.762   1.00 0.41  ? 94  CYS A HB3  1 
ATOM   1361 N  N    . ALA A 1 95  ? 8.597   3.990   5.245   1.00 0.41  ? 95  ALA A N    1 
ATOM   1362 C  CA   . ALA A 1 95  ? 9.592   4.120   6.350   1.00 0.47  ? 95  ALA A CA   1 
ATOM   1363 C  C    . ALA A 1 95  ? 9.642   5.568   6.846   1.00 0.46  ? 95  ALA A C    1 
ATOM   1364 O  O    . ALA A 1 95  ? 10.092  5.842   7.942   1.00 0.51  ? 95  ALA A O    1 
ATOM   1365 C  CB   . ALA A 1 95  ? 10.974  3.713   5.833   1.00 0.57  ? 95  ALA A CB   1 
ATOM   1366 H  H    . ALA A 1 95  ? 8.898   3.758   4.343   1.00 0.43  ? 95  ALA A H    1 
ATOM   1367 H  HA   . ALA A 1 95  ? 9.311   3.471   7.165   1.00 0.50  ? 95  ALA A HA   1 
ATOM   1368 H  HB1  . ALA A 1 95  ? 11.731  4.054   6.523   1.00 1.21  ? 95  ALA A HB1  1 
ATOM   1369 H  HB2  . ALA A 1 95  ? 11.143  4.161   4.865   1.00 1.09  ? 95  ALA A HB2  1 
ATOM   1370 H  HB3  . ALA A 1 95  ? 11.024  2.638   5.746   1.00 1.20  ? 95  ALA A HB3  1 
ATOM   1371 N  N    . ASP A 1 96  ? 9.189   6.498   6.053   1.00 0.44  ? 96  ASP A N    1 
ATOM   1372 C  CA   . ASP A 1 96  ? 9.215   7.926   6.484   1.00 0.49  ? 96  ASP A CA   1 
ATOM   1373 C  C    . ASP A 1 96  ? 8.041   8.195   7.427   1.00 0.47  ? 96  ASP A C    1 
ATOM   1374 O  O    . ASP A 1 96  ? 8.015   9.180   8.138   1.00 0.56  ? 96  ASP A O    1 
ATOM   1375 C  CB   . ASP A 1 96  ? 9.096   8.830   5.256   1.00 0.54  ? 96  ASP A CB   1 
ATOM   1376 C  CG   . ASP A 1 96  ? 10.386  9.633   5.085   1.00 0.65  ? 96  ASP A CG   1 
ATOM   1377 O  OD1  . ASP A 1 96  ? 10.968  10.005  6.093   1.00 1.34  ? 96  ASP A OD1  1 
ATOM   1378 O  OD2  . ASP A 1 96  ? 10.772  9.865   3.952   1.00 1.21  ? 96  ASP A OD2  1 
ATOM   1379 H  H    . ASP A 1 96  ? 8.833   6.259   5.174   1.00 0.42  ? 96  ASP A H    1 
ATOM   1380 H  HA   . ASP A 1 96  ? 10.143  8.131   6.995   1.00 0.54  ? 96  ASP A HA   1 
ATOM   1381 H  HB2  . ASP A 1 96  ? 8.929   8.223   4.378   1.00 0.55  ? 96  ASP A HB2  1 
ATOM   1382 H  HB3  . ASP A 1 96  ? 8.266   9.507   5.388   1.00 0.59  ? 96  ASP A HB3  1 
ATOM   1383 N  N    . CYS A 1 97  ? 7.074   7.321   7.443   1.00 0.45  ? 97  CYS A N    1 
ATOM   1384 C  CA   . CYS A 1 97  ? 5.903   7.515   8.342   1.00 0.50  ? 97  CYS A CA   1 
ATOM   1385 C  C    . CYS A 1 97  ? 5.294   6.151   8.662   1.00 0.52  ? 97  CYS A C    1 
ATOM   1386 O  O    . CYS A 1 97  ? 4.133   5.903   8.405   1.00 0.64  ? 97  CYS A O    1 
ATOM   1387 C  CB   . CYS A 1 97  ? 4.859   8.399   7.652   1.00 0.60  ? 97  CYS A CB   1 
ATOM   1388 S  SG   . CYS A 1 97  ? 4.755   7.962   5.899   1.00 0.47  ? 97  CYS A SG   1 
ATOM   1389 H  H    . CYS A 1 97  ? 7.120   6.533   6.865   1.00 0.47  ? 97  CYS A H    1 
ATOM   1390 H  HA   . CYS A 1 97  ? 6.227   7.988   9.257   1.00 0.54  ? 97  CYS A HA   1 
ATOM   1391 H  HB2  . CYS A 1 97  ? 3.896   8.247   8.118   1.00 0.80  ? 97  CYS A HB2  1 
ATOM   1392 H  HB3  . CYS A 1 97  ? 5.145   9.435   7.750   1.00 0.74  ? 97  CYS A HB3  1 
ATOM   1393 N  N    . GLU A 1 98  ? 6.082   5.265   9.212   1.00 0.66  ? 98  GLU A N    1 
ATOM   1394 C  CA   . GLU A 1 98  ? 5.580   3.902   9.553   1.00 0.80  ? 98  GLU A CA   1 
ATOM   1395 C  C    . GLU A 1 98  ? 4.138   3.980   10.057  1.00 0.70  ? 98  GLU A C    1 
ATOM   1396 O  O    . GLU A 1 98  ? 3.885   4.265   11.211  1.00 1.04  ? 98  GLU A O    1 
ATOM   1397 C  CB   . GLU A 1 98  ? 6.466   3.293   10.640  1.00 1.20  ? 98  GLU A CB   1 
ATOM   1398 C  CG   . GLU A 1 98  ? 7.931   3.362   10.205  1.00 2.06  ? 98  GLU A CG   1 
ATOM   1399 C  CD   . GLU A 1 98  ? 8.751   2.352   11.008  1.00 2.61  ? 98  GLU A CD   1 
ATOM   1400 O  OE1  . GLU A 1 98  ? 9.112   2.668   12.130  1.00 3.34  ? 98  GLU A OE1  1 
ATOM   1401 O  OE2  . GLU A 1 98  ? 9.006   1.278   10.488  1.00 2.80  ? 98  GLU A OE2  1 
ATOM   1402 H  H    . GLU A 1 98  ? 7.016   5.498   9.395   1.00 0.80  ? 98  GLU A H    1 
ATOM   1403 H  HA   . GLU A 1 98  ? 5.617   3.279   8.672   1.00 0.91  ? 98  GLU A HA   1 
ATOM   1404 H  HB2  . GLU A 1 98  ? 6.336   3.843   11.561  1.00 1.70  ? 98  GLU A HB2  1 
ATOM   1405 H  HB3  . GLU A 1 98  ? 6.188   2.260   10.795  1.00 1.50  ? 98  GLU A HB3  1 
ATOM   1406 H  HG2  . GLU A 1 98  ? 8.005   3.132   9.151   1.00 2.55  ? 98  GLU A HG2  1 
ATOM   1407 H  HG3  . GLU A 1 98  ? 8.313   4.356   10.384  1.00 2.56  ? 98  GLU A HG3  1 
ATOM   1408 N  N    . ILE A 1 99  ? 3.192   3.726   9.196   1.00 0.63  ? 99  ILE A N    1 
ATOM   1409 C  CA   . ILE A 1 99  ? 1.763   3.779   9.612   1.00 0.85  ? 99  ILE A CA   1 
ATOM   1410 C  C    . ILE A 1 99  ? 0.963   2.791   8.762   1.00 0.94  ? 99  ILE A C    1 
ATOM   1411 O  O    . ILE A 1 99  ? 0.495   1.779   9.245   1.00 1.73  ? 99  ILE A O    1 
ATOM   1412 C  CB   . ILE A 1 99  ? 1.221   5.194   9.400   1.00 1.10  ? 99  ILE A CB   1 
ATOM   1413 C  CG1  . ILE A 1 99  ? 1.899   6.151   10.382  1.00 1.70  ? 99  ILE A CG1  1 
ATOM   1414 C  CG2  . ILE A 1 99  ? -0.291  5.203   9.639   1.00 1.85  ? 99  ILE A CG2  1 
ATOM   1415 C  CD1  . ILE A 1 99  ? 1.179   7.501   10.360  1.00 2.19  ? 99  ILE A CD1  1 
ATOM   1416 H  H    . ILE A 1 99  ? 3.422   3.497   8.272   1.00 0.77  ? 99  ILE A H    1 
ATOM   1417 H  HA   . ILE A 1 99  ? 1.678   3.511   10.655  1.00 0.98  ? 99  ILE A HA   1 
ATOM   1418 H  HB   . ILE A 1 99  ? 1.425   5.509   8.387   1.00 1.50  ? 99  ILE A HB   1 
ATOM   1419 H  HG12 . ILE A 1 99  ? 1.854   5.735   11.379  1.00 2.17  ? 99  ILE A HG12 1 
ATOM   1420 H  HG13 . ILE A 1 99  ? 2.930   6.291   10.096  1.00 2.32  ? 99  ILE A HG13 1 
ATOM   1421 H  HG21 . ILE A 1 99  ? -0.699  6.153   9.328   1.00 2.36  ? 99  ILE A HG21 1 
ATOM   1422 H  HG22 . ILE A 1 99  ? -0.490  5.054   10.690  1.00 2.32  ? 99  ILE A HG22 1 
ATOM   1423 H  HG23 . ILE A 1 99  ? -0.750  4.410   9.070   1.00 2.32  ? 99  ILE A HG23 1 
ATOM   1424 H  HD11 . ILE A 1 99  ? 0.420   7.517   11.127  1.00 2.71  ? 99  ILE A HD11 1 
ATOM   1425 H  HD12 . ILE A 1 99  ? 0.718   7.648   9.394   1.00 2.59  ? 99  ILE A HD12 1 
ATOM   1426 H  HD13 . ILE A 1 99  ? 1.891   8.292   10.542  1.00 2.50  ? 99  ILE A HD13 1 
ATOM   1427 N  N    . GLY A 1 100 ? 0.811   3.076   7.497   1.00 0.56  ? 100 GLY A N    1 
ATOM   1428 C  CA   . GLY A 1 100 ? 0.050   2.155   6.604   1.00 0.58  ? 100 GLY A CA   1 
ATOM   1429 C  C    . GLY A 1 100 ? -1.195  1.636   7.330   1.00 0.48  ? 100 GLY A C    1 
ATOM   1430 O  O    . GLY A 1 100 ? -1.736  2.307   8.186   1.00 0.55  ? 100 GLY A O    1 
ATOM   1431 H  H    . GLY A 1 100 ? 1.205   3.896   7.132   1.00 0.97  ? 100 GLY A H    1 
ATOM   1432 H  HA2  . GLY A 1 100 ? -0.249  2.689   5.713   1.00 0.71  ? 100 GLY A HA2  1 
ATOM   1433 H  HA3  . GLY A 1 100 ? 0.677   1.323   6.331   1.00 0.64  ? 100 GLY A HA3  1 
ATOM   1434 N  N    . PRO A 1 101 ? -1.618  0.454   6.956   1.00 0.40  ? 101 PRO A N    1 
ATOM   1435 C  CA   . PRO A 1 101 ? -0.950  -0.352  5.915   1.00 0.36  ? 101 PRO A CA   1 
ATOM   1436 C  C    . PRO A 1 101 ? -1.242  0.221   4.528   1.00 0.39  ? 101 PRO A C    1 
ATOM   1437 O  O    . PRO A 1 101 ? -2.339  0.113   4.017   1.00 0.67  ? 101 PRO A O    1 
ATOM   1438 C  CB   . PRO A 1 101 ? -1.569  -1.743  6.084   1.00 0.41  ? 101 PRO A CB   1 
ATOM   1439 C  CG   . PRO A 1 101 ? -2.919  -1.534  6.808   1.00 0.48  ? 101 PRO A CG   1 
ATOM   1440 C  CD   . PRO A 1 101 ? -2.818  -0.179  7.535   1.00 0.45  ? 101 PRO A CD   1 
ATOM   1441 H  HA   . PRO A 1 101 ? 0.112   -0.402  6.092   1.00 0.38  ? 101 PRO A HA   1 
ATOM   1442 H  HB2  . PRO A 1 101 ? -1.731  -2.196  5.114   1.00 0.44  ? 101 PRO A HB2  1 
ATOM   1443 H  HB3  . PRO A 1 101 ? -0.928  -2.366  6.683   1.00 0.46  ? 101 PRO A HB3  1 
ATOM   1444 H  HG2  . PRO A 1 101 ? -3.726  -1.514  6.090   1.00 0.55  ? 101 PRO A HG2  1 
ATOM   1445 H  HG3  . PRO A 1 101 ? -3.080  -2.321  7.527   1.00 0.55  ? 101 PRO A HG3  1 
ATOM   1446 H  HD2  . PRO A 1 101 ? -3.696  0.420   7.340   1.00 0.52  ? 101 PRO A HD2  1 
ATOM   1447 H  HD3  . PRO A 1 101 ? -2.685  -0.326  8.595   1.00 0.46  ? 101 PRO A HD3  1 
ATOM   1448 N  N    . ILE A 1 102 ? -0.266  0.836   3.916   1.00 0.34  ? 102 ILE A N    1 
ATOM   1449 C  CA   . ILE A 1 102 ? -0.485  1.424   2.567   1.00 0.37  ? 102 ILE A CA   1 
ATOM   1450 C  C    . ILE A 1 102 ? -0.303  0.345   1.497   1.00 0.35  ? 102 ILE A C    1 
ATOM   1451 O  O    . ILE A 1 102 ? -0.936  0.375   0.461   1.00 0.44  ? 102 ILE A O    1 
ATOM   1452 C  CB   . ILE A 1 102 ? 0.524   2.549   2.331   1.00 0.48  ? 102 ILE A CB   1 
ATOM   1453 C  CG1  . ILE A 1 102 ? 0.692   3.360   3.619   1.00 1.24  ? 102 ILE A CG1  1 
ATOM   1454 C  CG2  . ILE A 1 102 ? 0.015   3.466   1.217   1.00 1.23  ? 102 ILE A CG2  1 
ATOM   1455 C  CD1  . ILE A 1 102 ? 1.643   4.531   3.364   1.00 1.50  ? 102 ILE A CD1  1 
ATOM   1456 H  H    . ILE A 1 102 ? 0.609   0.917   4.349   1.00 0.50  ? 102 ILE A H    1 
ATOM   1457 H  HA   . ILE A 1 102 ? -1.486  1.821   2.507   1.00 0.41  ? 102 ILE A HA   1 
ATOM   1458 H  HB   . ILE A 1 102 ? 1.475   2.126   2.043   1.00 1.15  ? 102 ILE A HB   1 
ATOM   1459 H  HG12 . ILE A 1 102 ? -0.270  3.738   3.934   1.00 1.72  ? 102 ILE A HG12 1 
ATOM   1460 H  HG13 . ILE A 1 102 ? 1.102   2.728   4.392   1.00 1.88  ? 102 ILE A HG13 1 
ATOM   1461 H  HG21 . ILE A 1 102 ? 0.299   3.058   0.258   1.00 1.76  ? 102 ILE A HG21 1 
ATOM   1462 H  HG22 . ILE A 1 102 ? 0.448   4.448   1.333   1.00 1.78  ? 102 ILE A HG22 1 
ATOM   1463 H  HG23 . ILE A 1 102 ? -1.062  3.538   1.273   1.00 1.90  ? 102 ILE A HG23 1 
ATOM   1464 H  HD11 . ILE A 1 102 ? 2.664   4.180   3.404   1.00 1.85  ? 102 ILE A HD11 1 
ATOM   1465 H  HD12 . ILE A 1 102 ? 1.493   5.288   4.120   1.00 2.04  ? 102 ILE A HD12 1 
ATOM   1466 H  HD13 . ILE A 1 102 ? 1.444   4.951   2.389   1.00 1.78  ? 102 ILE A HD13 1 
ATOM   1467 N  N    . GLY A 1 103 ? 0.559   -0.608  1.729   1.00 0.33  ? 103 GLY A N    1 
ATOM   1468 C  CA   . GLY A 1 103 ? 0.764   -1.673  0.703   1.00 0.34  ? 103 GLY A CA   1 
ATOM   1469 C  C    . GLY A 1 103 ? 0.258   -3.017  1.231   1.00 0.32  ? 103 GLY A C    1 
ATOM   1470 O  O    . GLY A 1 103 ? -0.002  -3.182  2.407   1.00 0.36  ? 103 GLY A O    1 
ATOM   1471 H  H    . GLY A 1 103 ? 1.070   -0.623  2.568   1.00 0.39  ? 103 GLY A H    1 
ATOM   1472 H  HA2  . GLY A 1 103 ? 0.215   -1.413  -0.192  1.00 0.36  ? 103 GLY A HA2  1 
ATOM   1473 H  HA3  . GLY A 1 103 ? 1.811   -1.753  0.463   1.00 0.38  ? 103 GLY A HA3  1 
ATOM   1474 N  N    . TRP A 1 104 ? 0.112   -3.975  0.356   1.00 0.34  ? 104 TRP A N    1 
ATOM   1475 C  CA   . TRP A 1 104 ? -0.387  -5.316  0.769   1.00 0.33  ? 104 TRP A CA   1 
ATOM   1476 C  C    . TRP A 1 104 ? 0.635   -6.382  0.352   1.00 0.35  ? 104 TRP A C    1 
ATOM   1477 O  O    . TRP A 1 104 ? 1.084   -6.412  -0.777  1.00 0.52  ? 104 TRP A O    1 
ATOM   1478 C  CB   . TRP A 1 104 ? -1.717  -5.566  0.055   1.00 0.38  ? 104 TRP A CB   1 
ATOM   1479 C  CG   . TRP A 1 104 ? -2.472  -6.670  0.719   1.00 0.30  ? 104 TRP A CG   1 
ATOM   1480 C  CD1  . TRP A 1 104 ? -3.136  -6.561  1.890   1.00 0.39  ? 104 TRP A CD1  1 
ATOM   1481 C  CD2  . TRP A 1 104 ? -2.668  -8.038  0.260   1.00 0.34  ? 104 TRP A CD2  1 
ATOM   1482 N  NE1  . TRP A 1 104 ? -3.731  -7.775  2.180   1.00 0.45  ? 104 TRP A NE1  1 
ATOM   1483 C  CE2  . TRP A 1 104 ? -3.469  -8.718  1.205   1.00 0.45  ? 104 TRP A CE2  1 
ATOM   1484 C  CE3  . TRP A 1 104 ? -2.232  -8.749  -0.874  1.00 0.44  ? 104 TRP A CE3  1 
ATOM   1485 C  CZ2  . TRP A 1 104 ? -3.828  -10.053 1.033   1.00 0.62  ? 104 TRP A CZ2  1 
ATOM   1486 C  CZ3  . TRP A 1 104 ? -2.591  -10.096 -1.051  1.00 0.62  ? 104 TRP A CZ3  1 
ATOM   1487 C  CH2  . TRP A 1 104 ? -3.389  -10.746 -0.098  1.00 0.70  ? 104 TRP A CH2  1 
ATOM   1488 H  H    . TRP A 1 104 ? 0.322   -3.808  -0.582  1.00 0.41  ? 104 TRP A H    1 
ATOM   1489 H  HA   . TRP A 1 104 ? -0.534  -5.344  1.838   1.00 0.33  ? 104 TRP A HA   1 
ATOM   1490 H  HB2  . TRP A 1 104 ? -2.310  -4.665  0.083   1.00 0.47  ? 104 TRP A HB2  1 
ATOM   1491 H  HB3  . TRP A 1 104 ? -1.526  -5.833  -0.973  1.00 0.51  ? 104 TRP A HB3  1 
ATOM   1492 H  HD1  . TRP A 1 104 ? -3.195  -5.671  2.500   1.00 0.49  ? 104 TRP A HD1  1 
ATOM   1493 H  HE1  . TRP A 1 104 ? -4.273  -7.964  2.973   1.00 0.55  ? 104 TRP A HE1  1 
ATOM   1494 H  HE3  . TRP A 1 104 ? -1.616  -8.258  -1.615  1.00 0.45  ? 104 TRP A HE3  1 
ATOM   1495 H  HZ2  . TRP A 1 104 ? -4.446  -10.547 1.765   1.00 0.73  ? 104 TRP A HZ2  1 
ATOM   1496 H  HZ3  . TRP A 1 104 ? -2.252  -10.632 -1.924  1.00 0.74  ? 104 TRP A HZ3  1 
ATOM   1497 H  HH2  . TRP A 1 104 ? -3.662  -11.781 -0.239  1.00 0.86  ? 104 TRP A HH2  1 
ATOM   1498 N  N    . HIS A 1 105 ? 1.015   -7.255  1.248   1.00 0.36  ? 105 HIS A N    1 
ATOM   1499 C  CA   . HIS A 1 105 ? 2.010   -8.303  0.877   1.00 0.36  ? 105 HIS A CA   1 
ATOM   1500 C  C    . HIS A 1 105 ? 1.697   -9.601  1.625   1.00 0.49  ? 105 HIS A C    1 
ATOM   1501 O  O    . HIS A 1 105 ? 2.212   -9.850  2.695   1.00 1.30  ? 105 HIS A O    1 
ATOM   1502 C  CB   . HIS A 1 105 ? 3.417   -7.827  1.249   1.00 0.47  ? 105 HIS A CB   1 
ATOM   1503 C  CG   . HIS A 1 105 ? 4.440   -8.599  0.460   1.00 0.46  ? 105 HIS A CG   1 
ATOM   1504 N  ND1  . HIS A 1 105 ? 4.240   -9.915  0.077   1.00 0.83  ? 105 HIS A ND1  1 
ATOM   1505 C  CD2  . HIS A 1 105 ? 5.678   -8.252  -0.020  1.00 0.69  ? 105 HIS A CD2  1 
ATOM   1506 C  CE1  . HIS A 1 105 ? 5.334   -10.310 -0.602  1.00 0.71  ? 105 HIS A CE1  1 
ATOM   1507 N  NE2  . HIS A 1 105 ? 6.241   -9.334  -0.690  1.00 0.60  ? 105 HIS A NE2  1 
ATOM   1508 H  H    . HIS A 1 105 ? 0.651   -7.221  2.160   1.00 0.49  ? 105 HIS A H    1 
ATOM   1509 H  HA   . HIS A 1 105 ? 1.963   -8.483  -0.187  1.00 0.40  ? 105 HIS A HA   1 
ATOM   1510 H  HB2  . HIS A 1 105 ? 3.511   -6.774  1.025   1.00 0.59  ? 105 HIS A HB2  1 
ATOM   1511 H  HB3  . HIS A 1 105 ? 3.586   -7.986  2.303   1.00 0.60  ? 105 HIS A HB3  1 
ATOM   1512 H  HD1  . HIS A 1 105 ? 3.448   -10.460 0.267   1.00 1.26  ? 105 HIS A HD1  1 
ATOM   1513 H  HD2  . HIS A 1 105 ? 6.147   -7.287  0.105   1.00 1.15  ? 105 HIS A HD2  1 
ATOM   1514 H  HE1  . HIS A 1 105 ? 5.462   -11.295 -1.022  1.00 1.02  ? 105 HIS A HE1  1 
ATOM   1515 N  N    . CYS A 1 106 ? 0.858   -10.430 1.069   1.00 0.69  ? 106 CYS A N    1 
ATOM   1516 C  CA   . CYS A 1 106 ? 0.516   -11.711 1.749   1.00 0.74  ? 106 CYS A CA   1 
ATOM   1517 C  C    . CYS A 1 106 ? 1.721   -12.653 1.696   1.00 0.68  ? 106 CYS A C    1 
ATOM   1518 O  O    . CYS A 1 106 ? 2.712   -12.372 1.052   1.00 0.68  ? 106 CYS A O    1 
ATOM   1519 C  CB   . CYS A 1 106 ? -0.672  -12.365 1.041   1.00 0.96  ? 106 CYS A CB   1 
ATOM   1520 S  SG   . CYS A 1 106 ? -0.194  -12.821 -0.644  1.00 2.07  ? 106 CYS A SG   1 
ATOM   1521 H  H    . CYS A 1 106 ? 0.454   -10.212 0.203   1.00 1.32  ? 106 CYS A H    1 
ATOM   1522 H  HA   . CYS A 1 106 ? 0.257   -11.514 2.779   1.00 0.78  ? 106 CYS A HA   1 
ATOM   1523 H  HB2  . CYS A 1 106 ? -0.971  -13.251 1.582   1.00 1.44  ? 106 CYS A HB2  1 
ATOM   1524 H  HB3  . CYS A 1 106 ? -1.497  -11.669 1.004   1.00 1.23  ? 106 CYS A HB3  1 
ATOM   1525 H  HG   . CYS A 1 106 ? 0.135   -13.723 -0.626  1.00 2.52  ? 106 CYS A HG   1 
ATOM   1526 N  N    . LEU A 1 107 ? 1.647   -13.768 2.371   1.00 0.70  ? 107 LEU A N    1 
ATOM   1527 C  CA   . LEU A 1 107 ? 2.789   -14.726 2.357   1.00 0.73  ? 107 LEU A CA   1 
ATOM   1528 C  C    . LEU A 1 107 ? 2.616   -15.712 1.201   1.00 0.83  ? 107 LEU A C    1 
ATOM   1529 O  O    . LEU A 1 107 ? 3.519   -16.450 0.862   1.00 1.00  ? 107 LEU A O    1 
ATOM   1530 C  CB   . LEU A 1 107 ? 2.829   -15.493 3.680   1.00 0.77  ? 107 LEU A CB   1 
ATOM   1531 C  CG   . LEU A 1 107 ? 2.477   -14.549 4.831   1.00 1.19  ? 107 LEU A CG   1 
ATOM   1532 C  CD1  . LEU A 1 107 ? 2.509   -15.319 6.152   1.00 2.18  ? 107 LEU A CD1  1 
ATOM   1533 C  CD2  . LEU A 1 107 ? 3.496   -13.408 4.883   1.00 1.77  ? 107 LEU A CD2  1 
ATOM   1534 H  H    . LEU A 1 107 ? 0.839   -13.976 2.885   1.00 0.75  ? 107 LEU A H    1 
ATOM   1535 H  HA   . LEU A 1 107 ? 3.713   -14.180 2.230   1.00 0.70  ? 107 LEU A HA   1 
ATOM   1536 H  HB2  . LEU A 1 107 ? 2.114   -16.303 3.648   1.00 1.16  ? 107 LEU A HB2  1 
ATOM   1537 H  HB3  . LEU A 1 107 ? 3.819   -15.893 3.836   1.00 1.12  ? 107 LEU A HB3  1 
ATOM   1538 H  HG   . LEU A 1 107 ? 1.487   -14.144 4.674   1.00 1.50  ? 107 LEU A HG   1 
ATOM   1539 H  HD11 . LEU A 1 107 ? 1.929   -16.225 6.055   1.00 2.67  ? 107 LEU A HD11 1 
ATOM   1540 H  HD12 . LEU A 1 107 ? 2.090   -14.706 6.937   1.00 2.71  ? 107 LEU A HD12 1 
ATOM   1541 H  HD13 . LEU A 1 107 ? 3.530   -15.570 6.397   1.00 2.61  ? 107 LEU A HD13 1 
ATOM   1542 H  HD21 . LEU A 1 107 ? 3.072   -12.525 4.427   1.00 2.20  ? 107 LEU A HD21 1 
ATOM   1543 H  HD22 . LEU A 1 107 ? 4.387   -13.697 4.348   1.00 2.16  ? 107 LEU A HD22 1 
ATOM   1544 H  HD23 . LEU A 1 107 ? 3.746   -13.196 5.912   1.00 2.35  ? 107 LEU A HD23 1 
ATOM   1545 N  N    . ASP A 1 108 ? 1.461   -15.733 0.594   1.00 0.88  ? 108 ASP A N    1 
ATOM   1546 C  CA   . ASP A 1 108 ? 1.231   -16.673 -0.538  1.00 1.01  ? 108 ASP A CA   1 
ATOM   1547 C  C    . ASP A 1 108 ? 2.166   -16.319 -1.696  1.00 0.90  ? 108 ASP A C    1 
ATOM   1548 O  O    . ASP A 1 108 ? 2.631   -17.179 -2.416  1.00 1.06  ? 108 ASP A O    1 
ATOM   1549 C  CB   . ASP A 1 108 ? -0.223  -16.565 -1.004  1.00 1.22  ? 108 ASP A CB   1 
ATOM   1550 C  CG   . ASP A 1 108 ? -0.851  -17.959 -1.045  1.00 1.69  ? 108 ASP A CG   1 
ATOM   1551 O  OD1  . ASP A 1 108 ? -0.315  -18.848 -0.406  1.00 2.23  ? 108 ASP A OD1  1 
ATOM   1552 O  OD2  . ASP A 1 108 ? -1.859  -18.113 -1.714  1.00 2.20  ? 108 ASP A OD2  1 
ATOM   1553 H  H    . ASP A 1 108 ? 0.744   -15.130 0.883   1.00 0.95  ? 108 ASP A H    1 
ATOM   1554 H  HA   . ASP A 1 108 ? 1.430   -17.683 -0.213  1.00 1.15  ? 108 ASP A HA   1 
ATOM   1555 H  HB2  . ASP A 1 108 ? -0.775  -15.939 -0.318  1.00 1.42  ? 108 ASP A HB2  1 
ATOM   1556 H  HB3  . ASP A 1 108 ? -0.253  -16.130 -1.992  1.00 1.34  ? 108 ASP A HB3  1 
ATOM   1557 N  N    . ASP A 1 109 ? 2.445   -15.057 -1.883  1.00 0.80  ? 109 ASP A N    1 
ATOM   1558 C  CA   . ASP A 1 109 ? 3.350   -14.651 -2.995  1.00 0.82  ? 109 ASP A CA   1 
ATOM   1559 C  C    . ASP A 1 109 ? 4.479   -13.780 -2.441  1.00 0.67  ? 109 ASP A C    1 
ATOM   1560 O  O    . ASP A 1 109 ? 4.296   -12.610 -2.166  1.00 0.67  ? 109 ASP A O    1 
ATOM   1561 C  CB   . ASP A 1 109 ? 2.556   -13.856 -4.031  1.00 1.08  ? 109 ASP A CB   1 
ATOM   1562 C  CG   . ASP A 1 109 ? 2.297   -14.732 -5.259  1.00 1.52  ? 109 ASP A CG   1 
ATOM   1563 O  OD1  . ASP A 1 109 ? 1.371   -15.524 -5.212  1.00 1.86  ? 109 ASP A OD1  1 
ATOM   1564 O  OD2  . ASP A 1 109 ? 3.029   -14.594 -6.226  1.00 2.21  ? 109 ASP A OD2  1 
ATOM   1565 H  H    . ASP A 1 109 ? 2.059   -14.377 -1.291  1.00 0.85  ? 109 ASP A H    1 
ATOM   1566 H  HA   . ASP A 1 109 ? 3.768   -15.532 -3.459  1.00 0.96  ? 109 ASP A HA   1 
ATOM   1567 H  HB2  . ASP A 1 109 ? 1.614   -13.545 -3.604  1.00 1.26  ? 109 ASP A HB2  1 
ATOM   1568 H  HB3  . ASP A 1 109 ? 3.123   -12.986 -4.326  1.00 1.11  ? 109 ASP A HB3  1 
ATOM   1569 N  N    . LYS A 1 110 ? 5.644   -14.341 -2.271  1.00 0.76  ? 110 LYS A N    1 
ATOM   1570 C  CA   . LYS A 1 110 ? 6.782   -13.557 -1.731  1.00 0.80  ? 110 LYS A CA   1 
ATOM   1571 C  C    . LYS A 1 110 ? 7.238   -12.513 -2.756  1.00 0.74  ? 110 LYS A C    1 
ATOM   1572 O  O    . LYS A 1 110 ? 8.107   -11.708 -2.486  1.00 0.91  ? 110 LYS A O    1 
ATOM   1573 C  CB   . LYS A 1 110 ? 7.946   -14.500 -1.418  1.00 1.04  ? 110 LYS A CB   1 
ATOM   1574 C  CG   . LYS A 1 110 ? 7.858   -14.959 0.039   1.00 1.64  ? 110 LYS A CG   1 
ATOM   1575 C  CD   . LYS A 1 110 ? 8.612   -16.280 0.205   1.00 2.00  ? 110 LYS A CD   1 
ATOM   1576 C  CE   . LYS A 1 110 ? 10.030  -16.000 0.705   1.00 2.81  ? 110 LYS A CE   1 
ATOM   1577 N  NZ   . LYS A 1 110 ? 11.014  -16.664 -0.197  1.00 3.34  ? 110 LYS A NZ   1 
ATOM   1578 H  H    . LYS A 1 110 ? 5.768   -15.282 -2.490  1.00 0.92  ? 110 LYS A H    1 
ATOM   1579 H  HA   . LYS A 1 110 ? 6.471   -13.065 -0.828  1.00 0.82  ? 110 LYS A HA   1 
ATOM   1580 H  HB2  . LYS A 1 110 ? 7.896   -15.360 -2.071  1.00 1.50  ? 110 LYS A HB2  1 
ATOM   1581 H  HB3  . LYS A 1 110 ? 8.881   -13.983 -1.574  1.00 1.62  ? 110 LYS A HB3  1 
ATOM   1582 H  HG2  . LYS A 1 110 ? 8.298   -14.208 0.679   1.00 2.26  ? 110 LYS A HG2  1 
ATOM   1583 H  HG3  . LYS A 1 110 ? 6.822   -15.101 0.309   1.00 2.19  ? 110 LYS A HG3  1 
ATOM   1584 H  HD2  . LYS A 1 110 ? 8.093   -16.902 0.920   1.00 2.44  ? 110 LYS A HD2  1 
ATOM   1585 H  HD3  . LYS A 1 110 ? 8.661   -16.788 -0.747  1.00 2.15  ? 110 LYS A HD3  1 
ATOM   1586 H  HE2  . LYS A 1 110 ? 10.207  -14.934 0.708   1.00 3.23  ? 110 LYS A HE2  1 
ATOM   1587 H  HE3  . LYS A 1 110 ? 10.141  -16.386 1.707   1.00 3.23  ? 110 LYS A HE3  1 
ATOM   1588 H  HZ1  . LYS A 1 110 ? 11.159  -17.645 0.111   1.00 3.67  ? 110 LYS A HZ1  1 
ATOM   1589 H  HZ2  . LYS A 1 110 ? 11.920  -16.153 -0.157  1.00 3.51  ? 110 LYS A HZ2  1 
ATOM   1590 H  HZ3  . LYS A 1 110 ? 10.652  -16.655 -1.172  1.00 3.78  ? 110 LYS A HZ3  1 
ATOM   1591 N  N    . ASN A 1 111 ? 6.669   -12.520 -3.930  1.00 0.64  ? 111 ASN A N    1 
ATOM   1592 C  CA   . ASN A 1 111 ? 7.086   -11.529 -4.963  1.00 0.64  ? 111 ASN A CA   1 
ATOM   1593 C  C    . ASN A 1 111 ? 5.888   -10.673 -5.383  1.00 0.59  ? 111 ASN A C    1 
ATOM   1594 O  O    . ASN A 1 111 ? 5.996   -9.825  -6.246  1.00 0.97  ? 111 ASN A O    1 
ATOM   1595 C  CB   . ASN A 1 111 ? 7.634   -12.269 -6.185  1.00 0.69  ? 111 ASN A CB   1 
ATOM   1596 C  CG   . ASN A 1 111 ? 8.033   -11.256 -7.260  1.00 0.78  ? 111 ASN A CG   1 
ATOM   1597 O  OD1  . ASN A 1 111 ? 8.340   -10.121 -6.957  1.00 1.34  ? 111 ASN A OD1  1 
ATOM   1598 N  ND2  . ASN A 1 111 ? 8.041   -11.622 -8.513  1.00 1.26  ? 111 ASN A ND2  1 
ATOM   1599 H  H    . ASN A 1 111 ? 5.973   -13.180 -4.135  1.00 0.69  ? 111 ASN A H    1 
ATOM   1600 H  HA   . ASN A 1 111 ? 7.857   -10.890 -4.557  1.00 0.72  ? 111 ASN A HA   1 
ATOM   1601 H  HB2  . ASN A 1 111 ? 8.499   -12.849 -5.897  1.00 0.76  ? 111 ASN A HB2  1 
ATOM   1602 H  HB3  . ASN A 1 111 ? 6.874   -12.927 -6.578  1.00 0.67  ? 111 ASN A HB3  1 
ATOM   1603 H  HD21 . ASN A 1 111 ? 7.793   -12.538 -8.757  1.00 1.89  ? 111 ASN A HD21 1 
ATOM   1604 H  HD22 . ASN A 1 111 ? 8.294   -10.981 -9.208  1.00 1.35  ? 111 ASN A HD22 1 
ATOM   1605 N  N    . SER A 1 112 ? 4.748   -10.882 -4.784  1.00 0.40  ? 112 SER A N    1 
ATOM   1606 C  CA   . SER A 1 112 ? 3.555   -10.071 -5.160  1.00 0.35  ? 112 SER A CA   1 
ATOM   1607 C  C    . SER A 1 112 ? 3.476   -8.833  -4.266  1.00 0.35  ? 112 SER A C    1 
ATOM   1608 O  O    . SER A 1 112 ? 2.820   -8.835  -3.243  1.00 0.43  ? 112 SER A O    1 
ATOM   1609 C  CB   . SER A 1 112 ? 2.286   -10.906 -4.984  1.00 0.40  ? 112 SER A CB   1 
ATOM   1610 O  OG   . SER A 1 112 ? 2.276   -11.954 -5.946  1.00 0.57  ? 112 SER A OG   1 
ATOM   1611 H  H    . SER A 1 112 ? 4.676   -11.569 -4.089  1.00 0.61  ? 112 SER A H    1 
ATOM   1612 H  HA   . SER A 1 112 ? 3.642   -9.763  -6.191  1.00 0.38  ? 112 SER A HA   1 
ATOM   1613 H  HB2  . SER A 1 112 ? 2.266   -11.332 -3.995  1.00 0.43  ? 112 SER A HB2  1 
ATOM   1614 H  HB3  . SER A 1 112 ? 1.419   -10.272 -5.118  1.00 0.47  ? 112 SER A HB3  1 
ATOM   1615 H  HG   . SER A 1 112 ? 1.942   -11.596 -6.771  1.00 0.97  ? 112 SER A HG   1 
ATOM   1616 N  N    . PHE A 1 113 ? 4.134   -7.772  -4.645  1.00 0.32  ? 113 PHE A N    1 
ATOM   1617 C  CA   . PHE A 1 113 ? 4.090   -6.533  -3.819  1.00 0.35  ? 113 PHE A CA   1 
ATOM   1618 C  C    . PHE A 1 113 ? 2.870   -5.709  -4.230  1.00 0.32  ? 113 PHE A C    1 
ATOM   1619 O  O    . PHE A 1 113 ? 2.573   -5.576  -5.396  1.00 0.35  ? 113 PHE A O    1 
ATOM   1620 C  CB   . PHE A 1 113 ? 5.367   -5.726  -4.055  1.00 0.40  ? 113 PHE A CB   1 
ATOM   1621 C  CG   . PHE A 1 113 ? 6.552   -6.544  -3.607  1.00 0.41  ? 113 PHE A CG   1 
ATOM   1622 C  CD1  . PHE A 1 113 ? 6.760   -6.773  -2.245  1.00 1.24  ? 113 PHE A CD1  1 
ATOM   1623 C  CD2  . PHE A 1 113 ? 7.436   -7.078  -4.552  1.00 1.01  ? 113 PHE A CD2  1 
ATOM   1624 C  CE1  . PHE A 1 113 ? 7.856   -7.534  -1.822  1.00 1.39  ? 113 PHE A CE1  1 
ATOM   1625 C  CE2  . PHE A 1 113 ? 8.532   -7.840  -4.130  1.00 0.99  ? 113 PHE A CE2  1 
ATOM   1626 C  CZ   . PHE A 1 113 ? 8.742   -8.067  -2.765  1.00 0.72  ? 113 PHE A CZ   1 
ATOM   1627 H  H    . PHE A 1 113 ? 4.654   -7.787  -5.479  1.00 0.34  ? 113 PHE A H    1 
ATOM   1628 H  HA   . PHE A 1 113 ? 4.016   -6.796  -2.773  1.00 0.36  ? 113 PHE A HA   1 
ATOM   1629 H  HB2  . PHE A 1 113 ? 5.460   -5.495  -5.106  1.00 0.50  ? 113 PHE A HB2  1 
ATOM   1630 H  HB3  . PHE A 1 113 ? 5.327   -4.811  -3.484  1.00 0.45  ? 113 PHE A HB3  1 
ATOM   1631 H  HD1  . PHE A 1 113 ? 6.075   -6.361  -1.518  1.00 1.96  ? 113 PHE A HD1  1 
ATOM   1632 H  HD2  . PHE A 1 113 ? 7.273   -6.900  -5.605  1.00 1.79  ? 113 PHE A HD2  1 
ATOM   1633 H  HE1  . PHE A 1 113 ? 8.017   -7.708  -0.769  1.00 2.19  ? 113 PHE A HE1  1 
ATOM   1634 H  HE2  . PHE A 1 113 ? 9.213   -8.254  -4.857  1.00 1.69  ? 113 PHE A HE2  1 
ATOM   1635 H  HZ   . PHE A 1 113 ? 9.587   -8.656  -2.439  1.00 0.87  ? 113 PHE A HZ   1 
ATOM   1636 N  N    . TYR A 1 114 ? 2.148   -5.169  -3.288  1.00 0.37  ? 114 TYR A N    1 
ATOM   1637 C  CA   . TYR A 1 114 ? 0.941   -4.373  -3.657  1.00 0.38  ? 114 TYR A CA   1 
ATOM   1638 C  C    . TYR A 1 114 ? 1.029   -2.965  -3.066  1.00 0.41  ? 114 TYR A C    1 
ATOM   1639 O  O    . TYR A 1 114 ? 1.469   -2.772  -1.951  1.00 0.78  ? 114 TYR A O    1 
ATOM   1640 C  CB   . TYR A 1 114 ? -0.309  -5.054  -3.095  1.00 0.39  ? 114 TYR A CB   1 
ATOM   1641 C  CG   . TYR A 1 114 ? -0.622  -6.298  -3.887  1.00 0.36  ? 114 TYR A CG   1 
ATOM   1642 C  CD1  . TYR A 1 114 ? -1.346  -6.204  -5.081  1.00 1.14  ? 114 TYR A CD1  1 
ATOM   1643 C  CD2  . TYR A 1 114 ? -0.197  -7.547  -3.423  1.00 1.25  ? 114 TYR A CD2  1 
ATOM   1644 C  CE1  . TYR A 1 114 ? -1.644  -7.358  -5.811  1.00 1.13  ? 114 TYR A CE1  1 
ATOM   1645 C  CE2  . TYR A 1 114 ? -0.495  -8.703  -4.152  1.00 1.26  ? 114 TYR A CE2  1 
ATOM   1646 C  CZ   . TYR A 1 114 ? -1.218  -8.609  -5.348  1.00 0.36  ? 114 TYR A CZ   1 
ATOM   1647 O  OH   . TYR A 1 114 ? -1.512  -9.750  -6.068  1.00 0.39  ? 114 TYR A OH   1 
ATOM   1648 H  H    . TYR A 1 114 ? 2.388   -5.294  -2.347  1.00 0.45  ? 114 TYR A H    1 
ATOM   1649 H  HA   . TYR A 1 114 ? 0.862   -4.311  -4.731  1.00 0.36  ? 114 TYR A HA   1 
ATOM   1650 H  HB2  . TYR A 1 114 ? -0.137  -5.318  -2.065  1.00 0.40  ? 114 TYR A HB2  1 
ATOM   1651 H  HB3  . TYR A 1 114 ? -1.144  -4.371  -3.154  1.00 0.41  ? 114 TYR A HB3  1 
ATOM   1652 H  HD1  . TYR A 1 114 ? -1.677  -5.240  -5.437  1.00 2.01  ? 114 TYR A HD1  1 
ATOM   1653 H  HD2  . TYR A 1 114 ? 0.362   -7.620  -2.501  1.00 2.10  ? 114 TYR A HD2  1 
ATOM   1654 H  HE1  . TYR A 1 114 ? -2.201  -7.283  -6.732  1.00 1.99  ? 114 TYR A HE1  1 
ATOM   1655 H  HE2  . TYR A 1 114 ? -0.166  -9.668  -3.794  1.00 2.13  ? 114 TYR A HE2  1 
ATOM   1656 H  HH   . TYR A 1 114 ? -0.694  -10.082 -6.444  1.00 0.91  ? 114 TYR A HH   1 
ATOM   1657 N  N    . VAL A 1 115 ? 0.583   -1.983  -3.797  1.00 0.26  ? 115 VAL A N    1 
ATOM   1658 C  CA   . VAL A 1 115 ? 0.602   -0.592  -3.267  1.00 0.26  ? 115 VAL A CA   1 
ATOM   1659 C  C    . VAL A 1 115 ? -0.820  -0.035  -3.353  1.00 0.27  ? 115 VAL A C    1 
ATOM   1660 O  O    . VAL A 1 115 ? -1.205  0.549   -4.344  1.00 0.28  ? 115 VAL A O    1 
ATOM   1661 C  CB   . VAL A 1 115 ? 1.553   0.280   -4.090  1.00 0.28  ? 115 VAL A CB   1 
ATOM   1662 C  CG1  . VAL A 1 115 ? 2.177   1.336   -3.179  1.00 0.32  ? 115 VAL A CG1  1 
ATOM   1663 C  CG2  . VAL A 1 115 ? 2.661   -0.588  -4.692  1.00 0.29  ? 115 VAL A CG2  1 
ATOM   1664 H  H    . VAL A 1 115 ? 0.214   -2.164  -4.689  1.00 0.48  ? 115 VAL A H    1 
ATOM   1665 H  HA   . VAL A 1 115 ? 0.922   -0.604  -2.234  1.00 0.27  ? 115 VAL A HA   1 
ATOM   1666 H  HB   . VAL A 1 115 ? 1.001   0.768   -4.880  1.00 0.31  ? 115 VAL A HB   1 
ATOM   1667 H  HG11 . VAL A 1 115 ? 1.596   1.415   -2.271  1.00 1.01  ? 115 VAL A HG11 1 
ATOM   1668 H  HG12 . VAL A 1 115 ? 2.187   2.290   -3.686  1.00 1.03  ? 115 VAL A HG12 1 
ATOM   1669 H  HG13 . VAL A 1 115 ? 3.188   1.047   -2.935  1.00 1.13  ? 115 VAL A HG13 1 
ATOM   1670 H  HG21 . VAL A 1 115 ? 2.461   -0.751  -5.739  1.00 1.04  ? 115 VAL A HG21 1 
ATOM   1671 H  HG22 . VAL A 1 115 ? 2.695   -1.537  -4.178  1.00 1.04  ? 115 VAL A HG22 1 
ATOM   1672 H  HG23 . VAL A 1 115 ? 3.611   -0.084  -4.581  1.00 1.03  ? 115 VAL A HG23 1 
ATOM   1673 N  N    . ALA A 1 116 ? -1.606  -0.242  -2.324  1.00 0.27  ? 116 ALA A N    1 
ATOM   1674 C  CA   . ALA A 1 116 ? -3.025  0.238   -2.333  1.00 0.29  ? 116 ALA A CA   1 
ATOM   1675 C  C    . ALA A 1 116 ? -3.145  1.547   -3.116  1.00 0.33  ? 116 ALA A C    1 
ATOM   1676 O  O    . ALA A 1 116 ? -2.639  2.577   -2.719  1.00 0.38  ? 116 ALA A O    1 
ATOM   1677 C  CB   . ALA A 1 116 ? -3.508  0.447   -0.898  1.00 0.32  ? 116 ALA A CB   1 
ATOM   1678 H  H    . ALA A 1 116 ? -1.265  -0.733  -1.548  1.00 0.28  ? 116 ALA A H    1 
ATOM   1679 H  HA   . ALA A 1 116 ? -3.644  -0.510  -2.805  1.00 0.30  ? 116 ALA A HA   1 
ATOM   1680 H  HB1  . ALA A 1 116 ? -3.661  -0.516  -0.428  1.00 1.09  ? 116 ALA A HB1  1 
ATOM   1681 H  HB2  . ALA A 1 116 ? -4.439  0.991   -0.909  1.00 1.05  ? 116 ALA A HB2  1 
ATOM   1682 H  HB3  . ALA A 1 116 ? -2.769  1.006   -0.344  1.00 1.00  ? 116 ALA A HB3  1 
ATOM   1683 N  N    . LEU A 1 117 ? -3.816  1.498   -4.235  1.00 0.37  ? 117 LEU A N    1 
ATOM   1684 C  CA   . LEU A 1 117 ? -3.985  2.716   -5.077  1.00 0.47  ? 117 LEU A CA   1 
ATOM   1685 C  C    . LEU A 1 117 ? -4.518  3.878   -4.229  1.00 0.47  ? 117 LEU A C    1 
ATOM   1686 O  O    . LEU A 1 117 ? -3.806  4.810   -3.914  1.00 0.59  ? 117 LEU A O    1 
ATOM   1687 C  CB   . LEU A 1 117 ? -5.001  2.413   -6.188  1.00 0.48  ? 117 LEU A CB   1 
ATOM   1688 C  CG   . LEU A 1 117 ? -4.367  1.693   -7.398  1.00 0.69  ? 117 LEU A CG   1 
ATOM   1689 C  CD1  . LEU A 1 117 ? -4.466  2.593   -8.630  1.00 1.47  ? 117 LEU A CD1  1 
ATOM   1690 C  CD2  . LEU A 1 117 ? -2.894  1.354   -7.154  1.00 1.03  ? 117 LEU A CD2  1 
ATOM   1691 H  H    . LEU A 1 117 ? -4.208  0.646   -4.527  1.00 0.37  ? 117 LEU A H    1 
ATOM   1692 H  HA   . LEU A 1 117 ? -3.041  2.993   -5.514  1.00 0.62  ? 117 LEU A HA   1 
ATOM   1693 H  HB2  . LEU A 1 117 ? -5.774  1.780   -5.783  1.00 0.42  ? 117 LEU A HB2  1 
ATOM   1694 H  HB3  . LEU A 1 117 ? -5.441  3.341   -6.521  1.00 0.50  ? 117 LEU A HB3  1 
ATOM   1695 H  HG   . LEU A 1 117 ? -4.916  0.781   -7.585  1.00 1.68  ? 117 LEU A HG   1 
ATOM   1696 H  HD11 . LEU A 1 117 ? -3.861  3.474   -8.482  1.00 1.92  ? 117 LEU A HD11 1 
ATOM   1697 H  HD12 . LEU A 1 117 ? -5.495  2.884   -8.780  1.00 2.07  ? 117 LEU A HD12 1 
ATOM   1698 H  HD13 . LEU A 1 117 ? -4.113  2.054   -9.497  1.00 2.09  ? 117 LEU A HD13 1 
ATOM   1699 H  HD21 . LEU A 1 117 ? -2.803  0.760   -6.256  1.00 1.71  ? 117 LEU A HD21 1 
ATOM   1700 H  HD22 . LEU A 1 117 ? -2.332  2.266   -7.043  1.00 1.67  ? 117 LEU A HD22 1 
ATOM   1701 H  HD23 . LEU A 1 117 ? -2.512  0.794   -7.997  1.00 1.56  ? 117 LEU A HD23 1 
ATOM   1702 N  N    . GLU A 1 118 ? -5.778  3.839   -3.888  1.00 0.54  ? 118 GLU A N    1 
ATOM   1703 C  CA   . GLU A 1 118 ? -6.392  4.941   -3.093  1.00 0.66  ? 118 GLU A CA   1 
ATOM   1704 C  C    . GLU A 1 118 ? -5.596  5.215   -1.811  1.00 0.59  ? 118 GLU A C    1 
ATOM   1705 O  O    . GLU A 1 118 ? -5.776  6.234   -1.174  1.00 0.69  ? 118 GLU A O    1 
ATOM   1706 C  CB   . GLU A 1 118 ? -7.825  4.555   -2.721  1.00 0.83  ? 118 GLU A CB   1 
ATOM   1707 C  CG   . GLU A 1 118 ? -8.803  5.543   -3.362  1.00 1.28  ? 118 GLU A CG   1 
ATOM   1708 C  CD   . GLU A 1 118 ? -10.206 5.312   -2.798  1.00 1.82  ? 118 GLU A CD   1 
ATOM   1709 O  OE1  . GLU A 1 118 ? -10.364 5.421   -1.593  1.00 2.41  ? 118 GLU A OE1  1 
ATOM   1710 O  OE2  . GLU A 1 118 ? -11.098 5.030   -3.581  1.00 2.44  ? 118 GLU A OE2  1 
ATOM   1711 H  H    . GLU A 1 118 ? -6.334  3.089   -4.177  1.00 0.63  ? 118 GLU A H    1 
ATOM   1712 H  HA   . GLU A 1 118 ? -6.415  5.833   -3.694  1.00 0.77  ? 118 GLU A HA   1 
ATOM   1713 H  HB2  . GLU A 1 118 ? -8.033  3.557   -3.078  1.00 1.14  ? 118 GLU A HB2  1 
ATOM   1714 H  HB3  . GLU A 1 118 ? -7.939  4.585   -1.648  1.00 1.30  ? 118 GLU A HB3  1 
ATOM   1715 H  HG2  . GLU A 1 118 ? -8.488  6.553   -3.146  1.00 1.90  ? 118 GLU A HG2  1 
ATOM   1716 H  HG3  . GLU A 1 118 ? -8.818  5.391   -4.431  1.00 1.82  ? 118 GLU A HG3  1 
ATOM   1717 N  N    . ARG A 1 119 ? -4.727  4.327   -1.417  1.00 0.49  ? 119 ARG A N    1 
ATOM   1718 C  CA   . ARG A 1 119 ? -3.948  4.567   -0.168  1.00 0.51  ? 119 ARG A CA   1 
ATOM   1719 C  C    . ARG A 1 119 ? -2.647  5.294   -0.506  1.00 0.41  ? 119 ARG A C    1 
ATOM   1720 O  O    . ARG A 1 119 ? -1.693  5.261   0.245   1.00 0.43  ? 119 ARG A O    1 
ATOM   1721 C  CB   . ARG A 1 119 ? -3.629  3.231   0.506   1.00 0.67  ? 119 ARG A CB   1 
ATOM   1722 C  CG   . ARG A 1 119 ? -3.724  3.393   2.024   1.00 0.99  ? 119 ARG A CG   1 
ATOM   1723 C  CD   . ARG A 1 119 ? -4.768  2.421   2.577   1.00 0.88  ? 119 ARG A CD   1 
ATOM   1724 N  NE   . ARG A 1 119 ? -5.993  3.176   2.966   1.00 1.21  ? 119 ARG A NE   1 
ATOM   1725 C  CZ   . ARG A 1 119 ? -6.076  3.720   4.150   1.00 1.51  ? 119 ARG A CZ   1 
ATOM   1726 N  NH1  . ARG A 1 119 ? -6.008  2.973   5.217   1.00 2.06  ? 119 ARG A NH1  1 
ATOM   1727 N  NH2  . ARG A 1 119 ? -6.227  5.012   4.266   1.00 2.21  ? 119 ARG A NH2  1 
ATOM   1728 H  H    . ARG A 1 119 ? -4.590  3.508   -1.932  1.00 0.46  ? 119 ARG A H    1 
ATOM   1729 H  HA   . ARG A 1 119 ? -4.532  5.177   0.505   1.00 0.54  ? 119 ARG A HA   1 
ATOM   1730 H  HB2  . ARG A 1 119 ? -4.337  2.486   0.178   1.00 1.00  ? 119 ARG A HB2  1 
ATOM   1731 H  HB3  . ARG A 1 119 ? -2.629  2.923   0.241   1.00 0.90  ? 119 ARG A HB3  1 
ATOM   1732 H  HG2  . ARG A 1 119 ? -2.763  3.182   2.470   1.00 1.73  ? 119 ARG A HG2  1 
ATOM   1733 H  HG3  . ARG A 1 119 ? -4.016  4.405   2.261   1.00 1.75  ? 119 ARG A HG3  1 
ATOM   1734 H  HD2  . ARG A 1 119 ? -5.020  1.694   1.819   1.00 1.48  ? 119 ARG A HD2  1 
ATOM   1735 H  HD3  . ARG A 1 119 ? -4.367  1.915   3.442   1.00 1.50  ? 119 ARG A HD3  1 
ATOM   1736 H  HE   . ARG A 1 119 ? -6.736  3.265   2.332   1.00 1.88  ? 119 ARG A HE   1 
ATOM   1737 H  HH11 . ARG A 1 119 ? -5.891  1.983   5.129   1.00 2.43  ? 119 ARG A HH11 1 
ATOM   1738 H  HH12 . ARG A 1 119 ? -6.072  3.390   6.124   1.00 2.57  ? 119 ARG A HH12 1 
ATOM   1739 H  HH21 . ARG A 1 119 ? -6.280  5.584   3.448   1.00 2.64  ? 119 ARG A HH21 1 
ATOM   1740 H  HH22 . ARG A 1 119 ? -6.291  5.428   5.173   1.00 2.72  ? 119 ARG A HH22 1 
ATOM   1741 N  N    . VAL A 1 120 ? -2.601  5.953   -1.629  1.00 0.37  ? 120 VAL A N    1 
ATOM   1742 C  CA   . VAL A 1 120 ? -1.360  6.685   -2.011  1.00 0.33  ? 120 VAL A CA   1 
ATOM   1743 C  C    . VAL A 1 120 ? -1.710  7.847   -2.943  1.00 0.34  ? 120 VAL A C    1 
ATOM   1744 O  O    . VAL A 1 120 ? -2.810  7.944   -3.448  1.00 0.50  ? 120 VAL A O    1 
ATOM   1745 C  CB   . VAL A 1 120 ? -0.406  5.728   -2.727  1.00 0.37  ? 120 VAL A CB   1 
ATOM   1746 C  CG1  . VAL A 1 120 ? 0.052   4.639   -1.755  1.00 0.54  ? 120 VAL A CG1  1 
ATOM   1747 C  CG2  . VAL A 1 120 ? -1.129  5.082   -3.910  1.00 0.49  ? 120 VAL A CG2  1 
ATOM   1748 H  H    . VAL A 1 120 ? -3.383  5.967   -2.219  1.00 0.43  ? 120 VAL A H    1 
ATOM   1749 H  HA   . VAL A 1 120 ? -0.882  7.070   -1.122  1.00 0.37  ? 120 VAL A HA   1 
ATOM   1750 H  HB   . VAL A 1 120 ? 0.454   6.276   -3.084  1.00 0.45  ? 120 VAL A HB   1 
ATOM   1751 H  HG11 . VAL A 1 120 ? -0.804  4.072   -1.420  1.00 1.18  ? 120 VAL A HG11 1 
ATOM   1752 H  HG12 . VAL A 1 120 ? 0.536   5.096   -0.905  1.00 1.25  ? 120 VAL A HG12 1 
ATOM   1753 H  HG13 . VAL A 1 120 ? 0.746   3.980   -2.253  1.00 1.09  ? 120 VAL A HG13 1 
ATOM   1754 H  HG21 . VAL A 1 120 ? -0.435  4.944   -4.726  1.00 1.06  ? 120 VAL A HG21 1 
ATOM   1755 H  HG22 . VAL A 1 120 ? -1.939  5.721   -4.230  1.00 1.19  ? 120 VAL A HG22 1 
ATOM   1756 H  HG23 . VAL A 1 120 ? -1.527  4.123   -3.609  1.00 1.19  ? 120 VAL A HG23 1 
ATOM   1757 N  N    . SER A 1 121 ? -0.775  8.728   -3.175  1.00 0.39  ? 121 SER A N    1 
ATOM   1758 C  CA   . SER A 1 121 ? -1.041  9.885   -4.075  1.00 0.41  ? 121 SER A CA   1 
ATOM   1759 C  C    . SER A 1 121 ? -0.616  9.524   -5.499  1.00 0.40  ? 121 SER A C    1 
ATOM   1760 O  O    . SER A 1 121 ? 0.043   8.530   -5.724  1.00 0.39  ? 121 SER A O    1 
ATOM   1761 C  CB   . SER A 1 121 ? -0.236  11.095  -3.600  1.00 0.46  ? 121 SER A CB   1 
ATOM   1762 O  OG   . SER A 1 121 ? -0.438  12.177  -4.501  1.00 0.94  ? 121 SER A OG   1 
ATOM   1763 H  H    . SER A 1 121 ? 0.106   8.626   -2.759  1.00 0.54  ? 121 SER A H    1 
ATOM   1764 H  HA   . SER A 1 121 ? -2.095  10.121  -4.060  1.00 0.46  ? 121 SER A HA   1 
ATOM   1765 H  HB2  . SER A 1 121 ? -0.564  11.388  -2.618  1.00 0.71  ? 121 SER A HB2  1 
ATOM   1766 H  HB3  . SER A 1 121 ? 0.812   10.835  -3.563  1.00 0.72  ? 121 SER A HB3  1 
ATOM   1767 H  HG   . SER A 1 121 ? -0.090  12.972  -4.091  1.00 1.33  ? 121 SER A HG   1 
ATOM   1768 N  N    . HIS A 1 122 ? -0.983  10.324  -6.463  1.00 0.44  ? 122 HIS A N    1 
ATOM   1769 C  CA   . HIS A 1 122 ? -0.592  10.021  -7.870  1.00 0.47  ? 122 HIS A CA   1 
ATOM   1770 C  C    . HIS A 1 122 ? -0.580  11.314  -8.687  1.00 0.52  ? 122 HIS A C    1 
ATOM   1771 O  O    . HIS A 1 122 ? -1.603  11.936  -8.896  1.00 0.67  ? 122 HIS A O    1 
ATOM   1772 C  CB   . HIS A 1 122 ? -1.594  9.039   -8.481  1.00 0.54  ? 122 HIS A CB   1 
ATOM   1773 C  CG   . HIS A 1 122 ? -1.495  7.718   -7.770  1.00 0.50  ? 122 HIS A CG   1 
ATOM   1774 N  ND1  . HIS A 1 122 ? -2.576  7.147   -7.119  1.00 0.49  ? 122 HIS A ND1  1 
ATOM   1775 C  CD2  . HIS A 1 122 ? -0.446  6.850   -7.590  1.00 0.65  ? 122 HIS A CD2  1 
ATOM   1776 C  CE1  . HIS A 1 122 ? -2.157  5.987   -6.580  1.00 0.57  ? 122 HIS A CE1  1 
ATOM   1777 N  NE2  . HIS A 1 122 ? -0.867  5.760   -6.836  1.00 0.71  ? 122 HIS A NE2  1 
ATOM   1778 H  H    . HIS A 1 122 ? -1.513  11.123  -6.263  1.00 0.48  ? 122 HIS A H    1 
ATOM   1779 H  HA   . HIS A 1 122 ? 0.394   9.580   -7.881  1.00 0.45  ? 122 HIS A HA   1 
ATOM   1780 H  HB2  . HIS A 1 122 ? -2.595  9.432   -8.375  1.00 0.60  ? 122 HIS A HB2  1 
ATOM   1781 H  HB3  . HIS A 1 122 ? -1.370  8.902   -9.529  1.00 0.67  ? 122 HIS A HB3  1 
ATOM   1782 H  HD1  . HIS A 1 122 ? -3.480  7.519   -7.060  1.00 0.56  ? 122 HIS A HD1  1 
ATOM   1783 H  HD2  . HIS A 1 122 ? 0.551   6.987   -7.982  1.00 0.78  ? 122 HIS A HD2  1 
ATOM   1784 H  HE1  . HIS A 1 122 ? -2.790  5.316   -6.021  1.00 0.61  ? 122 HIS A HE1  1 
ATOM   1785 N  N    . GLU A 1 123 ? 0.569   11.725  -9.149  1.00 0.49  ? 123 GLU A N    1 
ATOM   1786 C  CA   . GLU A 1 123 ? 0.645   12.978  -9.951  1.00 0.56  ? 123 GLU A CA   1 
ATOM   1787 C  C    . GLU A 1 123 ? 1.390   12.703  -11.259 1.00 0.81  ? 123 GLU A C    1 
ATOM   1788 O  O    . GLU A 1 123 ? 2.494   12.186  -11.192 1.00 1.55  ? 123 GLU A O    1 
ATOM   1789 C  CB   . GLU A 1 123 ? 1.393   14.049  -9.154  1.00 0.80  ? 123 GLU A CB   1 
ATOM   1790 C  CG   . GLU A 1 123 ? 0.388   14.903  -8.378  1.00 1.55  ? 123 GLU A CG   1 
ATOM   1791 C  CD   . GLU A 1 123 ? 0.951   16.314  -8.193  1.00 2.10  ? 123 GLU A CD   1 
ATOM   1792 O  OE1  . GLU A 1 123 ? 1.995   16.437  -7.572  1.00 2.65  ? 123 GLU A OE1  1 
ATOM   1793 O  OE2  . GLU A 1 123 ? 0.330   17.247  -8.674  1.00 2.63  ? 123 GLU A OE2  1 
ATOM   1794 O  OXT  . GLU A 1 123 ? 0.846   13.014  -12.305 1.00 1.35  ? 123 GLU A OXT  1 
ATOM   1795 H  H    . GLU A 1 123 ? 1.382   11.208  -8.968  1.00 0.49  ? 123 GLU A H    1 
ATOM   1796 H  HA   . GLU A 1 123 ? -0.353  13.326  -10.172 1.00 0.74  ? 123 GLU A HA   1 
ATOM   1797 H  HB2  . GLU A 1 123 ? 2.073   13.574  -8.462  1.00 1.06  ? 123 GLU A HB2  1 
ATOM   1798 H  HB3  . GLU A 1 123 ? 1.950   14.679  -9.831  1.00 1.14  ? 123 GLU A HB3  1 
ATOM   1799 H  HG2  . GLU A 1 123 ? -0.541  14.955  -8.928  1.00 2.06  ? 123 GLU A HG2  1 
ATOM   1800 H  HG3  . GLU A 1 123 ? 0.209   14.459  -7.410  1.00 2.07  ? 123 GLU A HG3  1 
HETATM 1801 ZN ZN   . ZN  B 2 .   ? 5.446   8.026   3.705   1.00 0.40  ? 124 ZN  A ZN   1 
# 
